data_6O0G
#
_entry.id   6O0G
#
_cell.length_a   100.674
_cell.length_b   143.452
_cell.length_c   172.741
_cell.angle_alpha   90.000
_cell.angle_beta   90.000
_cell.angle_gamma   90.000
#
_symmetry.space_group_name_H-M   'P 21 21 21'
#
loop_
_entity.id
_entity.type
_entity.pdbx_description
1 polymer '2-succinyl-5-enolpyruvyl-6-hydroxy-3-cyclohexene-1-carboxylate synthase'
2 non-polymer '1,4-dihydroxy-2-naphthoic acid'
3 non-polymer 'ACETATE ION'
4 non-polymer 'FORMIC ACID'
5 non-polymer '2-OXOGLUTARIC ACID'
6 non-polymer '4-[3-[(4-azanyl-2-methyl-pyrimidin-5-yl)methyl]-4-methyl-5-[2-[oxidanyl(phosphonooxy)phosphoryl]oxyethyl]-1,3-thiazol-3 -ium-2-yl]-4-oxidanyl-butanoic acid'
7 non-polymer 'MAGNESIUM ION'
8 non-polymer 'CHLORIDE ION'
9 non-polymer 'TRIETHYLENE GLYCOL'
10 non-polymer GLYCEROL
11 water water
#
_entity_poly.entity_id   1
_entity_poly.type   'polypeptide(L)'
_entity_poly.pdbx_seq_one_letter_code
;MGSSHHHHHHSSGLVPRGSHMNPSTTQARVVVDELIRGGVRDVVLCPGSRNAPLAFALQDADRSGRIRLHVRIDERTAGY
LAIGLAIGAGAPVCVAMTSGTAVANLGPAVVEANYARVPLIVLSANRPYELLGTGANQTMEQLGYFGTQVRASISLGLAE
DAPERTSALNATWRSATCRVLAAATGARTANAGPVHFDIPLREPLVPDPEPLGAVTPPGRPAGKPWTYTPPVTFDQPLDI
DLSVDTVVISGHGAGVHPNLAALPTVAEPTAPRSGDNPLHPLALPLLRPQQVIMLGRPTLHRPVSVLLADAEVPVFALTT
GPRWPDVSGNSQATGTRAVTTGAPRPAWLDRCAAMNRHAIAAVREQLAAHPLTTGLHVAAAVSHALRPGDQLVLGASNPV
RDVALAGLDTRGIRVRSNRGVAGIDGTVSTAIGAALAYEGAHERTGSPDSPPRTIALIGDLTFVHDSSGLLIGPTEPIPR
SLTIVVSNDNGGGIFELLEQGDPRFSDVSSRIFGTPHDVDVGALCRAYHVESRQIEVDELGPTLDQPGAGMRVLEVKADR
SSLRQLHAAIKAAL
;
_entity_poly.pdbx_strand_id   A,D,B,C
#
# COMPACT_ATOMS: atom_id res chain seq x y z
N MET A 21 -15.78 -12.33 31.55
CA MET A 21 -15.68 -11.16 30.67
C MET A 21 -15.28 -11.59 29.26
N ASN A 22 -16.12 -11.25 28.26
CA ASN A 22 -15.86 -11.72 26.92
C ASN A 22 -14.62 -11.01 26.33
N PRO A 23 -14.02 -11.58 25.29
CA PRO A 23 -12.74 -11.03 24.80
C PRO A 23 -12.81 -9.60 24.30
N SER A 24 -13.84 -9.24 23.53
CA SER A 24 -13.94 -7.87 23.02
C SER A 24 -14.00 -6.86 24.17
N THR A 25 -14.77 -7.17 25.22
CA THR A 25 -14.85 -6.27 26.37
C THR A 25 -13.52 -6.19 27.09
N THR A 26 -12.87 -7.33 27.33
CA THR A 26 -11.58 -7.34 27.99
C THR A 26 -10.54 -6.55 27.22
N GLN A 27 -10.37 -6.86 25.94
CA GLN A 27 -9.36 -6.16 25.14
C GLN A 27 -9.62 -4.66 25.12
N ALA A 28 -10.89 -4.25 25.01
CA ALA A 28 -11.18 -2.83 24.91
C ALA A 28 -10.86 -2.10 26.21
N ARG A 29 -11.04 -2.74 27.35
CA ARG A 29 -10.79 -2.07 28.62
C ARG A 29 -9.30 -1.99 28.92
N VAL A 30 -8.53 -3.02 28.58
CA VAL A 30 -7.07 -2.94 28.69
C VAL A 30 -6.52 -1.80 27.82
N VAL A 31 -7.03 -1.69 26.59
CA VAL A 31 -6.52 -0.67 25.67
C VAL A 31 -6.82 0.73 26.19
N VAL A 32 -8.07 0.95 26.63
CA VAL A 32 -8.47 2.26 27.13
C VAL A 32 -7.69 2.61 28.40
N ASP A 33 -7.47 1.62 29.27
CA ASP A 33 -6.70 1.87 30.49
C ASP A 33 -5.25 2.23 30.17
N GLU A 34 -4.64 1.51 29.24
CA GLU A 34 -3.26 1.83 28.88
C GLU A 34 -3.18 3.21 28.22
N LEU A 35 -4.18 3.58 27.41
CA LEU A 35 -4.18 4.90 26.79
C LEU A 35 -4.27 6.01 27.84
N ILE A 36 -5.06 5.78 28.89
CA ILE A 36 -5.15 6.79 29.96
C ILE A 36 -3.84 6.86 30.71
N ARG A 37 -3.23 5.71 31.01
CA ARG A 37 -1.91 5.68 31.62
C ARG A 37 -0.87 6.38 30.76
N GLY A 38 -1.12 6.51 29.46
CA GLY A 38 -0.21 7.15 28.54
C GLY A 38 -0.43 8.63 28.38
N GLY A 39 -1.34 9.22 29.16
CA GLY A 39 -1.56 10.64 29.14
C GLY A 39 -2.71 11.14 28.30
N VAL A 40 -3.56 10.26 27.80
CA VAL A 40 -4.75 10.69 27.07
C VAL A 40 -5.81 11.14 28.06
N ARG A 41 -6.18 12.43 28.00
CA ARG A 41 -7.18 12.99 28.89
C ARG A 41 -8.49 13.31 28.19
N ASP A 42 -8.51 13.39 26.86
CA ASP A 42 -9.72 13.63 26.10
C ASP A 42 -9.83 12.60 24.99
N VAL A 43 -11.04 12.10 24.73
CA VAL A 43 -11.29 11.18 23.63
C VAL A 43 -12.55 11.59 22.90
N VAL A 44 -12.47 11.69 21.58
CA VAL A 44 -13.63 11.94 20.73
C VAL A 44 -14.19 10.59 20.28
N LEU A 45 -15.50 10.42 20.41
CA LEU A 45 -16.17 9.16 20.08
C LEU A 45 -17.24 9.41 19.04
N CYS A 46 -17.33 8.51 18.06
CA CYS A 46 -18.38 8.55 17.06
C CYS A 46 -19.14 7.24 17.08
N PRO A 47 -20.44 7.26 16.79
CA PRO A 47 -21.26 6.07 17.05
C PRO A 47 -21.17 5.02 15.96
N GLY A 48 -21.42 3.78 16.36
CA GLY A 48 -21.39 2.62 15.49
C GLY A 48 -21.57 1.36 16.32
N SER A 49 -21.93 0.25 15.70
CA SER A 49 -22.09 -0.99 16.45
C SER A 49 -20.75 -1.70 16.65
N ARG A 50 -19.89 -1.72 15.62
CA ARG A 50 -18.64 -2.47 15.70
C ARG A 50 -17.70 -1.92 16.77
N ASN A 51 -17.76 -0.62 17.06
CA ASN A 51 -16.92 -0.02 18.08
C ASN A 51 -17.63 0.05 19.43
N ALA A 52 -18.67 -0.74 19.64
CA ALA A 52 -19.30 -0.81 20.96
C ALA A 52 -18.32 -1.18 22.08
N PRO A 53 -17.37 -2.12 21.90
CA PRO A 53 -16.44 -2.38 23.02
C PRO A 53 -15.62 -1.17 23.39
N LEU A 54 -15.24 -0.35 22.41
CA LEU A 54 -14.49 0.85 22.73
C LEU A 54 -15.37 1.89 23.41
N ALA A 55 -16.60 2.07 22.91
CA ALA A 55 -17.49 3.08 23.47
C ALA A 55 -17.85 2.77 24.92
N PHE A 56 -18.17 1.51 25.22
CA PHE A 56 -18.49 1.14 26.60
C PHE A 56 -17.32 1.43 27.53
N ALA A 57 -16.13 0.98 27.17
CA ALA A 57 -14.94 1.22 27.99
C ALA A 57 -14.67 2.71 28.15
N LEU A 58 -14.76 3.47 27.06
CA LEU A 58 -14.54 4.90 27.15
C LEU A 58 -15.63 5.58 27.98
N GLN A 59 -16.86 5.10 27.86
CA GLN A 59 -17.96 5.62 28.66
C GLN A 59 -17.64 5.56 30.15
N ASP A 60 -17.33 4.37 30.67
CA ASP A 60 -17.16 4.29 32.11
C ASP A 60 -15.83 4.84 32.59
N ALA A 61 -14.85 5.02 31.70
CA ALA A 61 -13.68 5.81 32.07
C ALA A 61 -14.03 7.28 32.23
N ASP A 62 -14.95 7.77 31.39
CA ASP A 62 -15.45 9.13 31.52
C ASP A 62 -16.28 9.28 32.79
N ARG A 63 -17.09 8.27 33.10
CA ARG A 63 -17.93 8.33 34.30
C ARG A 63 -17.11 8.39 35.58
N SER A 64 -15.93 7.76 35.61
CA SER A 64 -15.09 7.78 36.80
C SER A 64 -14.05 8.88 36.76
N GLY A 65 -14.23 9.87 35.88
CA GLY A 65 -13.36 11.02 35.84
C GLY A 65 -11.99 10.79 35.24
N ARG A 66 -11.75 9.63 34.64
CA ARG A 66 -10.42 9.31 34.15
C ARG A 66 -10.09 10.12 32.90
N ILE A 67 -11.11 10.39 32.08
CA ILE A 67 -10.97 11.16 30.84
C ILE A 67 -12.23 11.99 30.67
N ARG A 68 -12.18 12.88 29.69
CA ARG A 68 -13.35 13.62 29.24
C ARG A 68 -13.73 13.07 27.87
N LEU A 69 -14.97 12.58 27.76
CA LEU A 69 -15.45 12.00 26.52
C LEU A 69 -16.20 13.05 25.73
N HIS A 70 -16.03 13.02 24.40
CA HIS A 70 -16.69 13.96 23.50
C HIS A 70 -17.33 13.18 22.36
N VAL A 71 -18.65 13.09 22.36
CA VAL A 71 -19.37 12.35 21.32
C VAL A 71 -19.75 13.32 20.21
N ARG A 72 -19.49 12.93 18.96
CA ARG A 72 -19.88 13.69 17.78
C ARG A 72 -20.52 12.76 16.76
N ILE A 73 -21.28 13.37 15.84
CA ILE A 73 -21.97 12.63 14.79
C ILE A 73 -21.09 12.45 13.56
N ASP A 74 -20.37 13.50 13.16
CA ASP A 74 -19.67 13.56 11.87
C ASP A 74 -18.19 13.27 12.09
N GLU A 75 -17.75 12.10 11.60
CA GLU A 75 -16.36 11.68 11.80
C GLU A 75 -15.36 12.71 11.30
N ARG A 76 -15.62 13.35 10.16
CA ARG A 76 -14.59 14.22 9.61
C ARG A 76 -14.32 15.41 10.51
N THR A 77 -15.36 16.19 10.84
CA THR A 77 -15.17 17.32 11.74
C THR A 77 -14.76 16.85 13.14
N ALA A 78 -15.17 15.64 13.54
CA ALA A 78 -14.73 15.06 14.81
C ALA A 78 -13.22 14.91 14.88
N GLY A 79 -12.57 14.59 13.76
CA GLY A 79 -11.12 14.51 13.77
C GLY A 79 -10.49 15.86 14.08
N TYR A 80 -11.07 16.94 13.55
CA TYR A 80 -10.59 18.29 13.81
C TYR A 80 -10.96 18.76 15.21
N LEU A 81 -12.01 18.19 15.82
CA LEU A 81 -12.21 18.41 17.25
C LEU A 81 -11.10 17.76 18.07
N ALA A 82 -10.71 16.52 17.71
CA ALA A 82 -9.58 15.87 18.37
C ALA A 82 -8.28 16.67 18.19
N ILE A 83 -8.04 17.17 16.98
CA ILE A 83 -6.88 18.04 16.77
C ILE A 83 -6.93 19.22 17.72
N GLY A 84 -8.07 19.92 17.77
CA GLY A 84 -8.21 21.02 18.71
C GLY A 84 -7.93 20.61 20.14
N LEU A 85 -8.48 19.48 20.57
CA LEU A 85 -8.19 19.01 21.92
C LEU A 85 -6.71 18.70 22.12
N ALA A 86 -5.99 18.40 21.04
CA ALA A 86 -4.58 18.06 21.18
C ALA A 86 -3.70 19.30 21.23
N ILE A 87 -3.94 20.25 20.31
CA ILE A 87 -3.10 21.43 20.28
C ILE A 87 -3.40 22.39 21.43
N GLY A 88 -4.61 22.30 22.00
CA GLY A 88 -5.00 23.21 23.07
C GLY A 88 -4.30 22.95 24.39
N ALA A 89 -3.81 21.72 24.60
CA ALA A 89 -3.16 21.34 25.84
C ALA A 89 -1.90 20.51 25.63
N GLY A 90 -1.55 20.18 24.39
CA GLY A 90 -0.32 19.46 24.13
C GLY A 90 -0.36 17.98 24.42
N ALA A 91 -1.55 17.40 24.59
CA ALA A 91 -1.64 16.00 24.98
C ALA A 91 -2.15 15.14 23.83
N PRO A 92 -1.74 13.87 23.78
CA PRO A 92 -2.29 12.96 22.77
C PRO A 92 -3.79 12.76 22.94
N VAL A 93 -4.51 12.79 21.82
CA VAL A 93 -5.96 12.70 21.78
C VAL A 93 -6.37 11.57 20.83
N CYS A 94 -7.29 10.72 21.26
CA CYS A 94 -7.85 9.65 20.44
C CYS A 94 -9.21 10.05 19.89
N VAL A 95 -9.47 9.66 18.64
CA VAL A 95 -10.81 9.70 18.07
C VAL A 95 -11.18 8.27 17.70
N ALA A 96 -12.30 7.78 18.22
CA ALA A 96 -12.71 6.41 17.98
C ALA A 96 -13.96 6.38 17.12
N MET A 97 -14.00 5.45 16.16
CA MET A 97 -15.13 5.35 15.24
C MET A 97 -15.32 3.89 14.82
N THR A 98 -16.39 3.63 14.08
CA THR A 98 -16.69 2.29 13.60
C THR A 98 -15.95 2.00 12.30
N SER A 99 -16.21 0.81 11.73
CA SER A 99 -15.54 0.40 10.51
C SER A 99 -16.20 1.03 9.28
N GLY A 100 -15.43 1.07 8.17
CA GLY A 100 -15.94 1.58 6.92
C GLY A 100 -15.66 3.05 6.68
N THR A 101 -16.57 3.75 5.98
CA THR A 101 -16.28 5.13 5.59
C THR A 101 -16.06 6.03 6.80
N ALA A 102 -16.63 5.67 7.97
CA ALA A 102 -16.31 6.38 9.20
C ALA A 102 -14.80 6.53 9.42
N VAL A 103 -14.01 5.50 9.06
CA VAL A 103 -12.56 5.60 9.15
C VAL A 103 -12.00 6.48 8.03
N ALA A 104 -12.53 6.33 6.81
CA ALA A 104 -12.07 7.14 5.69
C ALA A 104 -12.30 8.63 5.96
N ASN A 105 -13.38 8.97 6.65
CA ASN A 105 -13.66 10.37 6.93
C ASN A 105 -12.58 11.03 7.78
N LEU A 106 -11.70 10.26 8.43
CA LEU A 106 -10.60 10.83 9.20
C LEU A 106 -9.44 11.29 8.32
N GLY A 107 -9.48 10.99 7.03
CA GLY A 107 -8.40 11.35 6.13
C GLY A 107 -7.99 12.81 6.23
N PRO A 108 -8.96 13.73 6.10
CA PRO A 108 -8.60 15.16 6.15
C PRO A 108 -7.88 15.55 7.43
N ALA A 109 -8.42 15.18 8.60
CA ALA A 109 -7.75 15.52 9.84
C ALA A 109 -6.40 14.81 9.99
N VAL A 110 -6.25 13.62 9.40
CA VAL A 110 -4.96 12.93 9.45
C VAL A 110 -3.92 13.68 8.63
N VAL A 111 -4.29 14.13 7.43
CA VAL A 111 -3.36 14.89 6.60
C VAL A 111 -2.89 16.14 7.35
N GLU A 112 -3.82 16.88 7.94
CA GLU A 112 -3.47 18.06 8.71
C GLU A 112 -2.60 17.70 9.91
N ALA A 113 -2.96 16.64 10.62
CA ALA A 113 -2.19 16.24 11.79
C ALA A 113 -0.78 15.82 11.40
N ASN A 114 -0.62 15.26 10.21
CA ASN A 114 0.70 14.81 9.78
C ASN A 114 1.62 16.01 9.58
N TYR A 115 1.15 17.02 8.83
CA TYR A 115 1.96 18.20 8.57
C TYR A 115 2.07 19.10 9.78
N ALA A 116 1.04 19.19 10.62
CA ALA A 116 1.13 20.05 11.80
C ALA A 116 1.72 19.34 13.00
N ARG A 117 2.07 18.04 12.87
CA ARG A 117 2.72 17.27 13.93
C ARG A 117 1.86 17.15 15.18
N VAL A 118 0.63 16.66 15.01
CA VAL A 118 -0.36 16.61 16.09
C VAL A 118 -0.51 15.16 16.55
N PRO A 119 -0.39 14.88 17.86
CA PRO A 119 -0.54 13.50 18.34
C PRO A 119 -1.98 13.00 18.27
N LEU A 120 -2.43 12.64 17.09
CA LEU A 120 -3.82 12.26 16.85
C LEU A 120 -3.90 10.74 16.66
N ILE A 121 -4.63 10.06 17.54
CA ILE A 121 -4.75 8.61 17.46
C ILE A 121 -6.11 8.29 16.87
N VAL A 122 -6.08 7.71 15.68
CA VAL A 122 -7.27 7.21 14.98
C VAL A 122 -7.50 5.79 15.49
N LEU A 123 -8.40 5.65 16.47
CA LEU A 123 -8.68 4.38 17.12
C LEU A 123 -9.91 3.77 16.48
N SER A 124 -9.70 3.09 15.36
CA SER A 124 -10.80 2.57 14.56
C SER A 124 -11.13 1.14 14.94
N ALA A 125 -12.42 0.85 15.04
CA ALA A 125 -12.85 -0.53 15.14
C ALA A 125 -12.93 -1.15 13.75
N ASN A 126 -12.82 -2.47 13.72
CA ASN A 126 -12.89 -3.21 12.48
C ASN A 126 -13.57 -4.54 12.75
N ARG A 127 -14.12 -5.12 11.68
CA ARG A 127 -14.47 -6.52 11.71
C ARG A 127 -13.18 -7.34 11.62
N PRO A 128 -13.22 -8.61 12.01
CA PRO A 128 -12.04 -9.47 11.83
C PRO A 128 -11.54 -9.42 10.40
N TYR A 129 -10.22 -9.32 10.26
CA TYR A 129 -9.60 -9.33 8.94
C TYR A 129 -10.03 -10.53 8.10
N GLU A 130 -10.40 -11.64 8.74
CA GLU A 130 -10.80 -12.84 8.02
C GLU A 130 -12.05 -12.63 7.17
N LEU A 131 -12.84 -11.57 7.44
CA LEU A 131 -14.03 -11.27 6.65
C LEU A 131 -13.79 -10.30 5.49
N LEU A 132 -12.64 -9.64 5.44
CA LEU A 132 -12.31 -8.79 4.31
C LEU A 132 -12.17 -9.65 3.06
N GLY A 133 -12.94 -9.32 2.01
CA GLY A 133 -13.06 -10.16 0.84
C GLY A 133 -14.31 -11.02 0.81
N THR A 134 -14.96 -11.25 1.96
CA THR A 134 -16.17 -12.06 2.00
C THR A 134 -17.41 -11.30 1.55
N GLY A 135 -17.31 -9.98 1.37
CA GLY A 135 -18.47 -9.17 1.08
C GLY A 135 -19.21 -8.72 2.30
N ALA A 136 -18.67 -8.97 3.49
CA ALA A 136 -19.33 -8.59 4.73
C ALA A 136 -19.71 -7.12 4.70
N ASN A 137 -20.85 -6.81 5.29
CA ASN A 137 -21.35 -5.45 5.29
C ASN A 137 -20.37 -4.51 6.02
N GLN A 138 -20.17 -3.31 5.45
CA GLN A 138 -19.40 -2.24 6.10
C GLN A 138 -17.97 -2.68 6.43
N THR A 139 -17.33 -3.34 5.46
CA THR A 139 -15.98 -3.84 5.61
C THR A 139 -15.14 -3.37 4.42
N MET A 140 -13.91 -2.95 4.70
CA MET A 140 -13.07 -2.39 3.64
C MET A 140 -11.61 -2.61 3.97
N GLU A 141 -10.75 -2.25 3.02
CA GLU A 141 -9.30 -2.30 3.20
C GLU A 141 -8.90 -1.19 4.17
N GLN A 142 -9.06 -1.48 5.45
CA GLN A 142 -8.99 -0.46 6.50
C GLN A 142 -7.56 -0.25 7.00
N LEU A 143 -6.85 -1.32 7.31
CA LEU A 143 -5.47 -1.19 7.75
C LEU A 143 -4.61 -0.77 6.56
N GLY A 144 -3.82 0.29 6.76
CA GLY A 144 -3.05 0.87 5.68
C GLY A 144 -3.79 1.90 4.84
N TYR A 145 -5.04 2.21 5.17
CA TYR A 145 -5.82 3.17 4.38
C TYR A 145 -5.13 4.52 4.31
N PHE A 146 -4.53 4.95 5.41
CA PHE A 146 -3.90 6.27 5.43
C PHE A 146 -2.51 6.25 4.82
N GLY A 147 -1.98 5.08 4.52
CA GLY A 147 -0.68 5.00 3.85
C GLY A 147 0.39 5.74 4.62
N THR A 148 1.08 6.62 3.91
CA THR A 148 2.26 7.31 4.41
C THR A 148 1.95 8.52 5.29
N GLN A 149 0.67 8.88 5.46
CA GLN A 149 0.33 10.04 6.27
C GLN A 149 0.44 9.80 7.77
N VAL A 150 0.40 8.56 8.25
CA VAL A 150 0.50 8.31 9.68
C VAL A 150 1.93 7.94 10.03
N ARG A 151 2.28 8.14 11.30
CA ARG A 151 3.57 7.68 11.79
C ARG A 151 3.62 6.17 11.84
N ALA A 152 2.46 5.52 11.98
CA ALA A 152 2.38 4.07 12.04
C ALA A 152 0.92 3.69 11.90
N SER A 153 0.70 2.51 11.33
CA SER A 153 -0.58 1.83 11.35
C SER A 153 -0.38 0.50 12.05
N ILE A 154 -0.91 0.39 13.26
CA ILE A 154 -0.72 -0.77 14.11
C ILE A 154 -2.06 -1.46 14.28
N SER A 155 -2.08 -2.76 14.04
CA SER A 155 -3.27 -3.56 14.31
C SER A 155 -3.09 -4.31 15.62
N LEU A 156 -4.11 -4.25 16.47
CA LEU A 156 -4.03 -4.93 17.76
C LEU A 156 -4.21 -6.44 17.62
N GLY A 157 -4.88 -6.89 16.57
CA GLY A 157 -5.20 -8.28 16.40
C GLY A 157 -6.48 -8.69 17.12
N LEU A 158 -7.09 -9.77 16.61
CA LEU A 158 -8.35 -10.25 17.15
C LEU A 158 -8.12 -10.88 18.52
N ALA A 159 -8.97 -10.50 19.49
CA ALA A 159 -8.82 -11.01 20.86
C ALA A 159 -9.22 -12.47 20.93
N GLU A 160 -8.27 -13.33 21.27
CA GLU A 160 -8.57 -14.74 21.41
C GLU A 160 -9.34 -15.02 22.69
N ASP A 161 -10.18 -16.05 22.64
CA ASP A 161 -10.88 -16.60 23.80
C ASP A 161 -9.96 -17.62 24.46
N ALA A 162 -9.13 -17.16 25.39
CA ALA A 162 -8.16 -18.04 26.05
C ALA A 162 -7.81 -17.48 27.41
N PRO A 163 -8.59 -17.85 28.45
CA PRO A 163 -8.32 -17.33 29.80
C PRO A 163 -6.92 -17.63 30.31
N GLU A 164 -6.36 -18.80 29.99
CA GLU A 164 -5.04 -19.15 30.48
C GLU A 164 -3.96 -18.22 29.94
N ARG A 165 -4.21 -17.56 28.81
CA ARG A 165 -3.26 -16.63 28.23
C ARG A 165 -3.64 -15.17 28.48
N THR A 166 -4.47 -14.91 29.49
CA THR A 166 -4.93 -13.55 29.72
C THR A 166 -3.77 -12.63 30.12
N SER A 167 -2.82 -13.15 30.91
CA SER A 167 -1.67 -12.35 31.30
C SER A 167 -0.72 -12.11 30.14
N ALA A 168 -0.59 -13.07 29.23
CA ALA A 168 0.22 -12.87 28.04
C ALA A 168 -0.42 -11.84 27.11
N LEU A 169 -1.72 -11.99 26.84
CA LEU A 169 -2.41 -11.04 25.97
C LEU A 169 -2.42 -9.65 26.57
N ASN A 170 -2.51 -9.55 27.89
CA ASN A 170 -2.48 -8.24 28.52
C ASN A 170 -1.16 -7.54 28.26
N ALA A 171 -0.05 -8.29 28.27
CA ALA A 171 1.25 -7.67 28.01
C ALA A 171 1.39 -7.23 26.55
N THR A 172 0.95 -8.05 25.60
CA THR A 172 1.08 -7.66 24.21
C THR A 172 0.18 -6.47 23.87
N TRP A 173 -1.08 -6.52 24.34
CA TRP A 173 -2.00 -5.41 24.07
C TRP A 173 -1.47 -4.10 24.64
N ARG A 174 -0.93 -4.14 25.87
CA ARG A 174 -0.46 -2.90 26.48
C ARG A 174 0.79 -2.39 25.77
N SER A 175 1.70 -3.29 25.40
CA SER A 175 2.91 -2.88 24.69
C SER A 175 2.58 -2.30 23.33
N ALA A 176 1.61 -2.89 22.63
CA ALA A 176 1.20 -2.33 21.34
C ALA A 176 0.61 -0.93 21.54
N THR A 177 -0.10 -0.72 22.65
CA THR A 177 -0.72 0.57 22.90
C THR A 177 0.32 1.66 23.15
N CYS A 178 1.39 1.34 23.89
CA CYS A 178 2.47 2.31 24.10
C CYS A 178 3.24 2.58 22.81
N ARG A 179 3.34 1.59 21.92
CA ARG A 179 3.90 1.84 20.60
C ARG A 179 3.09 2.89 19.86
N VAL A 180 1.76 2.75 19.86
CA VAL A 180 0.88 3.74 19.25
C VAL A 180 1.10 5.10 19.89
N LEU A 181 1.08 5.16 21.22
CA LEU A 181 1.25 6.44 21.90
C LEU A 181 2.59 7.08 21.57
N ALA A 182 3.67 6.28 21.54
CA ALA A 182 4.99 6.85 21.31
C ALA A 182 5.14 7.34 19.87
N ALA A 183 4.61 6.58 18.91
CA ALA A 183 4.62 7.05 17.54
C ALA A 183 3.82 8.34 17.42
N ALA A 184 2.69 8.44 18.13
CA ALA A 184 1.83 9.60 17.99
C ALA A 184 2.44 10.84 18.65
N THR A 185 3.00 10.71 19.85
CA THR A 185 3.62 11.84 20.53
C THR A 185 5.05 12.09 20.08
N GLY A 186 5.61 11.26 19.20
CA GLY A 186 7.02 11.39 18.88
C GLY A 186 7.92 11.27 20.09
N ALA A 187 7.58 10.38 21.03
CA ALA A 187 8.33 10.27 22.27
C ALA A 187 9.81 9.94 22.03
N ARG A 188 10.09 9.15 21.00
CA ARG A 188 11.46 8.82 20.65
C ARG A 188 11.93 9.46 19.35
N THR A 189 11.01 9.94 18.50
CA THR A 189 11.36 10.47 17.19
C THR A 189 11.42 11.99 17.16
N ALA A 190 10.80 12.68 18.13
CA ALA A 190 10.67 14.13 18.17
C ALA A 190 9.78 14.67 17.06
N ASN A 191 8.94 13.78 16.46
CA ASN A 191 8.09 14.12 15.33
C ASN A 191 6.69 13.53 15.57
N ALA A 192 5.91 14.20 16.43
CA ALA A 192 4.54 13.82 16.68
C ALA A 192 3.72 13.83 15.38
N GLY A 193 2.61 13.10 15.41
CA GLY A 193 1.80 12.93 14.23
C GLY A 193 0.71 11.90 14.40
N PRO A 194 -0.13 11.76 13.38
CA PRO A 194 -1.27 10.85 13.48
C PRO A 194 -0.82 9.40 13.39
N VAL A 195 -1.55 8.54 14.10
CA VAL A 195 -1.32 7.11 14.12
C VAL A 195 -2.65 6.40 13.91
N HIS A 196 -2.67 5.39 13.03
CA HIS A 196 -3.84 4.53 12.85
C HIS A 196 -3.71 3.29 13.73
N PHE A 197 -4.62 3.17 14.70
CA PHE A 197 -4.69 2.04 15.63
C PHE A 197 -5.99 1.26 15.36
N ASP A 198 -5.90 0.19 14.60
CA ASP A 198 -7.05 -0.57 14.13
C ASP A 198 -7.29 -1.77 15.04
N ILE A 199 -8.53 -1.95 15.49
CA ILE A 199 -8.89 -2.95 16.49
C ILE A 199 -9.94 -3.88 15.90
N PRO A 200 -9.54 -5.02 15.35
CA PRO A 200 -10.52 -6.00 14.87
C PRO A 200 -11.29 -6.60 16.05
N LEU A 201 -12.62 -6.52 15.97
CA LEU A 201 -13.48 -6.96 17.05
C LEU A 201 -14.60 -7.85 16.52
N ARG A 202 -14.97 -8.87 17.28
CA ARG A 202 -16.04 -9.76 16.84
C ARG A 202 -17.00 -10.02 17.99
N GLU A 203 -18.20 -10.46 17.63
CA GLU A 203 -19.24 -10.67 18.62
C GLU A 203 -18.82 -11.78 19.60
N PRO A 204 -19.21 -11.67 20.87
CA PRO A 204 -20.06 -10.61 21.43
C PRO A 204 -19.32 -9.28 21.59
N LEU A 205 -19.97 -8.21 21.12
CA LEU A 205 -19.38 -6.87 21.19
C LEU A 205 -19.81 -6.10 22.43
N VAL A 206 -20.86 -6.54 23.11
CA VAL A 206 -21.37 -5.84 24.29
C VAL A 206 -21.02 -6.64 25.55
N PRO A 207 -20.92 -5.97 26.70
CA PRO A 207 -20.60 -6.70 27.95
C PRO A 207 -21.60 -7.81 28.21
N ASP A 208 -21.08 -8.99 28.53
CA ASP A 208 -21.91 -10.12 28.89
C ASP A 208 -22.63 -9.83 30.21
N PRO A 209 -23.86 -10.36 30.39
CA PRO A 209 -24.60 -10.17 31.64
C PRO A 209 -23.86 -10.66 32.90
N VAL A 215 -13.21 -8.42 36.48
CA VAL A 215 -12.03 -7.59 36.70
C VAL A 215 -11.19 -7.50 35.42
N THR A 216 -10.60 -6.33 35.19
CA THR A 216 -9.82 -6.16 33.97
C THR A 216 -8.33 -6.34 34.26
N PRO A 217 -7.61 -7.02 33.35
CA PRO A 217 -6.20 -7.34 33.60
C PRO A 217 -5.39 -6.10 33.93
N PRO A 218 -4.71 -6.09 35.08
CA PRO A 218 -4.12 -4.86 35.58
C PRO A 218 -2.87 -4.47 34.83
N GLY A 219 -2.65 -3.16 34.73
CA GLY A 219 -1.43 -2.61 34.20
C GLY A 219 -0.34 -2.57 35.26
N ARG A 220 0.66 -1.73 35.01
CA ARG A 220 1.80 -1.64 35.91
C ARG A 220 1.39 -0.94 37.21
N PRO A 221 2.16 -1.11 38.28
CA PRO A 221 1.82 -0.44 39.54
C PRO A 221 2.03 1.06 39.43
N ALA A 222 1.40 1.78 40.36
CA ALA A 222 1.49 3.23 40.48
C ALA A 222 0.97 3.95 39.23
N GLY A 223 0.06 3.34 38.50
CA GLY A 223 -0.45 3.93 37.27
C GLY A 223 0.58 4.14 36.17
N LYS A 224 1.73 3.48 36.26
CA LYS A 224 2.79 3.66 35.28
C LYS A 224 2.41 3.07 33.92
N PRO A 225 2.88 3.66 32.83
CA PRO A 225 2.64 3.06 31.51
C PRO A 225 3.40 1.74 31.37
N TRP A 226 2.83 0.85 30.56
CA TRP A 226 3.39 -0.50 30.46
C TRP A 226 4.85 -0.49 30.03
N THR A 227 5.17 0.24 28.95
CA THR A 227 6.54 0.50 28.54
C THR A 227 6.79 1.99 28.66
N TYR A 228 7.55 2.38 29.67
CA TYR A 228 7.87 3.78 29.88
C TYR A 228 8.91 4.24 28.88
N THR A 229 8.61 5.29 28.13
CA THR A 229 9.62 5.93 27.30
C THR A 229 9.58 7.43 27.57
N PRO A 230 10.64 8.01 28.11
CA PRO A 230 10.64 9.45 28.41
C PRO A 230 10.75 10.26 27.15
N PRO A 231 10.26 11.51 27.17
CA PRO A 231 10.47 12.41 26.03
C PRO A 231 11.95 12.58 25.73
N VAL A 232 12.33 12.26 24.49
CA VAL A 232 13.73 12.36 24.11
C VAL A 232 14.11 13.82 23.94
N THR A 233 15.40 14.10 24.09
CA THR A 233 15.96 15.40 23.78
C THR A 233 16.76 15.25 22.49
N PHE A 234 16.35 15.98 21.46
CA PHE A 234 16.86 15.85 20.10
C PHE A 234 17.66 17.11 19.82
N ASP A 235 18.98 16.96 19.65
CA ASP A 235 19.88 18.09 19.65
C ASP A 235 20.81 18.06 18.45
N GLN A 236 20.93 19.21 17.79
CA GLN A 236 21.76 19.37 16.60
C GLN A 236 22.25 20.80 16.60
N PRO A 237 23.36 21.08 17.28
CA PRO A 237 23.85 22.45 17.36
C PRO A 237 24.42 22.92 16.03
N LEU A 238 24.30 24.22 15.79
CA LEU A 238 24.64 24.80 14.50
C LEU A 238 25.29 26.16 14.75
N ASP A 239 26.50 26.35 14.22
CA ASP A 239 27.24 27.58 14.42
C ASP A 239 26.69 28.67 13.51
N ILE A 240 26.37 29.83 14.08
CA ILE A 240 25.86 30.95 13.30
C ILE A 240 26.47 32.24 13.85
N ASP A 241 26.96 33.09 12.94
CA ASP A 241 27.57 34.37 13.30
C ASP A 241 26.51 35.45 13.21
N LEU A 242 26.16 36.02 14.37
CA LEU A 242 25.12 37.06 14.43
C LEU A 242 25.62 38.43 14.00
N SER A 243 26.92 38.59 13.76
CA SER A 243 27.44 39.89 13.32
C SER A 243 26.98 40.20 11.89
N VAL A 244 26.95 39.20 11.01
CA VAL A 244 26.34 39.36 9.70
C VAL A 244 24.88 39.77 9.86
N ASP A 245 24.45 40.76 9.05
CA ASP A 245 23.09 41.30 9.13
C ASP A 245 22.06 40.18 9.01
N THR A 246 21.33 39.91 10.09
CA THR A 246 20.51 38.72 10.18
C THR A 246 19.06 39.08 10.42
N VAL A 247 18.17 38.35 9.76
CA VAL A 247 16.73 38.40 10.04
C VAL A 247 16.28 36.98 10.39
N VAL A 248 15.44 36.88 11.42
CA VAL A 248 14.87 35.60 11.85
C VAL A 248 13.45 35.51 11.30
N ILE A 249 13.11 34.35 10.73
CA ILE A 249 11.79 34.10 10.18
C ILE A 249 11.28 32.81 10.81
N SER A 250 10.26 32.92 11.66
CA SER A 250 9.77 31.77 12.42
C SER A 250 8.35 31.46 11.98
N GLY A 251 8.12 30.21 11.57
CA GLY A 251 6.83 29.75 11.13
C GLY A 251 6.23 28.72 12.06
N HIS A 252 5.26 27.98 11.54
CA HIS A 252 4.52 27.03 12.36
C HIS A 252 5.46 25.95 12.90
N GLY A 253 5.33 25.65 14.18
CA GLY A 253 6.18 24.65 14.79
C GLY A 253 7.56 25.13 15.18
N ALA A 254 7.82 26.44 15.11
CA ALA A 254 9.11 26.95 15.54
C ALA A 254 9.30 26.76 17.04
N GLY A 255 10.57 26.65 17.45
CA GLY A 255 10.92 26.60 18.86
C GLY A 255 11.24 27.99 19.39
N VAL A 256 11.63 28.02 20.66
CA VAL A 256 12.04 29.25 21.33
C VAL A 256 13.56 29.28 21.39
N HIS A 257 14.15 30.41 20.97
CA HIS A 257 15.60 30.56 20.88
C HIS A 257 16.02 31.82 21.61
N PRO A 258 16.28 31.71 22.91
CA PRO A 258 16.65 32.90 23.71
C PRO A 258 17.85 33.65 23.15
N ASN A 259 18.83 32.95 22.56
CA ASN A 259 19.99 33.61 21.99
C ASN A 259 19.70 34.27 20.65
N LEU A 260 18.50 34.09 20.10
CA LEU A 260 18.09 34.80 18.89
C LEU A 260 17.06 35.89 19.19
N ALA A 261 16.85 36.21 20.47
CA ALA A 261 15.72 37.05 20.87
C ALA A 261 15.89 38.50 20.42
N ALA A 262 17.13 39.00 20.43
CA ALA A 262 17.38 40.38 20.05
C ALA A 262 17.30 40.60 18.55
N LEU A 263 17.34 39.54 17.75
CA LEU A 263 17.35 39.70 16.31
C LEU A 263 15.97 40.11 15.78
N PRO A 264 15.91 40.83 14.66
CA PRO A 264 14.62 41.14 14.05
C PRO A 264 13.94 39.87 13.59
N THR A 265 12.69 39.70 14.01
CA THR A 265 11.96 38.45 13.80
C THR A 265 10.63 38.70 13.12
N VAL A 266 10.49 38.18 11.90
CA VAL A 266 9.21 38.10 11.22
C VAL A 266 8.60 36.77 11.65
N ALA A 267 7.57 36.83 12.50
CA ALA A 267 6.99 35.66 13.13
C ALA A 267 5.54 35.50 12.68
N GLU A 268 5.20 34.31 12.19
CA GLU A 268 3.82 33.98 11.92
C GLU A 268 3.04 34.01 13.24
N PRO A 269 1.72 34.15 13.17
CA PRO A 269 0.94 34.24 14.42
C PRO A 269 1.06 33.02 15.32
N THR A 270 1.25 31.82 14.75
CA THR A 270 1.39 30.59 15.53
C THR A 270 2.82 30.33 15.99
N ALA A 271 3.76 31.13 15.59
CA ALA A 271 5.14 30.94 15.99
C ALA A 271 5.39 31.63 17.33
N PRO A 272 5.96 30.93 18.32
CA PRO A 272 6.25 31.59 19.60
C PRO A 272 7.32 32.64 19.43
N ARG A 273 7.07 33.84 19.96
CA ARG A 273 8.00 34.97 19.86
CA ARG A 273 8.00 34.95 19.85
C ARG A 273 9.07 34.80 20.91
N SER A 274 10.25 34.30 20.50
CA SER A 274 11.36 34.15 21.43
C SER A 274 11.86 35.48 21.97
N GLY A 275 11.61 36.59 21.26
CA GLY A 275 12.17 37.87 21.65
C GLY A 275 11.21 39.04 21.58
N ASP A 276 11.76 40.25 21.53
CA ASP A 276 10.96 41.47 21.56
C ASP A 276 11.51 42.48 20.55
N ASN A 277 11.89 42.02 19.38
CA ASN A 277 12.34 42.89 18.30
C ASN A 277 11.54 42.54 17.06
N PRO A 278 10.25 42.85 17.05
CA PRO A 278 9.38 42.37 15.98
C PRO A 278 9.71 43.02 14.65
N LEU A 279 9.44 42.29 13.58
CA LEU A 279 9.61 42.78 12.22
C LEU A 279 8.35 42.43 11.45
N HIS A 280 7.68 43.46 10.94
CA HIS A 280 6.45 43.26 10.17
C HIS A 280 6.78 42.56 8.87
N PRO A 281 5.92 41.63 8.41
CA PRO A 281 6.19 40.97 7.12
C PRO A 281 6.24 41.94 5.95
N LEU A 282 5.51 43.06 6.00
CA LEU A 282 5.60 44.04 4.93
C LEU A 282 6.94 44.77 4.91
N ALA A 283 7.63 44.86 6.06
CA ALA A 283 8.92 45.52 6.12
C ALA A 283 10.03 44.72 5.46
N LEU A 284 9.98 43.39 5.56
CA LEU A 284 11.05 42.54 5.05
C LEU A 284 11.43 42.79 3.59
N PRO A 285 10.50 42.95 2.64
CA PRO A 285 10.91 43.23 1.26
C PRO A 285 11.68 44.54 1.10
N LEU A 286 11.52 45.49 2.01
CA LEU A 286 12.23 46.76 1.93
C LEU A 286 13.54 46.75 2.72
N LEU A 287 13.98 45.58 3.17
CA LEU A 287 15.24 45.41 3.90
C LEU A 287 16.13 44.43 3.15
N ARG A 288 17.41 44.44 3.50
CA ARG A 288 18.43 43.68 2.78
C ARG A 288 19.22 42.82 3.76
N PRO A 289 18.64 41.74 4.26
CA PRO A 289 19.38 40.88 5.18
C PRO A 289 20.47 40.11 4.45
N GLN A 290 21.64 40.04 5.09
CA GLN A 290 22.74 39.26 4.52
C GLN A 290 22.63 37.77 4.86
N GLN A 291 21.87 37.39 5.88
CA GLN A 291 21.59 35.97 6.12
C GLN A 291 20.24 35.86 6.81
N VAL A 292 19.69 34.63 6.78
CA VAL A 292 18.37 34.35 7.33
C VAL A 292 18.46 33.12 8.22
N ILE A 293 17.93 33.24 9.44
CA ILE A 293 17.72 32.10 10.33
C ILE A 293 16.25 31.77 10.30
N MET A 294 15.93 30.52 9.94
CA MET A 294 14.57 30.08 9.69
C MET A 294 14.14 29.10 10.79
N LEU A 295 13.12 29.48 11.55
CA LEU A 295 12.63 28.70 12.68
C LEU A 295 11.35 27.97 12.29
N GLY A 296 11.35 26.65 12.43
CA GLY A 296 10.14 25.91 12.13
C GLY A 296 9.84 25.90 10.65
N ARG A 297 8.56 25.92 10.30
CA ARG A 297 8.12 25.76 8.92
C ARG A 297 7.34 26.99 8.47
N PRO A 298 7.94 27.91 7.70
CA PRO A 298 7.24 29.15 7.29
C PRO A 298 6.27 28.88 6.15
N THR A 299 4.98 29.10 6.41
CA THR A 299 3.90 28.63 5.55
C THR A 299 3.03 29.73 4.96
N LEU A 300 3.28 31.01 5.27
CA LEU A 300 2.21 31.99 5.16
C LEU A 300 2.53 33.14 4.21
N HIS A 301 3.56 33.93 4.49
CA HIS A 301 3.76 35.19 3.78
C HIS A 301 4.44 34.95 2.44
N ARG A 302 3.83 35.52 1.39
CA ARG A 302 4.51 35.59 0.10
C ARG A 302 5.84 36.34 0.18
N PRO A 303 5.94 37.51 0.83
CA PRO A 303 7.25 38.15 0.95
C PRO A 303 8.30 37.27 1.61
N VAL A 304 7.93 36.50 2.63
CA VAL A 304 8.85 35.53 3.21
C VAL A 304 9.34 34.56 2.14
N SER A 305 8.40 33.98 1.39
CA SER A 305 8.77 33.01 0.37
C SER A 305 9.68 33.64 -0.70
N VAL A 306 9.38 34.89 -1.10
CA VAL A 306 10.16 35.51 -2.17
C VAL A 306 11.60 35.71 -1.73
N LEU A 307 11.82 36.10 -0.48
CA LEU A 307 13.18 36.22 0.01
C LEU A 307 13.86 34.85 0.12
N LEU A 308 13.12 33.84 0.57
CA LEU A 308 13.68 32.50 0.70
C LEU A 308 13.99 31.90 -0.67
N ALA A 309 13.19 32.23 -1.69
CA ALA A 309 13.44 31.77 -3.05
C ALA A 309 14.57 32.52 -3.73
N ASP A 310 15.03 33.63 -3.14
CA ASP A 310 16.29 34.25 -3.55
C ASP A 310 17.42 33.34 -3.09
N ALA A 311 17.95 32.54 -4.03
CA ALA A 311 18.97 31.56 -3.69
C ALA A 311 20.25 32.19 -3.16
N GLU A 312 20.40 33.50 -3.20
CA GLU A 312 21.71 34.08 -2.92
C GLU A 312 21.91 34.47 -1.46
N VAL A 313 20.89 34.45 -0.62
CA VAL A 313 21.08 34.74 0.79
C VAL A 313 21.10 33.42 1.57
N PRO A 314 22.15 33.14 2.33
CA PRO A 314 22.23 31.87 3.07
C PRO A 314 21.13 31.77 4.13
N VAL A 315 20.48 30.61 4.17
CA VAL A 315 19.41 30.35 5.12
C VAL A 315 19.85 29.23 6.06
N PHE A 316 19.59 29.41 7.35
CA PHE A 316 19.88 28.40 8.36
C PHE A 316 18.56 27.87 8.92
N ALA A 317 18.38 26.55 8.88
CA ALA A 317 17.12 25.93 9.23
C ALA A 317 17.21 25.37 10.64
N LEU A 318 16.47 25.96 11.57
CA LEU A 318 16.39 25.48 12.94
C LEU A 318 14.99 24.94 13.16
N THR A 319 14.90 23.63 13.46
CA THR A 319 13.62 22.97 13.66
C THR A 319 13.63 22.22 14.99
N THR A 320 12.43 21.87 15.46
CA THR A 320 12.30 21.05 16.67
C THR A 320 12.27 19.56 16.36
N GLY A 321 12.16 19.19 15.08
CA GLY A 321 12.13 17.80 14.69
C GLY A 321 13.02 17.52 13.49
N PRO A 322 13.00 16.26 13.01
CA PRO A 322 13.85 15.91 11.87
C PRO A 322 13.46 16.60 10.57
N ARG A 323 12.18 16.94 10.38
CA ARG A 323 11.77 17.63 9.16
C ARG A 323 12.32 19.05 9.15
N TRP A 324 12.64 19.54 7.96
CA TRP A 324 13.06 20.92 7.74
C TRP A 324 12.53 21.38 6.39
N PRO A 325 12.24 22.68 6.26
CA PRO A 325 11.52 23.15 5.07
C PRO A 325 12.43 23.31 3.85
N ASP A 326 11.88 22.93 2.70
CA ASP A 326 12.52 23.10 1.40
C ASP A 326 12.18 24.43 0.75
N VAL A 327 11.68 25.40 1.51
CA VAL A 327 11.18 26.63 0.90
C VAL A 327 12.32 27.45 0.31
N SER A 328 13.49 27.41 0.94
CA SER A 328 14.70 27.98 0.35
C SER A 328 15.55 26.88 -0.25
N GLY A 329 16.03 27.11 -1.47
CA GLY A 329 17.01 26.23 -2.08
C GLY A 329 18.42 26.44 -1.61
N ASN A 330 18.69 27.53 -0.91
CA ASN A 330 20.01 27.84 -0.36
C ASN A 330 20.03 27.66 1.16
N SER A 331 19.42 26.58 1.64
CA SER A 331 19.52 26.24 3.06
C SER A 331 20.89 25.61 3.28
N GLN A 332 21.80 26.38 3.86
CA GLN A 332 23.17 25.92 4.04
C GLN A 332 23.26 24.79 5.06
N ALA A 333 22.38 24.78 6.06
CA ALA A 333 22.51 23.84 7.15
C ALA A 333 21.21 23.76 7.91
N THR A 334 21.04 22.65 8.63
CA THR A 334 19.93 22.44 9.55
C THR A 334 20.45 22.23 10.96
N GLY A 335 19.55 22.34 11.92
CA GLY A 335 19.90 22.15 13.31
C GLY A 335 18.68 22.33 14.17
N THR A 336 18.89 22.19 15.48
CA THR A 336 17.84 22.42 16.45
C THR A 336 18.01 23.73 17.20
N ARG A 337 19.22 24.26 17.22
CA ARG A 337 19.52 25.47 17.98
C ARG A 337 20.80 26.06 17.40
N ALA A 338 21.01 27.33 17.70
CA ALA A 338 22.17 28.06 17.22
C ALA A 338 23.23 28.12 18.31
N VAL A 339 24.49 28.02 17.89
CA VAL A 339 25.64 28.35 18.72
C VAL A 339 26.17 29.66 18.15
N THR A 340 25.83 30.77 18.78
CA THR A 340 26.03 32.08 18.19
C THR A 340 27.38 32.66 18.62
N THR A 341 28.13 33.16 17.65
CA THR A 341 29.21 34.10 17.89
C THR A 341 28.77 35.48 17.40
N GLY A 342 29.59 36.49 17.70
CA GLY A 342 29.34 37.84 17.26
C GLY A 342 28.07 38.43 17.86
N ALA A 343 27.66 39.56 17.28
CA ALA A 343 26.48 40.28 17.75
C ALA A 343 25.96 41.14 16.61
N PRO A 344 24.65 41.36 16.52
CA PRO A 344 24.11 42.16 15.42
C PRO A 344 24.59 43.60 15.47
N ARG A 345 24.94 44.13 14.29
CA ARG A 345 25.25 45.54 14.16
C ARG A 345 24.14 46.38 14.80
N PRO A 346 24.46 47.29 15.71
CA PRO A 346 23.43 48.19 16.23
C PRO A 346 22.74 49.00 15.14
N ALA A 347 23.48 49.39 14.10
CA ALA A 347 22.86 50.08 12.98
C ALA A 347 21.81 49.20 12.30
N TRP A 348 22.12 47.91 12.14
CA TRP A 348 21.18 47.00 11.50
C TRP A 348 19.89 46.88 12.31
N LEU A 349 20.02 46.73 13.63
CA LEU A 349 18.84 46.66 14.49
C LEU A 349 18.02 47.94 14.41
N ASP A 350 18.68 49.10 14.43
CA ASP A 350 17.96 50.37 14.30
C ASP A 350 17.16 50.42 13.00
N ARG A 351 17.80 50.05 11.89
CA ARG A 351 17.15 50.15 10.58
C ARG A 351 15.90 49.30 10.51
N CYS A 352 16.02 48.02 10.90
CA CYS A 352 14.88 47.10 10.87
C CYS A 352 13.77 47.57 11.81
N ALA A 353 14.14 47.95 13.04
CA ALA A 353 13.17 48.48 13.99
C ALA A 353 12.42 49.68 13.42
N ALA A 354 13.13 50.58 12.74
CA ALA A 354 12.48 51.72 12.11
C ALA A 354 11.58 51.28 10.96
N MET A 355 12.01 50.29 10.18
CA MET A 355 11.16 49.83 9.10
C MET A 355 9.93 49.10 9.63
N ASN A 356 10.06 48.40 10.76
CA ASN A 356 8.91 47.75 11.37
C ASN A 356 7.85 48.75 11.79
N ARG A 357 8.27 49.80 12.51
CA ARG A 357 7.33 50.85 12.91
C ARG A 357 6.73 51.53 11.69
N HIS A 358 7.52 51.72 10.64
CA HIS A 358 7.00 52.34 9.42
C HIS A 358 5.92 51.48 8.79
N ALA A 359 6.18 50.18 8.68
CA ALA A 359 5.18 49.27 8.09
C ALA A 359 3.91 49.24 8.93
N ILE A 360 4.03 49.17 10.25
CA ILE A 360 2.83 49.05 11.06
C ILE A 360 2.10 50.37 11.12
N ALA A 361 2.81 51.49 11.00
CA ALA A 361 2.12 52.77 10.91
C ALA A 361 1.34 52.88 9.61
N ALA A 362 1.89 52.38 8.51
CA ALA A 362 1.18 52.43 7.24
C ALA A 362 -0.13 51.66 7.32
N VAL A 363 -0.09 50.48 7.96
CA VAL A 363 -1.29 49.66 8.07
C VAL A 363 -2.37 50.37 8.89
N ARG A 364 -2.00 50.88 10.07
CA ARG A 364 -2.99 51.44 10.96
C ARG A 364 -3.58 52.74 10.42
N GLU A 365 -2.79 53.53 9.70
CA GLU A 365 -3.30 54.81 9.19
C GLU A 365 -4.25 54.56 8.02
N GLN A 366 -3.91 53.62 7.13
CA GLN A 366 -4.83 53.31 6.03
C GLN A 366 -6.11 52.68 6.55
N LEU A 367 -6.01 51.76 7.53
CA LEU A 367 -7.21 51.18 8.13
C LEU A 367 -8.14 52.27 8.66
N ALA A 368 -7.58 53.28 9.34
CA ALA A 368 -8.41 54.35 9.87
C ALA A 368 -8.94 55.27 8.77
N ALA A 369 -8.22 55.40 7.65
CA ALA A 369 -8.71 56.23 6.56
C ALA A 369 -9.67 55.50 5.64
N HIS A 370 -9.76 54.19 5.74
CA HIS A 370 -10.68 53.42 4.89
C HIS A 370 -12.10 53.58 5.40
N PRO A 371 -13.07 53.90 4.53
CA PRO A 371 -14.43 54.20 5.02
C PRO A 371 -15.21 52.97 5.45
N LEU A 372 -14.92 51.80 4.91
CA LEU A 372 -15.72 50.60 5.14
C LEU A 372 -14.98 49.61 6.02
N THR A 373 -15.75 48.89 6.84
CA THR A 373 -15.21 47.83 7.68
C THR A 373 -14.92 46.60 6.82
N THR A 374 -13.64 46.22 6.72
CA THR A 374 -13.23 45.01 6.02
C THR A 374 -12.83 43.94 7.03
N GLY A 375 -12.51 42.75 6.51
CA GLY A 375 -12.00 41.68 7.35
C GLY A 375 -10.74 42.07 8.10
N LEU A 376 -9.92 42.94 7.51
CA LEU A 376 -8.73 43.42 8.20
C LEU A 376 -9.09 44.29 9.40
N HIS A 377 -10.20 45.05 9.30
CA HIS A 377 -10.67 45.84 10.44
C HIS A 377 -11.15 44.92 11.56
N VAL A 378 -11.93 43.89 11.20
CA VAL A 378 -12.35 42.92 12.19
C VAL A 378 -11.13 42.26 12.83
N ALA A 379 -10.16 41.87 12.00
CA ALA A 379 -8.95 41.23 12.53
C ALA A 379 -8.19 42.17 13.44
N ALA A 380 -8.03 43.43 13.03
CA ALA A 380 -7.34 44.39 13.88
C ALA A 380 -8.08 44.56 15.20
N ALA A 381 -9.42 44.55 15.16
CA ALA A 381 -10.22 44.75 16.36
C ALA A 381 -10.06 43.59 17.34
N VAL A 382 -10.09 42.35 16.84
CA VAL A 382 -9.85 41.19 17.69
C VAL A 382 -8.47 41.25 18.32
N SER A 383 -7.45 41.65 17.56
CA SER A 383 -6.09 41.66 18.11
C SER A 383 -5.97 42.63 19.27
N HIS A 384 -6.71 43.75 19.21
CA HIS A 384 -6.70 44.72 20.30
CA HIS A 384 -6.67 44.70 20.31
C HIS A 384 -7.45 44.21 21.52
N ALA A 385 -8.44 43.35 21.32
CA ALA A 385 -9.24 42.87 22.43
C ALA A 385 -8.49 41.86 23.28
N LEU A 386 -7.50 41.17 22.71
CA LEU A 386 -6.86 40.09 23.42
C LEU A 386 -6.00 40.62 24.56
N ARG A 387 -5.79 39.76 25.55
CA ARG A 387 -4.99 40.04 26.73
C ARG A 387 -4.20 38.79 27.08
N PRO A 388 -3.09 38.94 27.80
CA PRO A 388 -2.27 37.76 28.11
C PRO A 388 -3.07 36.71 28.88
N GLY A 389 -2.89 35.46 28.47
CA GLY A 389 -3.70 34.35 28.94
C GLY A 389 -4.75 33.90 27.96
N ASP A 390 -5.15 34.77 27.03
CA ASP A 390 -6.10 34.39 26.00
C ASP A 390 -5.52 33.29 25.11
N GLN A 391 -6.42 32.49 24.53
CA GLN A 391 -6.11 31.58 23.44
C GLN A 391 -6.85 32.06 22.20
N LEU A 392 -6.11 32.26 21.11
CA LEU A 392 -6.66 32.76 19.87
C LEU A 392 -6.58 31.66 18.82
N VAL A 393 -7.69 31.40 18.15
CA VAL A 393 -7.76 30.37 17.11
C VAL A 393 -8.14 31.07 15.81
N LEU A 394 -7.36 30.82 14.76
CA LEU A 394 -7.52 31.52 13.50
C LEU A 394 -7.83 30.51 12.39
N GLY A 395 -8.82 30.85 11.56
CA GLY A 395 -8.99 30.12 10.32
C GLY A 395 -7.78 30.31 9.43
N ALA A 396 -7.41 29.24 8.72
CA ALA A 396 -6.06 29.15 8.17
C ALA A 396 -5.85 29.93 6.86
N SER A 397 -6.87 30.62 6.35
CA SER A 397 -6.61 31.43 5.15
C SER A 397 -6.45 32.90 5.50
N ASN A 398 -7.45 33.72 5.17
CA ASN A 398 -7.34 35.16 5.40
C ASN A 398 -7.18 35.56 6.86
N PRO A 399 -7.86 34.94 7.84
CA PRO A 399 -7.74 35.44 9.21
C PRO A 399 -6.33 35.43 9.75
N VAL A 400 -5.57 34.38 9.43
CA VAL A 400 -4.21 34.33 9.93
C VAL A 400 -3.34 35.35 9.19
N ARG A 401 -3.65 35.60 7.92
CA ARG A 401 -2.97 36.67 7.19
C ARG A 401 -3.37 38.04 7.72
N ASP A 402 -4.67 38.25 7.96
CA ASP A 402 -5.14 39.57 8.36
C ASP A 402 -4.63 39.94 9.75
N VAL A 403 -4.74 39.00 10.68
CA VAL A 403 -4.20 39.22 12.02
C VAL A 403 -2.71 39.54 11.95
N ALA A 404 -1.98 38.87 11.06
CA ALA A 404 -0.55 39.14 10.92
C ALA A 404 -0.31 40.52 10.35
N LEU A 405 -1.17 40.96 9.42
CA LEU A 405 -1.05 42.31 8.85
C LEU A 405 -1.26 43.38 9.92
N ALA A 406 -2.27 43.19 10.78
CA ALA A 406 -2.60 44.16 11.82
C ALA A 406 -1.52 44.23 12.88
N GLY A 407 -0.51 43.38 12.77
CA GLY A 407 0.64 43.45 13.65
C GLY A 407 0.39 42.89 15.04
N LEU A 408 -0.39 41.80 15.14
CA LEU A 408 -0.71 41.24 16.45
C LEU A 408 0.56 40.93 17.22
N ASP A 409 0.60 41.38 18.47
CA ASP A 409 1.66 41.07 19.41
C ASP A 409 1.26 39.83 20.19
N THR A 410 1.87 38.68 19.89
CA THR A 410 1.42 37.40 20.42
C THR A 410 2.08 37.01 21.74
N ARG A 411 2.88 37.88 22.34
CA ARG A 411 3.55 37.49 23.58
C ARG A 411 2.54 37.28 24.70
N GLY A 412 2.55 36.09 25.30
CA GLY A 412 1.65 35.81 26.38
C GLY A 412 0.31 35.23 25.99
N ILE A 413 0.08 34.98 24.72
CA ILE A 413 -1.17 34.39 24.25
C ILE A 413 -0.87 33.20 23.36
N ARG A 414 -1.68 32.16 23.49
CA ARG A 414 -1.52 30.94 22.73
C ARG A 414 -2.35 31.03 21.45
N VAL A 415 -1.66 31.11 20.31
CA VAL A 415 -2.29 31.22 19.00
C VAL A 415 -2.29 29.85 18.34
N ARG A 416 -3.46 29.41 17.87
CA ARG A 416 -3.65 28.10 17.26
C ARG A 416 -4.19 28.25 15.86
N SER A 417 -3.72 27.41 14.94
CA SER A 417 -4.19 27.42 13.56
C SER A 417 -3.77 26.14 12.84
N ASN A 418 -4.71 25.57 12.08
CA ASN A 418 -4.44 24.36 11.30
C ASN A 418 -3.60 24.70 10.06
N ARG A 419 -2.32 25.00 10.31
CA ARG A 419 -1.41 25.39 9.23
C ARG A 419 -0.69 24.20 8.60
N GLY A 420 -0.99 22.97 9.01
CA GLY A 420 -0.39 21.82 8.36
C GLY A 420 -0.68 21.78 6.87
N VAL A 421 -1.97 21.83 6.52
CA VAL A 421 -2.37 21.95 5.12
C VAL A 421 -3.22 23.18 4.86
N ALA A 422 -3.53 23.96 5.89
CA ALA A 422 -4.33 25.18 5.76
C ALA A 422 -5.63 24.90 5.03
N GLY A 423 -6.20 23.73 5.27
CA GLY A 423 -7.50 23.41 4.71
C GLY A 423 -8.61 24.18 5.39
N ILE A 424 -9.78 24.12 4.78
CA ILE A 424 -10.96 24.80 5.31
C ILE A 424 -11.79 23.90 6.20
N ASP A 425 -11.66 22.57 6.07
CA ASP A 425 -12.44 21.63 6.85
C ASP A 425 -12.17 21.76 8.34
N GLY A 426 -13.22 21.61 9.15
CA GLY A 426 -13.09 21.41 10.57
C GLY A 426 -12.61 22.60 11.40
N THR A 427 -12.66 23.81 10.88
CA THR A 427 -12.12 24.94 11.61
C THR A 427 -12.91 25.22 12.90
N VAL A 428 -14.24 25.21 12.81
CA VAL A 428 -15.07 25.40 14.00
C VAL A 428 -14.77 24.33 15.04
N SER A 429 -14.71 23.07 14.61
CA SER A 429 -14.43 21.98 15.54
C SER A 429 -13.06 22.12 16.18
N THR A 430 -12.08 22.61 15.44
CA THR A 430 -10.75 22.82 16.01
C THR A 430 -10.78 23.86 17.11
N ALA A 431 -11.56 24.92 16.92
CA ALA A 431 -11.64 25.97 17.93
C ALA A 431 -12.37 25.48 19.18
N ILE A 432 -13.46 24.73 18.98
CA ILE A 432 -14.18 24.14 20.12
C ILE A 432 -13.26 23.21 20.91
N GLY A 433 -12.44 22.41 20.20
CA GLY A 433 -11.54 21.49 20.89
C GLY A 433 -10.40 22.19 21.59
N ALA A 434 -9.82 23.23 20.96
CA ALA A 434 -8.77 23.98 21.63
C ALA A 434 -9.28 24.65 22.91
N ALA A 435 -10.48 25.24 22.86
CA ALA A 435 -11.07 25.84 24.06
C ALA A 435 -11.22 24.80 25.17
N LEU A 436 -11.77 23.63 24.83
CA LEU A 436 -12.05 22.62 25.85
C LEU A 436 -10.78 22.14 26.53
N ALA A 437 -9.75 21.83 25.74
CA ALA A 437 -8.52 21.31 26.33
C ALA A 437 -7.80 22.38 27.13
N TYR A 438 -7.78 23.62 26.60
CA TYR A 438 -7.20 24.74 27.31
C TYR A 438 -7.89 25.00 28.63
N GLU A 439 -9.23 25.04 28.61
CA GLU A 439 -9.99 25.25 29.85
C GLU A 439 -9.74 24.13 30.83
N GLY A 440 -9.76 22.89 30.34
CA GLY A 440 -9.53 21.75 31.21
C GLY A 440 -8.13 21.70 31.80
N ALA A 441 -7.15 22.21 31.05
CA ALA A 441 -5.81 22.36 31.61
C ALA A 441 -5.83 23.35 32.77
N HIS A 442 -6.67 24.38 32.68
CA HIS A 442 -6.76 25.39 33.71
C HIS A 442 -7.47 24.88 34.95
N GLU A 443 -8.42 23.95 34.81
CA GLU A 443 -9.03 23.33 35.98
C GLU A 443 -8.30 22.05 36.39
N ARG A 444 -6.99 22.03 36.20
CA ARG A 444 -6.09 21.08 36.85
C ARG A 444 -4.95 21.83 37.51
N THR A 445 -5.31 22.89 38.22
CA THR A 445 -4.34 23.75 38.90
C THR A 445 -4.84 24.13 40.29
N PRO A 448 -9.17 27.55 40.00
CA PRO A 448 -9.25 28.67 40.95
C PRO A 448 -9.95 29.88 40.34
N ASP A 449 -9.23 30.59 39.46
CA ASP A 449 -9.77 31.78 38.81
C ASP A 449 -10.66 31.38 37.62
N SER A 450 -11.29 32.38 37.00
CA SER A 450 -12.20 32.11 35.90
C SER A 450 -11.46 31.50 34.72
N PRO A 451 -12.09 30.60 33.96
CA PRO A 451 -11.36 29.90 32.90
C PRO A 451 -10.90 30.87 31.83
N PRO A 452 -9.76 30.60 31.20
CA PRO A 452 -9.22 31.53 30.20
C PRO A 452 -10.11 31.66 28.99
N ARG A 453 -9.95 32.79 28.29
CA ARG A 453 -10.75 33.10 27.11
C ARG A 453 -10.17 32.43 25.86
N THR A 454 -11.03 31.82 25.06
CA THR A 454 -10.66 31.38 23.72
C THR A 454 -11.53 32.14 22.74
N ILE A 455 -10.89 32.89 21.86
CA ILE A 455 -11.55 33.69 20.83
C ILE A 455 -11.12 33.13 19.49
N ALA A 456 -12.09 32.70 18.68
CA ALA A 456 -11.85 32.22 17.33
C ALA A 456 -12.20 33.30 16.32
N LEU A 457 -11.35 33.47 15.30
CA LEU A 457 -11.62 34.39 14.20
C LEU A 457 -11.58 33.59 12.90
N ILE A 458 -12.76 33.37 12.32
CA ILE A 458 -12.87 32.62 11.08
C ILE A 458 -13.78 33.41 10.13
N GLY A 459 -13.54 33.24 8.83
CA GLY A 459 -14.38 33.87 7.84
C GLY A 459 -15.70 33.15 7.66
N ASP A 460 -16.59 33.76 6.88
CA ASP A 460 -17.94 33.24 6.74
C ASP A 460 -17.97 31.94 5.94
N LEU A 461 -17.23 31.87 4.83
CA LEU A 461 -17.23 30.65 4.03
C LEU A 461 -16.73 29.47 4.86
N THR A 462 -15.63 29.67 5.59
CA THR A 462 -15.13 28.61 6.44
C THR A 462 -16.13 28.27 7.54
N PHE A 463 -16.71 29.30 8.17
CA PHE A 463 -17.70 29.06 9.21
C PHE A 463 -18.87 28.23 8.67
N VAL A 464 -19.48 28.69 7.57
CA VAL A 464 -20.56 27.95 6.95
C VAL A 464 -20.13 26.53 6.60
N HIS A 465 -18.92 26.39 6.07
CA HIS A 465 -18.46 25.09 5.57
C HIS A 465 -18.38 24.05 6.70
N ASP A 466 -17.88 24.46 7.86
CA ASP A 466 -17.82 23.59 9.04
C ASP A 466 -18.83 24.01 10.09
N SER A 467 -19.98 24.54 9.66
CA SER A 467 -20.98 25.00 10.64
C SER A 467 -21.49 23.84 11.49
N SER A 468 -21.62 22.65 10.89
CA SER A 468 -22.00 21.45 11.63
C SER A 468 -20.97 21.06 12.68
N GLY A 469 -19.76 21.62 12.64
CA GLY A 469 -18.84 21.45 13.75
C GLY A 469 -19.33 22.11 15.03
N LEU A 470 -20.28 23.04 14.93
CA LEU A 470 -20.87 23.64 16.12
C LEU A 470 -21.68 22.63 16.92
N LEU A 471 -22.16 21.57 16.28
CA LEU A 471 -23.12 20.67 16.91
C LEU A 471 -22.48 19.96 18.09
N ILE A 472 -22.95 20.26 19.29
CA ILE A 472 -22.55 19.53 20.49
C ILE A 472 -23.82 18.96 21.11
N GLY A 473 -23.81 17.65 21.36
CA GLY A 473 -24.95 16.98 21.95
C GLY A 473 -25.30 17.55 23.31
N PRO A 474 -26.58 17.45 23.68
CA PRO A 474 -27.00 17.97 24.99
C PRO A 474 -26.26 17.32 26.14
N THR A 475 -25.75 16.12 25.98
CA THR A 475 -25.05 15.43 27.04
C THR A 475 -23.54 15.64 27.02
N GLU A 476 -23.03 16.46 26.10
CA GLU A 476 -21.60 16.53 25.83
C GLU A 476 -20.98 17.83 26.35
N PRO A 477 -19.66 17.84 26.60
CA PRO A 477 -19.01 19.04 27.15
C PRO A 477 -19.10 20.23 26.21
N ILE A 478 -19.48 21.38 26.78
CA ILE A 478 -19.57 22.64 26.06
C ILE A 478 -18.43 23.54 26.53
N PRO A 479 -17.71 24.20 25.63
CA PRO A 479 -16.66 25.12 26.07
C PRO A 479 -17.20 26.11 27.09
N ARG A 480 -16.37 26.41 28.10
CA ARG A 480 -16.79 27.36 29.12
C ARG A 480 -16.68 28.81 28.65
N SER A 481 -15.75 29.12 27.76
CA SER A 481 -15.47 30.51 27.42
C SER A 481 -14.96 30.65 25.98
N LEU A 482 -15.64 30.02 25.04
CA LEU A 482 -15.30 30.18 23.63
C LEU A 482 -16.21 31.22 22.97
N THR A 483 -15.60 32.17 22.27
CA THR A 483 -16.31 33.13 21.44
C THR A 483 -15.79 33.01 20.01
N ILE A 484 -16.69 32.73 19.07
CA ILE A 484 -16.34 32.57 17.66
C ILE A 484 -16.73 33.83 16.92
N VAL A 485 -15.75 34.61 16.51
CA VAL A 485 -15.98 35.81 15.71
C VAL A 485 -15.98 35.43 14.24
N VAL A 486 -17.08 35.69 13.56
CA VAL A 486 -17.22 35.43 12.13
C VAL A 486 -17.12 36.76 11.40
N SER A 487 -16.06 36.92 10.62
CA SER A 487 -15.87 38.12 9.81
C SER A 487 -16.53 37.85 8.46
N ASN A 488 -17.76 38.33 8.32
CA ASN A 488 -18.65 37.94 7.23
C ASN A 488 -18.56 38.99 6.12
N ASP A 489 -17.82 38.67 5.06
CA ASP A 489 -17.85 39.49 3.85
C ASP A 489 -18.58 38.80 2.71
N ASN A 490 -19.36 37.77 3.02
CA ASN A 490 -20.29 37.15 2.08
C ASN A 490 -19.55 36.58 0.86
N GLY A 491 -18.46 35.86 1.13
CA GLY A 491 -17.62 35.29 0.10
C GLY A 491 -16.14 35.35 0.44
N ASP A 507 -10.22 30.02 -13.96
CA ASP A 507 -10.78 28.70 -13.65
C ASP A 507 -12.29 28.75 -13.48
N VAL A 508 -12.99 27.78 -14.10
CA VAL A 508 -14.44 27.75 -13.98
C VAL A 508 -14.90 27.19 -12.63
N SER A 509 -14.06 26.45 -11.92
CA SER A 509 -14.42 26.09 -10.56
C SER A 509 -14.61 27.31 -9.65
N SER A 510 -13.96 28.43 -9.97
CA SER A 510 -14.10 29.65 -9.17
C SER A 510 -15.39 30.42 -9.48
N ARG A 511 -16.22 29.90 -10.39
CA ARG A 511 -17.48 30.57 -10.70
C ARG A 511 -18.43 30.61 -9.50
N ILE A 512 -18.25 29.74 -8.51
CA ILE A 512 -19.17 29.72 -7.39
C ILE A 512 -18.88 30.88 -6.42
N PHE A 513 -17.70 31.49 -6.51
CA PHE A 513 -17.41 32.72 -5.79
C PHE A 513 -17.85 33.97 -6.55
N GLY A 514 -18.33 33.82 -7.78
CA GLY A 514 -18.84 34.96 -8.50
C GLY A 514 -20.11 35.54 -7.91
N THR A 515 -20.77 34.81 -7.01
CA THR A 515 -22.01 35.22 -6.39
C THR A 515 -21.91 35.04 -4.88
N PRO A 516 -22.39 36.00 -4.08
CA PRO A 516 -22.48 35.79 -2.64
C PRO A 516 -23.39 34.61 -2.31
N HIS A 517 -22.97 33.81 -1.32
CA HIS A 517 -23.76 32.65 -0.92
C HIS A 517 -25.02 33.08 -0.17
N ASP A 518 -24.91 34.13 0.64
CA ASP A 518 -26.05 34.68 1.40
C ASP A 518 -26.63 33.65 2.37
N VAL A 519 -25.78 32.77 2.90
CA VAL A 519 -26.20 31.83 3.92
C VAL A 519 -26.41 32.57 5.23
N ASP A 520 -27.57 32.35 5.85
CA ASP A 520 -27.95 33.03 7.09
C ASP A 520 -27.15 32.45 8.26
N VAL A 521 -26.18 33.21 8.75
CA VAL A 521 -25.33 32.74 9.84
C VAL A 521 -26.16 32.51 11.09
N GLY A 522 -27.07 33.44 11.40
CA GLY A 522 -27.90 33.29 12.58
C GLY A 522 -28.74 32.02 12.53
N ALA A 523 -29.27 31.68 11.35
CA ALA A 523 -30.05 30.46 11.22
C ALA A 523 -29.18 29.23 11.39
N LEU A 524 -27.95 29.30 10.88
CA LEU A 524 -27.00 28.22 11.07
C LEU A 524 -26.75 27.96 12.56
N CYS A 525 -26.48 29.01 13.33
CA CYS A 525 -26.28 28.82 14.77
C CYS A 525 -27.56 28.40 15.46
N ARG A 526 -28.71 28.83 14.95
CA ARG A 526 -29.97 28.34 15.51
C ARG A 526 -30.09 26.84 15.28
N ALA A 527 -29.68 26.36 14.10
CA ALA A 527 -29.82 24.95 13.78
C ALA A 527 -29.01 24.08 14.72
N TYR A 528 -27.87 24.59 15.21
CA TYR A 528 -27.03 23.82 16.10
C TYR A 528 -27.10 24.33 17.54
N HIS A 529 -28.18 25.05 17.88
CA HIS A 529 -28.42 25.66 19.18
C HIS A 529 -27.16 26.27 19.79
N VAL A 530 -26.64 27.30 19.14
CA VAL A 530 -25.51 28.07 19.66
C VAL A 530 -25.92 29.54 19.68
N GLU A 531 -25.65 30.21 20.79
CA GLU A 531 -26.00 31.62 20.93
C GLU A 531 -25.23 32.47 19.92
N SER A 532 -25.93 33.37 19.22
CA SER A 532 -25.30 34.22 18.23
C SER A 532 -25.93 35.61 18.28
N ARG A 533 -25.14 36.60 17.87
CA ARG A 533 -25.57 37.98 17.80
C ARG A 533 -24.74 38.67 16.74
N GLN A 534 -25.40 39.39 15.84
CA GLN A 534 -24.71 40.16 14.82
C GLN A 534 -24.42 41.55 15.35
N ILE A 535 -23.16 41.96 15.31
CA ILE A 535 -22.71 43.19 15.93
C ILE A 535 -21.78 43.93 14.98
N GLU A 536 -21.35 45.12 15.38
CA GLU A 536 -20.47 45.98 14.61
C GLU A 536 -19.07 45.98 15.22
N VAL A 537 -18.11 46.42 14.41
CA VAL A 537 -16.70 46.17 14.70
C VAL A 537 -16.27 46.79 16.02
N ASP A 538 -16.84 47.94 16.39
CA ASP A 538 -16.41 48.57 17.64
C ASP A 538 -17.17 48.10 18.87
N GLU A 539 -18.25 47.35 18.68
CA GLU A 539 -18.85 46.59 19.78
C GLU A 539 -18.05 45.34 20.12
N LEU A 540 -17.07 44.98 19.29
CA LEU A 540 -16.36 43.72 19.45
C LEU A 540 -15.58 43.68 20.76
N GLY A 541 -14.76 44.70 21.01
CA GLY A 541 -14.02 44.82 22.25
C GLY A 541 -14.89 44.74 23.49
N PRO A 542 -15.93 45.58 23.58
CA PRO A 542 -16.83 45.49 24.74
C PRO A 542 -17.53 44.15 24.87
N THR A 543 -18.05 43.61 23.78
CA THR A 543 -18.81 42.35 23.86
C THR A 543 -17.93 41.21 24.35
N LEU A 544 -16.68 41.15 23.88
CA LEU A 544 -15.77 40.10 24.36
C LEU A 544 -15.45 40.25 25.84
N ASP A 545 -15.41 41.49 26.34
CA ASP A 545 -15.22 41.69 27.77
C ASP A 545 -16.46 41.35 28.57
N GLN A 546 -17.64 41.38 27.97
CA GLN A 546 -18.84 40.85 28.62
C GLN A 546 -18.59 39.37 28.93
N PRO A 547 -18.60 38.95 30.20
CA PRO A 547 -18.25 37.58 30.61
C PRO A 547 -18.99 36.49 29.84
N GLY A 550 -21.17 31.03 27.56
CA GLY A 550 -20.48 29.75 27.50
C GLY A 550 -19.79 29.58 26.16
N MET A 551 -20.58 29.32 25.12
CA MET A 551 -20.09 29.28 23.75
C MET A 551 -21.02 30.14 22.91
N ARG A 552 -20.44 31.09 22.20
CA ARG A 552 -21.27 32.01 21.43
C ARG A 552 -20.54 32.43 20.16
N VAL A 553 -21.33 32.90 19.20
CA VAL A 553 -20.86 33.37 17.90
C VAL A 553 -21.20 34.84 17.79
N LEU A 554 -20.21 35.67 17.51
CA LEU A 554 -20.40 37.09 17.21
C LEU A 554 -20.10 37.32 15.73
N GLU A 555 -21.13 37.72 14.98
CA GLU A 555 -21.02 37.95 13.55
C GLU A 555 -20.81 39.43 13.29
N VAL A 556 -19.74 39.78 12.58
CA VAL A 556 -19.46 41.15 12.20
C VAL A 556 -19.56 41.24 10.68
N LYS A 557 -20.56 41.97 10.19
CA LYS A 557 -20.70 42.21 8.76
C LYS A 557 -19.51 43.01 8.24
N ALA A 558 -18.96 42.56 7.12
CA ALA A 558 -17.76 43.20 6.58
C ALA A 558 -17.89 43.35 5.07
N ASP A 559 -17.26 44.39 4.55
CA ASP A 559 -17.20 44.65 3.14
C ASP A 559 -15.97 43.98 2.54
N ARG A 560 -16.17 43.31 1.40
CA ARG A 560 -15.09 42.77 0.61
C ARG A 560 -14.81 43.58 -0.64
N SER A 561 -15.74 44.44 -1.05
CA SER A 561 -15.61 45.17 -2.30
C SER A 561 -14.32 45.99 -2.35
N SER A 562 -14.09 46.79 -1.32
CA SER A 562 -13.03 47.77 -1.28
C SER A 562 -11.73 47.20 -0.77
N LEU A 563 -11.66 45.88 -0.57
CA LEU A 563 -10.47 45.26 0.00
C LEU A 563 -9.25 45.51 -0.87
N ARG A 564 -9.43 45.57 -2.20
CA ARG A 564 -8.29 45.81 -3.07
C ARG A 564 -7.73 47.21 -2.87
N GLN A 565 -8.60 48.21 -2.70
CA GLN A 565 -8.08 49.56 -2.50
C GLN A 565 -7.48 49.73 -1.10
N LEU A 566 -8.07 49.07 -0.10
CA LEU A 566 -7.46 49.05 1.23
C LEU A 566 -6.03 48.53 1.15
N HIS A 567 -5.85 47.38 0.48
CA HIS A 567 -4.51 46.82 0.38
C HIS A 567 -3.62 47.66 -0.53
N ALA A 568 -4.15 48.15 -1.65
CA ALA A 568 -3.37 49.00 -2.53
C ALA A 568 -2.91 50.26 -1.80
N ALA A 569 -3.79 50.85 -0.98
CA ALA A 569 -3.40 52.03 -0.23
C ALA A 569 -2.36 51.73 0.84
N ILE A 570 -2.31 50.49 1.34
CA ILE A 570 -1.28 50.13 2.31
C ILE A 570 0.06 49.94 1.64
N LYS A 571 0.08 49.34 0.44
CA LYS A 571 1.33 49.20 -0.30
C LYS A 571 1.90 50.56 -0.64
N ALA A 572 1.02 51.52 -0.95
CA ALA A 572 1.47 52.85 -1.35
C ALA A 572 2.05 53.63 -0.18
N ALA A 573 1.51 53.43 1.02
CA ALA A 573 1.99 54.16 2.19
C ALA A 573 3.37 53.73 2.65
N LEU A 574 3.86 52.59 2.16
CA LEU A 574 5.18 52.11 2.51
C LEU A 574 6.26 52.89 1.77
N ASN B 22 -0.27 25.33 -27.95
CA ASN B 22 0.00 24.68 -26.67
C ASN B 22 -0.40 23.20 -26.71
N PRO B 23 0.57 22.31 -26.47
CA PRO B 23 0.24 20.87 -26.51
C PRO B 23 -0.73 20.46 -25.42
N SER B 24 -0.58 20.99 -24.20
CA SER B 24 -1.45 20.59 -23.09
C SER B 24 -2.90 20.98 -23.35
N THR B 25 -3.12 22.14 -23.97
CA THR B 25 -4.49 22.57 -24.23
C THR B 25 -5.16 21.72 -25.29
N THR B 26 -4.43 21.31 -26.33
CA THR B 26 -4.95 20.36 -27.29
C THR B 26 -5.31 19.05 -26.60
N GLN B 27 -4.41 18.55 -25.76
CA GLN B 27 -4.60 17.28 -25.08
C GLN B 27 -5.87 17.27 -24.26
N ALA B 28 -6.18 18.38 -23.58
CA ALA B 28 -7.36 18.41 -22.73
C ALA B 28 -8.65 18.34 -23.56
N ARG B 29 -8.71 19.10 -24.65
CA ARG B 29 -9.88 19.04 -25.53
C ARG B 29 -10.06 17.65 -26.12
N VAL B 30 -8.96 16.98 -26.46
CA VAL B 30 -9.06 15.64 -27.01
C VAL B 30 -9.60 14.67 -25.97
N VAL B 31 -9.11 14.78 -24.73
CA VAL B 31 -9.57 13.89 -23.66
C VAL B 31 -11.04 14.15 -23.34
N VAL B 32 -11.41 15.43 -23.17
CA VAL B 32 -12.79 15.76 -22.82
C VAL B 32 -13.73 15.31 -23.92
N ASP B 33 -13.35 15.52 -25.18
CA ASP B 33 -14.18 15.04 -26.28
C ASP B 33 -14.40 13.53 -26.19
N GLU B 34 -13.33 12.79 -25.88
CA GLU B 34 -13.45 11.34 -25.81
C GLU B 34 -14.25 10.90 -24.58
N LEU B 35 -14.11 11.62 -23.47
CA LEU B 35 -14.94 11.35 -22.30
C LEU B 35 -16.42 11.55 -22.61
N ILE B 36 -16.75 12.61 -23.36
CA ILE B 36 -18.13 12.82 -23.78
C ILE B 36 -18.58 11.70 -24.70
N ARG B 37 -17.77 11.37 -25.70
CA ARG B 37 -18.13 10.26 -26.59
C ARG B 37 -18.30 8.95 -25.83
N GLY B 38 -17.66 8.81 -24.68
CA GLY B 38 -17.76 7.63 -23.85
C GLY B 38 -18.94 7.57 -22.91
N GLY B 39 -19.81 8.58 -22.94
CA GLY B 39 -21.02 8.59 -22.11
C GLY B 39 -20.96 9.46 -20.88
N VAL B 40 -19.85 10.16 -20.65
CA VAL B 40 -19.77 11.05 -19.49
C VAL B 40 -20.62 12.28 -19.77
N ARG B 41 -21.64 12.51 -18.94
CA ARG B 41 -22.50 13.67 -19.09
C ARG B 41 -22.35 14.69 -17.98
N ASP B 42 -21.78 14.30 -16.83
CA ASP B 42 -21.62 15.18 -15.68
C ASP B 42 -20.22 15.08 -15.11
N VAL B 43 -19.67 16.23 -14.70
CA VAL B 43 -18.36 16.31 -14.06
C VAL B 43 -18.48 17.22 -12.85
N VAL B 44 -17.88 16.81 -11.74
CA VAL B 44 -17.95 17.53 -10.47
C VAL B 44 -16.58 18.10 -10.15
N LEU B 45 -16.51 19.41 -9.86
CA LEU B 45 -15.27 20.10 -9.54
C LEU B 45 -15.41 20.84 -8.21
N CYS B 46 -14.26 21.13 -7.60
CA CYS B 46 -14.15 21.96 -6.42
C CYS B 46 -13.05 22.99 -6.60
N PRO B 47 -13.19 24.16 -5.97
CA PRO B 47 -12.08 25.10 -5.95
C PRO B 47 -10.91 24.56 -5.13
N GLY B 48 -9.70 24.83 -5.59
CA GLY B 48 -8.56 24.30 -4.86
C GLY B 48 -7.27 25.07 -4.98
N SER B 49 -6.21 24.47 -4.45
CA SER B 49 -4.86 25.03 -4.54
C SER B 49 -4.53 25.52 -5.95
N ARG B 50 -4.87 24.72 -6.96
CA ARG B 50 -4.48 25.00 -8.33
C ARG B 50 -5.66 24.76 -9.26
N ASN B 51 -5.40 24.83 -10.57
CA ASN B 51 -6.46 24.64 -11.55
C ASN B 51 -6.92 23.19 -11.57
N ALA B 52 -8.20 23.00 -11.89
CA ALA B 52 -8.72 21.66 -12.09
C ALA B 52 -8.03 20.99 -13.28
N PRO B 53 -7.92 19.67 -13.28
CA PRO B 53 -7.46 18.98 -14.48
C PRO B 53 -8.45 19.18 -15.61
N LEU B 54 -7.93 19.58 -16.78
CA LEU B 54 -8.74 19.81 -17.98
C LEU B 54 -9.82 20.86 -17.78
N ALA B 55 -9.55 21.87 -16.94
CA ALA B 55 -10.60 22.81 -16.54
C ALA B 55 -11.11 23.62 -17.72
N PHE B 56 -10.19 24.15 -18.54
CA PHE B 56 -10.62 24.98 -19.66
C PHE B 56 -11.33 24.14 -20.73
N ALA B 57 -10.87 22.92 -20.97
CA ALA B 57 -11.56 22.04 -21.89
C ALA B 57 -12.96 21.72 -21.40
N LEU B 58 -13.10 21.50 -20.08
CA LEU B 58 -14.41 21.22 -19.50
C LEU B 58 -15.30 22.45 -19.56
N GLN B 59 -14.72 23.63 -19.31
CA GLN B 59 -15.51 24.85 -19.37
C GLN B 59 -16.06 25.06 -20.78
N ASP B 60 -15.23 24.82 -21.79
CA ASP B 60 -15.68 24.93 -23.18
C ASP B 60 -16.82 23.95 -23.46
N ALA B 61 -16.71 22.73 -22.96
CA ALA B 61 -17.76 21.74 -23.20
C ALA B 61 -19.03 22.09 -22.44
N ASP B 62 -18.91 22.66 -21.24
CA ASP B 62 -20.08 23.03 -20.45
C ASP B 62 -20.82 24.18 -21.11
N ARG B 63 -20.07 25.15 -21.64
CA ARG B 63 -20.68 26.28 -22.32
C ARG B 63 -21.37 25.85 -23.60
N SER B 64 -20.84 24.81 -24.27
CA SER B 64 -21.42 24.26 -25.48
C SER B 64 -22.58 23.30 -25.22
N GLY B 65 -22.88 23.00 -23.96
CA GLY B 65 -23.92 22.04 -23.67
C GLY B 65 -23.56 20.59 -23.87
N ARG B 66 -22.33 20.28 -24.26
CA ARG B 66 -21.91 18.89 -24.41
C ARG B 66 -21.73 18.19 -23.06
N ILE B 67 -21.66 18.94 -21.97
CA ILE B 67 -21.40 18.36 -20.66
C ILE B 67 -21.87 19.35 -19.62
N ARG B 68 -22.24 18.84 -18.45
CA ARG B 68 -22.80 19.64 -17.37
C ARG B 68 -21.85 19.57 -16.17
N LEU B 69 -21.43 20.73 -15.68
CA LEU B 69 -20.50 20.83 -14.57
C LEU B 69 -21.25 21.14 -13.29
N HIS B 70 -20.77 20.56 -12.19
CA HIS B 70 -21.32 20.81 -10.85
C HIS B 70 -20.17 21.18 -9.95
N VAL B 71 -20.26 22.36 -9.32
CA VAL B 71 -19.20 22.88 -8.47
C VAL B 71 -19.70 22.88 -7.03
N ARG B 72 -18.82 22.46 -6.12
CA ARG B 72 -19.07 22.49 -4.69
C ARG B 72 -17.80 22.92 -3.97
N ILE B 73 -17.97 23.48 -2.78
CA ILE B 73 -16.82 23.77 -1.95
C ILE B 73 -16.39 22.54 -1.16
N ASP B 74 -17.35 21.78 -0.64
CA ASP B 74 -17.06 20.59 0.17
C ASP B 74 -16.62 19.43 -0.72
N GLU B 75 -15.34 19.06 -0.64
CA GLU B 75 -14.81 18.00 -1.49
C GLU B 75 -15.43 16.65 -1.16
N ARG B 76 -15.74 16.39 0.11
CA ARG B 76 -16.38 15.13 0.47
C ARG B 76 -17.76 15.02 -0.14
N THR B 77 -18.58 16.07 0.00
CA THR B 77 -19.92 16.00 -0.55
C THR B 77 -19.87 15.94 -2.08
N ALA B 78 -18.86 16.59 -2.67
CA ALA B 78 -18.66 16.54 -4.11
C ALA B 78 -18.45 15.12 -4.60
N GLY B 79 -17.67 14.32 -3.87
CA GLY B 79 -17.45 12.94 -4.29
C GLY B 79 -18.72 12.13 -4.30
N TYR B 80 -19.56 12.29 -3.26
CA TYR B 80 -20.86 11.61 -3.23
C TYR B 80 -21.86 12.21 -4.22
N LEU B 81 -21.76 13.51 -4.50
CA LEU B 81 -22.55 14.06 -5.61
C LEU B 81 -22.26 13.30 -6.89
N ALA B 82 -20.99 12.96 -7.11
CA ALA B 82 -20.61 12.20 -8.28
C ALA B 82 -21.19 10.79 -8.24
N ILE B 83 -21.20 10.18 -7.05
CA ILE B 83 -21.86 8.87 -6.88
C ILE B 83 -23.30 8.94 -7.34
N GLY B 84 -24.05 9.95 -6.84
CA GLY B 84 -25.44 10.10 -7.26
C GLY B 84 -25.59 10.31 -8.75
N LEU B 85 -24.72 11.15 -9.33
CA LEU B 85 -24.75 11.40 -10.77
C LEU B 85 -24.42 10.14 -11.58
N ALA B 86 -23.77 9.16 -10.97
CA ALA B 86 -23.45 7.94 -11.70
C ALA B 86 -24.53 6.88 -11.54
N ILE B 87 -25.12 6.76 -10.36
CA ILE B 87 -26.10 5.70 -10.15
C ILE B 87 -27.50 6.10 -10.59
N GLY B 88 -27.77 7.41 -10.75
CA GLY B 88 -29.11 7.83 -11.15
C GLY B 88 -29.49 7.36 -12.54
N ALA B 89 -28.51 7.22 -13.43
CA ALA B 89 -28.77 6.76 -14.80
C ALA B 89 -27.67 5.86 -15.34
N GLY B 90 -26.72 5.44 -14.51
CA GLY B 90 -25.73 4.45 -14.91
C GLY B 90 -24.56 4.97 -15.71
N ALA B 91 -24.38 6.25 -15.78
CA ALA B 91 -23.34 6.82 -16.62
C ALA B 91 -22.03 6.97 -15.87
N PRO B 92 -20.90 6.85 -16.55
CA PRO B 92 -19.62 7.19 -15.91
C PRO B 92 -19.57 8.67 -15.59
N VAL B 93 -18.97 8.99 -14.46
CA VAL B 93 -18.94 10.35 -13.93
C VAL B 93 -17.52 10.70 -13.54
N CYS B 94 -17.09 11.91 -13.87
CA CYS B 94 -15.75 12.37 -13.54
C CYS B 94 -15.81 13.33 -12.36
N VAL B 95 -14.74 13.32 -11.57
CA VAL B 95 -14.54 14.29 -10.49
C VAL B 95 -13.13 14.87 -10.61
N ALA B 96 -13.02 16.19 -10.49
CA ALA B 96 -11.80 16.93 -10.81
C ALA B 96 -11.13 17.43 -9.53
N MET B 97 -9.94 16.89 -9.23
CA MET B 97 -9.22 17.20 -8.00
C MET B 97 -8.42 18.47 -8.14
N THR B 98 -8.49 19.33 -7.12
CA THR B 98 -7.83 20.62 -7.18
C THR B 98 -6.90 20.91 -6.00
N SER B 99 -6.86 20.05 -4.99
CA SER B 99 -6.37 20.47 -3.68
C SER B 99 -5.53 19.38 -3.04
N GLY B 100 -5.03 19.69 -1.85
CA GLY B 100 -4.21 18.80 -1.05
C GLY B 100 -4.98 18.09 0.04
N THR B 101 -6.26 18.42 0.19
CA THR B 101 -7.18 17.62 0.97
C THR B 101 -8.13 16.81 0.08
N ALA B 102 -7.99 16.93 -1.24
CA ALA B 102 -8.97 16.33 -2.15
C ALA B 102 -8.95 14.82 -2.04
N VAL B 103 -7.75 14.23 -2.10
CA VAL B 103 -7.64 12.78 -2.00
C VAL B 103 -8.27 12.28 -0.71
N ALA B 104 -8.00 12.97 0.39
CA ALA B 104 -8.58 12.57 1.68
C ALA B 104 -10.10 12.68 1.65
N ASN B 105 -10.63 13.81 1.18
CA ASN B 105 -12.08 13.99 1.19
C ASN B 105 -12.76 13.09 0.17
N LEU B 106 -12.05 12.70 -0.88
CA LEU B 106 -12.64 11.82 -1.88
C LEU B 106 -12.64 10.36 -1.45
N GLY B 107 -11.87 10.01 -0.42
CA GLY B 107 -11.73 8.66 0.06
C GLY B 107 -13.03 7.89 0.28
N PRO B 108 -13.94 8.43 1.11
CA PRO B 108 -15.18 7.70 1.41
C PRO B 108 -15.98 7.34 0.18
N ALA B 109 -16.14 8.28 -0.76
CA ALA B 109 -16.93 7.99 -1.96
C ALA B 109 -16.20 7.03 -2.88
N VAL B 110 -14.86 7.13 -2.96
CA VAL B 110 -14.10 6.22 -3.81
C VAL B 110 -14.23 4.78 -3.30
N VAL B 111 -14.19 4.61 -1.98
CA VAL B 111 -14.37 3.27 -1.42
C VAL B 111 -15.78 2.77 -1.72
N GLU B 112 -16.78 3.64 -1.54
CA GLU B 112 -18.15 3.27 -1.89
C GLU B 112 -18.27 2.92 -3.37
N ALA B 113 -17.57 3.65 -4.23
CA ALA B 113 -17.59 3.34 -5.66
C ALA B 113 -16.98 1.97 -5.94
N ASN B 114 -15.91 1.63 -5.21
CA ASN B 114 -15.31 0.31 -5.37
C ASN B 114 -16.27 -0.80 -4.98
N TYR B 115 -16.90 -0.68 -3.81
CA TYR B 115 -17.75 -1.77 -3.34
C TYR B 115 -19.09 -1.80 -4.06
N ALA B 116 -19.68 -0.64 -4.36
CA ALA B 116 -20.98 -0.61 -5.03
C ALA B 116 -20.87 -0.70 -6.55
N ARG B 117 -19.66 -0.70 -7.10
CA ARG B 117 -19.42 -0.87 -8.53
C ARG B 117 -20.00 0.30 -9.33
N VAL B 118 -19.55 1.49 -8.98
CA VAL B 118 -20.00 2.75 -9.56
C VAL B 118 -18.88 3.28 -10.46
N PRO B 119 -19.19 3.69 -11.71
CA PRO B 119 -18.12 4.17 -12.60
C PRO B 119 -17.70 5.60 -12.28
N LEU B 120 -16.70 5.72 -11.41
CA LEU B 120 -16.23 7.01 -10.92
C LEU B 120 -14.81 7.24 -11.41
N ILE B 121 -14.63 8.28 -12.22
CA ILE B 121 -13.33 8.65 -12.76
C ILE B 121 -12.80 9.85 -11.96
N VAL B 122 -11.70 9.65 -11.25
CA VAL B 122 -11.05 10.72 -10.48
C VAL B 122 -9.91 11.27 -11.32
N LEU B 123 -9.99 12.55 -11.68
CA LEU B 123 -8.99 13.22 -12.52
C LEU B 123 -7.95 13.93 -11.67
N SER B 124 -6.69 13.86 -12.11
CA SER B 124 -5.60 14.59 -11.47
C SER B 124 -4.73 15.24 -12.53
N ALA B 125 -3.89 16.17 -12.09
CA ALA B 125 -2.96 16.87 -12.98
C ALA B 125 -1.64 17.01 -12.22
N ASN B 126 -0.85 15.95 -12.22
CA ASN B 126 0.45 16.00 -11.57
C ASN B 126 1.41 16.87 -12.38
N ARG B 127 2.41 17.43 -11.70
CA ARG B 127 3.34 18.37 -12.31
C ARG B 127 4.73 17.76 -12.36
N PRO B 128 5.10 17.10 -13.46
CA PRO B 128 6.39 16.38 -13.49
C PRO B 128 7.62 17.26 -13.40
N TYR B 129 7.50 18.57 -13.58
CA TYR B 129 8.63 19.48 -13.44
C TYR B 129 8.85 19.95 -12.01
N GLU B 130 8.03 19.51 -11.06
CA GLU B 130 8.15 19.98 -9.68
C GLU B 130 8.66 18.86 -8.77
N LEU B 131 9.25 19.28 -7.64
CA LEU B 131 9.78 18.35 -6.66
C LEU B 131 8.67 17.53 -6.02
N LEU B 132 9.03 16.33 -5.60
CA LEU B 132 8.12 15.43 -4.91
C LEU B 132 8.84 14.82 -3.72
N GLY B 133 8.08 14.58 -2.65
CA GLY B 133 8.62 13.98 -1.46
C GLY B 133 9.36 14.91 -0.54
N THR B 134 9.42 16.20 -0.85
CA THR B 134 10.03 17.18 0.02
C THR B 134 8.99 17.99 0.80
N GLY B 135 7.73 17.56 0.79
CA GLY B 135 6.68 18.26 1.51
C GLY B 135 5.34 18.32 0.81
N THR B 139 -0.34 19.48 -6.76
CA THR B 139 -0.21 18.89 -5.42
C THR B 139 -1.07 17.64 -5.25
N MET B 140 -0.41 16.53 -4.91
CA MET B 140 -1.08 15.28 -4.57
C MET B 140 -0.65 14.87 -3.17
N GLU B 141 -1.62 14.63 -2.30
CA GLU B 141 -1.35 14.06 -0.99
C GLU B 141 -1.88 12.63 -1.03
N GLN B 142 -0.99 11.70 -1.37
CA GLN B 142 -1.35 10.30 -1.44
C GLN B 142 -1.70 9.78 -0.05
N LEU B 143 -2.80 9.03 0.02
CA LEU B 143 -3.02 8.11 1.13
C LEU B 143 -2.72 6.68 0.66
N GLY B 144 -3.22 5.68 1.39
CA GLY B 144 -3.02 4.30 1.02
C GLY B 144 -4.15 3.64 0.26
N TYR B 145 -5.30 4.30 0.09
CA TYR B 145 -6.48 3.62 -0.41
C TYR B 145 -6.54 3.50 -1.92
N PHE B 146 -5.86 4.39 -2.66
CA PHE B 146 -5.93 4.31 -4.12
C PHE B 146 -5.43 2.97 -4.63
N GLY B 147 -4.32 2.50 -4.10
CA GLY B 147 -3.83 1.21 -4.54
C GLY B 147 -4.71 0.02 -4.18
N THR B 148 -5.79 0.22 -3.41
CA THR B 148 -6.69 -0.87 -3.09
C THR B 148 -8.09 -0.72 -3.65
N GLN B 149 -8.51 0.48 -4.03
CA GLN B 149 -9.89 0.72 -4.43
C GLN B 149 -10.10 0.81 -5.95
N VAL B 150 -9.13 1.32 -6.72
CA VAL B 150 -9.36 1.70 -8.11
C VAL B 150 -9.15 0.51 -9.04
N ARG B 151 -9.97 0.45 -10.10
CA ARG B 151 -9.81 -0.56 -11.13
C ARG B 151 -8.53 -0.34 -11.92
N ALA B 152 -8.06 0.90 -11.98
CA ALA B 152 -6.94 1.23 -12.82
C ALA B 152 -6.44 2.59 -12.40
N SER B 153 -5.15 2.84 -12.65
CA SER B 153 -4.58 4.17 -12.54
C SER B 153 -3.74 4.37 -13.79
N ILE B 154 -4.22 5.26 -14.66
CA ILE B 154 -3.62 5.51 -15.96
C ILE B 154 -3.18 6.97 -15.98
N SER B 155 -2.01 7.22 -16.55
CA SER B 155 -1.47 8.56 -16.66
C SER B 155 -1.13 8.84 -18.11
N LEU B 156 -1.72 9.90 -18.65
CA LEU B 156 -1.53 10.22 -20.07
C LEU B 156 -0.08 10.55 -20.40
N GLY B 157 0.65 11.15 -19.47
CA GLY B 157 1.94 11.64 -19.89
C GLY B 157 1.89 13.05 -20.46
N LEU B 158 2.97 13.79 -20.25
CA LEU B 158 3.04 15.17 -20.68
C LEU B 158 2.83 15.31 -22.18
N ALA B 159 2.25 16.43 -22.58
CA ALA B 159 1.92 16.67 -23.98
C ALA B 159 3.14 17.21 -24.69
N GLU B 160 3.71 16.40 -25.57
CA GLU B 160 4.85 16.82 -26.38
C GLU B 160 4.41 17.88 -27.38
N ASP B 161 5.24 18.91 -27.57
CA ASP B 161 5.03 19.84 -28.67
C ASP B 161 5.66 19.23 -29.91
N ALA B 162 4.83 18.58 -30.72
CA ALA B 162 5.27 17.99 -31.98
C ALA B 162 4.11 18.04 -32.95
N PRO B 163 3.98 19.12 -33.72
CA PRO B 163 2.86 19.22 -34.67
C PRO B 163 2.86 18.10 -35.70
N GLU B 164 4.04 17.64 -36.12
CA GLU B 164 4.11 16.57 -37.09
C GLU B 164 3.42 15.31 -36.59
N ARG B 165 3.66 14.95 -35.33
CA ARG B 165 3.11 13.74 -34.72
C ARG B 165 1.68 13.92 -34.20
N THR B 166 0.94 14.92 -34.69
CA THR B 166 -0.38 15.21 -34.14
C THR B 166 -1.34 14.02 -34.28
N SER B 167 -1.36 13.39 -35.45
CA SER B 167 -2.30 12.28 -35.66
C SER B 167 -2.02 11.12 -34.70
N ALA B 168 -0.74 10.88 -34.38
CA ALA B 168 -0.37 9.77 -33.50
C ALA B 168 -0.68 10.08 -32.04
N LEU B 169 -0.38 11.32 -31.59
CA LEU B 169 -0.69 11.69 -30.22
C LEU B 169 -2.19 11.67 -29.98
N ASN B 170 -2.97 12.16 -30.95
CA ASN B 170 -4.42 12.09 -30.86
C ASN B 170 -4.89 10.66 -30.65
N ALA B 171 -4.35 9.74 -31.44
CA ALA B 171 -4.73 8.33 -31.30
C ALA B 171 -4.36 7.79 -29.93
N THR B 172 -3.15 8.10 -29.45
CA THR B 172 -2.72 7.63 -28.14
C THR B 172 -3.60 8.18 -27.02
N TRP B 173 -3.90 9.50 -27.07
CA TRP B 173 -4.72 10.09 -26.03
C TRP B 173 -6.12 9.50 -26.02
N ARG B 174 -6.74 9.39 -27.21
CA ARG B 174 -8.11 8.88 -27.24
C ARG B 174 -8.16 7.40 -26.88
N SER B 175 -7.13 6.63 -27.23
CA SER B 175 -7.09 5.22 -26.82
C SER B 175 -7.00 5.10 -25.30
N ALA B 176 -6.13 5.89 -24.69
CA ALA B 176 -6.00 5.83 -23.23
C ALA B 176 -7.30 6.25 -22.56
N THR B 177 -7.96 7.29 -23.06
CA THR B 177 -9.19 7.75 -22.45
C THR B 177 -10.28 6.69 -22.55
N CYS B 178 -10.32 5.96 -23.67
CA CYS B 178 -11.23 4.83 -23.79
C CYS B 178 -10.90 3.75 -22.77
N ARG B 179 -9.60 3.53 -22.55
CA ARG B 179 -9.16 2.54 -21.57
C ARG B 179 -9.60 2.94 -20.17
N VAL B 180 -9.48 4.23 -19.83
CA VAL B 180 -10.00 4.72 -18.55
C VAL B 180 -11.49 4.43 -18.45
N LEU B 181 -12.26 4.79 -19.48
CA LEU B 181 -13.71 4.60 -19.44
C LEU B 181 -14.08 3.12 -19.29
N ALA B 182 -13.41 2.24 -20.04
CA ALA B 182 -13.72 0.82 -19.96
C ALA B 182 -13.44 0.25 -18.58
N ALA B 183 -12.33 0.67 -17.96
CA ALA B 183 -12.06 0.21 -16.60
C ALA B 183 -13.15 0.66 -15.64
N ALA B 184 -13.63 1.90 -15.79
CA ALA B 184 -14.63 2.43 -14.88
C ALA B 184 -15.99 1.77 -15.08
N THR B 185 -16.42 1.59 -16.33
CA THR B 185 -17.74 1.02 -16.56
C THR B 185 -17.75 -0.49 -16.53
N GLY B 186 -16.59 -1.13 -16.37
CA GLY B 186 -16.52 -2.57 -16.47
C GLY B 186 -16.86 -3.09 -17.85
N ALA B 187 -16.44 -2.37 -18.90
CA ALA B 187 -16.82 -2.74 -20.26
C ALA B 187 -16.31 -4.13 -20.63
N ARG B 188 -15.11 -4.51 -20.17
CA ARG B 188 -14.55 -5.82 -20.45
C ARG B 188 -14.47 -6.72 -19.24
N THR B 189 -14.63 -6.18 -18.03
CA THR B 189 -14.49 -6.92 -16.79
C THR B 189 -15.80 -7.21 -16.10
N ALA B 190 -16.88 -6.53 -16.47
CA ALA B 190 -18.16 -6.61 -15.76
C ALA B 190 -18.01 -6.26 -14.28
N ASN B 191 -17.03 -5.40 -13.94
CA ASN B 191 -16.81 -4.95 -12.56
C ASN B 191 -16.51 -3.45 -12.60
N ALA B 192 -17.56 -2.63 -12.75
CA ALA B 192 -17.43 -1.19 -12.70
C ALA B 192 -16.84 -0.76 -11.35
N GLY B 193 -16.30 0.46 -11.32
CA GLY B 193 -15.67 0.99 -10.14
C GLY B 193 -14.84 2.23 -10.41
N PRO B 194 -14.17 2.72 -9.37
CA PRO B 194 -13.40 3.96 -9.51
C PRO B 194 -12.11 3.73 -10.29
N VAL B 195 -11.71 4.76 -11.05
CA VAL B 195 -10.49 4.75 -11.84
C VAL B 195 -9.77 6.08 -11.63
N HIS B 196 -8.47 6.02 -11.38
CA HIS B 196 -7.67 7.23 -11.29
C HIS B 196 -7.09 7.57 -12.66
N PHE B 197 -7.37 8.78 -13.14
CA PHE B 197 -6.94 9.25 -14.45
C PHE B 197 -6.10 10.50 -14.26
N ASP B 198 -4.82 10.43 -14.60
CA ASP B 198 -3.91 11.57 -14.45
C ASP B 198 -3.54 12.13 -15.82
N ILE B 199 -3.73 13.44 -15.99
CA ILE B 199 -3.26 14.17 -17.16
C ILE B 199 -2.21 15.16 -16.71
N PRO B 200 -0.93 14.83 -16.85
CA PRO B 200 0.14 15.69 -16.30
C PRO B 200 0.18 17.01 -17.06
N LEU B 201 0.90 17.96 -16.46
CA LEU B 201 0.83 19.35 -16.90
C LEU B 201 2.12 20.06 -16.55
N ARG B 202 2.62 20.87 -17.49
CA ARG B 202 3.64 21.88 -17.22
C ARG B 202 2.96 23.25 -17.17
N GLU B 203 3.27 24.02 -16.14
CA GLU B 203 2.62 25.31 -15.96
C GLU B 203 3.25 26.39 -16.84
N THR B 216 -9.17 21.21 -32.68
CA THR B 216 -9.12 19.93 -32.00
C THR B 216 -9.05 18.76 -32.98
N PRO B 217 -8.01 17.93 -32.86
CA PRO B 217 -7.90 16.71 -33.68
C PRO B 217 -9.15 15.86 -33.53
N PRO B 218 -9.76 15.45 -34.64
CA PRO B 218 -11.07 14.78 -34.56
C PRO B 218 -10.96 13.37 -33.99
N GLY B 219 -12.07 12.93 -33.41
CA GLY B 219 -12.27 11.55 -33.05
C GLY B 219 -12.83 10.75 -34.21
N ARG B 220 -13.39 9.58 -33.88
CA ARG B 220 -14.00 8.74 -34.90
C ARG B 220 -15.20 9.48 -35.51
N PRO B 221 -15.57 9.14 -36.75
CA PRO B 221 -16.77 9.74 -37.33
C PRO B 221 -18.02 9.26 -36.61
N ALA B 222 -19.08 10.08 -36.71
CA ALA B 222 -20.39 9.78 -36.12
C ALA B 222 -20.34 9.69 -34.61
N GLY B 223 -19.39 10.40 -33.98
CA GLY B 223 -19.35 10.46 -32.53
C GLY B 223 -19.10 9.14 -31.83
N LYS B 224 -18.57 8.15 -32.54
CA LYS B 224 -18.26 6.86 -31.94
C LYS B 224 -16.96 6.93 -31.14
N PRO B 225 -16.81 6.10 -30.11
CA PRO B 225 -15.57 6.14 -29.31
C PRO B 225 -14.37 5.66 -30.12
N TRP B 226 -13.18 6.13 -29.73
CA TRP B 226 -11.99 5.79 -30.47
C TRP B 226 -11.78 4.29 -30.54
N THR B 227 -11.70 3.64 -29.37
CA THR B 227 -11.64 2.19 -29.27
C THR B 227 -12.97 1.69 -28.73
N TYR B 228 -13.68 0.95 -29.56
CA TYR B 228 -14.99 0.42 -29.23
C TYR B 228 -14.89 -0.89 -28.45
N THR B 229 -15.73 -1.02 -27.44
CA THR B 229 -15.85 -2.26 -26.67
C THR B 229 -17.29 -2.75 -26.75
N PRO B 230 -17.57 -3.79 -27.51
CA PRO B 230 -18.95 -4.26 -27.67
C PRO B 230 -19.46 -4.91 -26.40
N PRO B 231 -20.73 -5.34 -26.38
CA PRO B 231 -21.24 -6.05 -25.20
C PRO B 231 -20.41 -7.28 -24.88
N VAL B 232 -20.10 -7.45 -23.60
CA VAL B 232 -19.40 -8.64 -23.12
C VAL B 232 -20.32 -9.41 -22.19
N THR B 233 -20.25 -10.74 -22.25
CA THR B 233 -20.98 -11.61 -21.34
C THR B 233 -20.00 -12.51 -20.61
N PHE B 234 -20.05 -12.49 -19.28
CA PHE B 234 -19.43 -13.52 -18.45
C PHE B 234 -20.52 -14.52 -18.09
N ASP B 235 -20.34 -15.77 -18.50
CA ASP B 235 -21.37 -16.77 -18.32
C ASP B 235 -20.83 -17.91 -17.47
N GLN B 236 -21.49 -18.14 -16.32
CA GLN B 236 -21.17 -19.25 -15.41
C GLN B 236 -22.49 -19.87 -15.00
N PRO B 237 -22.99 -20.83 -15.77
CA PRO B 237 -24.24 -21.48 -15.40
C PRO B 237 -24.06 -22.43 -14.23
N LEU B 238 -25.05 -22.46 -13.35
CA LEU B 238 -25.11 -23.41 -12.26
C LEU B 238 -26.37 -24.24 -12.40
N ASP B 239 -26.24 -25.56 -12.24
CA ASP B 239 -27.40 -26.43 -12.20
C ASP B 239 -28.04 -26.34 -10.81
N ILE B 240 -29.31 -25.94 -10.75
CA ILE B 240 -30.03 -25.89 -9.47
C ILE B 240 -31.37 -26.58 -9.64
N ASP B 241 -31.69 -27.48 -8.69
CA ASP B 241 -32.94 -28.23 -8.72
C ASP B 241 -33.96 -27.52 -7.82
N LEU B 242 -34.97 -26.92 -8.45
CA LEU B 242 -35.95 -26.11 -7.75
C LEU B 242 -36.97 -26.94 -6.98
N SER B 243 -37.02 -28.25 -7.18
CA SER B 243 -37.91 -29.09 -6.38
C SER B 243 -37.52 -29.06 -4.90
N VAL B 244 -36.23 -28.88 -4.60
CA VAL B 244 -35.82 -28.62 -3.23
C VAL B 244 -36.37 -27.29 -2.79
N ASP B 245 -36.98 -27.26 -1.58
CA ASP B 245 -37.60 -26.06 -1.04
C ASP B 245 -36.61 -24.90 -1.02
N THR B 246 -36.77 -23.97 -1.96
CA THR B 246 -35.81 -22.92 -2.21
C THR B 246 -36.38 -21.57 -1.80
N VAL B 247 -35.50 -20.73 -1.25
CA VAL B 247 -35.75 -19.31 -1.01
C VAL B 247 -34.70 -18.53 -1.80
N VAL B 248 -35.10 -17.38 -2.33
CA VAL B 248 -34.16 -16.50 -3.01
C VAL B 248 -33.94 -15.27 -2.14
N ILE B 249 -32.67 -14.93 -1.92
CA ILE B 249 -32.27 -13.71 -1.22
C ILE B 249 -31.52 -12.85 -2.22
N SER B 250 -32.07 -11.67 -2.52
CA SER B 250 -31.45 -10.77 -3.48
C SER B 250 -31.01 -9.50 -2.77
N GLY B 251 -29.74 -9.16 -2.93
CA GLY B 251 -29.17 -7.98 -2.33
C GLY B 251 -28.64 -7.02 -3.37
N HIS B 252 -27.70 -6.17 -2.98
CA HIS B 252 -27.18 -5.14 -3.86
C HIS B 252 -26.42 -5.76 -5.04
N GLY B 253 -26.63 -5.18 -6.23
CA GLY B 253 -26.00 -5.69 -7.43
C GLY B 253 -26.62 -6.94 -8.01
N ALA B 254 -27.78 -7.36 -7.53
CA ALA B 254 -28.39 -8.59 -8.01
C ALA B 254 -28.83 -8.44 -9.46
N GLY B 255 -28.67 -9.52 -10.24
CA GLY B 255 -29.18 -9.54 -11.59
C GLY B 255 -30.64 -9.95 -11.64
N VAL B 256 -31.21 -9.87 -12.83
CA VAL B 256 -32.59 -10.31 -13.08
C VAL B 256 -32.55 -11.74 -13.60
N HIS B 257 -33.36 -12.62 -12.99
CA HIS B 257 -33.37 -14.04 -13.29
C HIS B 257 -34.80 -14.50 -13.58
N PRO B 258 -35.23 -14.47 -14.84
CA PRO B 258 -36.62 -14.87 -15.14
C PRO B 258 -36.96 -16.29 -14.69
N ASN B 259 -36.00 -17.22 -14.73
CA ASN B 259 -36.30 -18.59 -14.33
C ASN B 259 -36.36 -18.77 -12.82
N LEU B 260 -36.11 -17.73 -12.04
CA LEU B 260 -36.29 -17.78 -10.59
C LEU B 260 -37.48 -16.92 -10.14
N ALA B 261 -38.31 -16.46 -11.08
CA ALA B 261 -39.34 -15.47 -10.76
C ALA B 261 -40.44 -16.03 -9.87
N ALA B 262 -40.66 -17.35 -9.93
CA ALA B 262 -41.72 -17.95 -9.12
C ALA B 262 -41.31 -18.13 -7.67
N LEU B 263 -40.02 -18.30 -7.41
CA LEU B 263 -39.57 -18.69 -6.08
C LEU B 263 -39.84 -17.57 -5.06
N PRO B 264 -40.05 -17.93 -3.79
CA PRO B 264 -40.14 -16.90 -2.74
C PRO B 264 -38.85 -16.12 -2.65
N THR B 265 -38.95 -14.80 -2.71
CA THR B 265 -37.79 -13.93 -2.78
C THR B 265 -37.79 -12.95 -1.62
N VAL B 266 -36.69 -12.92 -0.88
CA VAL B 266 -36.45 -11.91 0.14
C VAL B 266 -35.53 -10.86 -0.49
N ALA B 267 -36.14 -9.81 -1.04
CA ALA B 267 -35.43 -8.82 -1.83
C ALA B 267 -35.12 -7.58 -1.00
N GLU B 268 -33.87 -7.11 -1.08
CA GLU B 268 -33.51 -5.80 -0.59
C GLU B 268 -34.10 -4.72 -1.51
N PRO B 269 -34.32 -3.51 -0.98
CA PRO B 269 -34.97 -2.47 -1.81
C PRO B 269 -34.20 -2.15 -3.08
N THR B 270 -32.85 -2.15 -3.05
CA THR B 270 -32.08 -1.93 -4.26
C THR B 270 -32.01 -3.15 -5.18
N ALA B 271 -32.44 -4.32 -4.74
CA ALA B 271 -32.39 -5.49 -5.61
C ALA B 271 -33.49 -5.40 -6.66
N PRO B 272 -33.19 -5.56 -7.94
CA PRO B 272 -34.26 -5.63 -8.94
C PRO B 272 -35.02 -6.94 -8.77
N ARG B 273 -36.34 -6.85 -8.80
CA ARG B 273 -37.17 -8.03 -8.56
C ARG B 273 -37.49 -8.73 -9.87
N SER B 274 -37.17 -10.02 -9.92
CA SER B 274 -37.43 -10.81 -11.10
C SER B 274 -38.89 -11.19 -11.25
N GLY B 275 -39.63 -11.30 -10.15
CA GLY B 275 -40.95 -11.89 -10.18
C GLY B 275 -41.95 -11.38 -9.18
N ASP B 276 -42.78 -12.29 -8.69
CA ASP B 276 -44.11 -11.99 -8.17
C ASP B 276 -44.38 -12.52 -6.77
N ASN B 277 -43.40 -13.19 -6.15
CA ASN B 277 -43.61 -13.95 -4.92
C ASN B 277 -42.74 -13.39 -3.81
N PRO B 278 -43.03 -12.19 -3.32
CA PRO B 278 -42.20 -11.59 -2.27
C PRO B 278 -42.30 -12.38 -0.97
N LEU B 279 -41.15 -12.59 -0.33
CA LEU B 279 -41.09 -13.17 1.01
C LEU B 279 -40.57 -12.12 1.96
N HIS B 280 -41.41 -11.71 2.91
CA HIS B 280 -41.01 -10.70 3.89
C HIS B 280 -39.81 -11.20 4.69
N PRO B 281 -38.81 -10.36 4.92
CA PRO B 281 -37.63 -10.81 5.67
C PRO B 281 -37.95 -11.35 7.06
N LEU B 282 -39.02 -10.89 7.71
CA LEU B 282 -39.37 -11.40 9.04
C LEU B 282 -40.09 -12.74 9.00
N ALA B 283 -40.60 -13.16 7.84
CA ALA B 283 -41.13 -14.51 7.71
C ALA B 283 -40.04 -15.56 7.50
N LEU B 284 -38.82 -15.14 7.19
CA LEU B 284 -37.76 -16.09 6.91
C LEU B 284 -37.45 -17.04 8.07
N PRO B 285 -37.29 -16.59 9.32
CA PRO B 285 -37.00 -17.55 10.40
C PRO B 285 -38.19 -18.40 10.81
N LEU B 286 -39.38 -18.13 10.29
CA LEU B 286 -40.54 -18.98 10.54
C LEU B 286 -40.73 -20.03 9.44
N LEU B 287 -39.74 -20.19 8.57
CA LEU B 287 -39.74 -21.20 7.53
C LEU B 287 -38.44 -21.99 7.63
N ARG B 288 -38.39 -23.10 6.90
CA ARG B 288 -37.23 -24.00 6.89
C ARG B 288 -36.86 -24.28 5.44
N PRO B 289 -36.16 -23.35 4.79
CA PRO B 289 -35.65 -23.63 3.44
C PRO B 289 -34.61 -24.72 3.46
N GLN B 290 -34.58 -25.51 2.39
CA GLN B 290 -33.56 -26.54 2.23
C GLN B 290 -32.43 -26.09 1.32
N GLN B 291 -32.53 -24.90 0.73
CA GLN B 291 -31.56 -24.45 -0.26
C GLN B 291 -31.84 -23.00 -0.59
N VAL B 292 -30.77 -22.24 -0.80
CA VAL B 292 -30.85 -20.79 -0.95
C VAL B 292 -30.14 -20.37 -2.23
N ILE B 293 -30.81 -19.57 -3.05
CA ILE B 293 -30.15 -18.91 -4.18
C ILE B 293 -29.90 -17.47 -3.80
N MET B 294 -28.63 -17.09 -3.72
CA MET B 294 -28.24 -15.75 -3.32
C MET B 294 -27.88 -14.92 -4.54
N LEU B 295 -28.54 -13.77 -4.68
CA LEU B 295 -28.35 -12.88 -5.82
C LEU B 295 -27.66 -11.61 -5.36
N GLY B 296 -26.48 -11.33 -5.93
CA GLY B 296 -25.82 -10.10 -5.59
C GLY B 296 -25.24 -10.14 -4.18
N ARG B 297 -25.11 -8.95 -3.58
CA ARG B 297 -24.46 -8.81 -2.28
C ARG B 297 -25.48 -8.39 -1.22
N PRO B 298 -26.00 -9.32 -0.43
CA PRO B 298 -26.94 -8.94 0.63
C PRO B 298 -26.21 -8.36 1.83
N THR B 299 -26.84 -7.38 2.46
CA THR B 299 -26.28 -6.72 3.63
C THR B 299 -27.29 -6.51 4.75
N LEU B 300 -28.56 -6.85 4.54
CA LEU B 300 -29.62 -6.50 5.47
C LEU B 300 -30.21 -7.75 6.13
N HIS B 301 -30.72 -7.53 7.35
CA HIS B 301 -31.51 -8.48 8.13
C HIS B 301 -30.63 -9.58 8.73
N ARG B 302 -30.57 -9.63 10.06
CA ARG B 302 -29.88 -10.71 10.74
C ARG B 302 -30.44 -12.09 10.39
N PRO B 303 -31.75 -12.29 10.26
CA PRO B 303 -32.24 -13.61 9.81
C PRO B 303 -31.72 -14.03 8.45
N VAL B 304 -31.34 -13.08 7.58
CA VAL B 304 -30.77 -13.44 6.29
C VAL B 304 -29.37 -14.03 6.48
N SER B 305 -28.54 -13.38 7.30
CA SER B 305 -27.16 -13.84 7.46
C SER B 305 -27.08 -15.14 8.27
N VAL B 306 -28.05 -15.37 9.14
CA VAL B 306 -28.11 -16.64 9.86
C VAL B 306 -28.34 -17.78 8.89
N LEU B 307 -29.41 -17.67 8.08
CA LEU B 307 -29.73 -18.70 7.11
C LEU B 307 -28.61 -18.89 6.10
N LEU B 308 -27.98 -17.79 5.66
CA LEU B 308 -26.87 -17.89 4.73
C LEU B 308 -25.68 -18.60 5.35
N ALA B 309 -25.56 -18.56 6.67
CA ALA B 309 -24.47 -19.18 7.40
C ALA B 309 -24.77 -20.61 7.81
N ASP B 310 -25.98 -21.11 7.58
CA ASP B 310 -26.40 -22.40 8.08
C ASP B 310 -25.75 -23.50 7.25
N ALA B 311 -24.81 -24.23 7.87
CA ALA B 311 -24.04 -25.26 7.17
C ALA B 311 -24.94 -26.28 6.48
N GLU B 312 -26.14 -26.52 7.00
CA GLU B 312 -27.02 -27.54 6.45
C GLU B 312 -27.87 -27.04 5.27
N VAL B 313 -27.71 -25.78 4.85
CA VAL B 313 -28.48 -25.22 3.76
C VAL B 313 -27.52 -24.91 2.61
N PRO B 314 -27.58 -25.64 1.49
CA PRO B 314 -26.78 -25.26 0.33
C PRO B 314 -27.15 -23.87 -0.16
N VAL B 315 -26.14 -23.04 -0.38
CA VAL B 315 -26.30 -21.66 -0.81
C VAL B 315 -25.58 -21.51 -2.14
N PHE B 316 -26.30 -21.09 -3.18
CA PHE B 316 -25.74 -20.82 -4.49
C PHE B 316 -25.71 -19.32 -4.70
N ALA B 317 -24.54 -18.80 -5.04
CA ALA B 317 -24.32 -17.35 -5.16
C ALA B 317 -24.27 -16.95 -6.63
N LEU B 318 -25.30 -16.24 -7.09
CA LEU B 318 -25.35 -15.75 -8.46
C LEU B 318 -25.06 -14.24 -8.46
N THR B 319 -23.97 -13.86 -9.12
CA THR B 319 -23.54 -12.47 -9.20
C THR B 319 -23.46 -12.05 -10.65
N THR B 320 -23.42 -10.74 -10.88
CA THR B 320 -23.21 -10.20 -12.22
C THR B 320 -21.76 -9.83 -12.48
N GLY B 321 -20.89 -10.00 -11.50
CA GLY B 321 -19.49 -9.69 -11.65
C GLY B 321 -18.59 -10.74 -11.01
N PRO B 322 -17.29 -10.51 -11.10
CA PRO B 322 -16.33 -11.54 -10.64
C PRO B 322 -16.38 -11.80 -9.14
N ARG B 323 -16.81 -10.84 -8.34
CA ARG B 323 -16.83 -11.08 -6.90
C ARG B 323 -18.09 -11.83 -6.48
N TRP B 324 -17.96 -12.62 -5.42
CA TRP B 324 -19.10 -13.31 -4.81
C TRP B 324 -18.98 -13.26 -3.29
N PRO B 325 -20.11 -13.14 -2.58
CA PRO B 325 -20.06 -13.06 -1.12
C PRO B 325 -20.25 -14.41 -0.44
N ASP B 326 -19.84 -14.47 0.83
CA ASP B 326 -20.15 -15.61 1.68
C ASP B 326 -20.39 -15.15 3.10
N VAL B 327 -21.31 -15.82 3.78
CA VAL B 327 -21.43 -15.73 5.23
C VAL B 327 -20.85 -17.03 5.79
N SER B 328 -19.73 -16.90 6.50
CA SER B 328 -19.09 -18.00 7.22
C SER B 328 -18.49 -19.04 6.29
N GLY B 329 -18.29 -18.70 5.01
CA GLY B 329 -17.76 -19.68 4.08
C GLY B 329 -18.74 -20.78 3.74
N ASN B 330 -20.03 -20.45 3.71
CA ASN B 330 -21.10 -21.42 3.50
C ASN B 330 -21.66 -21.38 2.07
N SER B 331 -20.92 -20.83 1.11
CA SER B 331 -21.39 -20.81 -0.28
C SER B 331 -20.89 -22.05 -1.01
N GLN B 332 -21.82 -22.87 -1.51
CA GLN B 332 -21.47 -24.14 -2.12
C GLN B 332 -20.98 -23.98 -3.55
N ALA B 333 -21.52 -23.00 -4.27
CA ALA B 333 -21.14 -22.77 -5.66
C ALA B 333 -21.48 -21.33 -6.00
N THR B 334 -20.81 -20.81 -7.04
CA THR B 334 -21.02 -19.44 -7.49
C THR B 334 -21.09 -19.42 -9.01
N GLY B 335 -22.06 -18.67 -9.53
CA GLY B 335 -22.21 -18.53 -10.97
C GLY B 335 -22.78 -17.19 -11.37
N THR B 336 -23.27 -17.09 -12.60
CA THR B 336 -23.93 -15.88 -13.08
C THR B 336 -25.39 -16.10 -13.45
N ARG B 337 -25.80 -17.33 -13.69
CA ARG B 337 -27.19 -17.65 -13.96
C ARG B 337 -27.43 -19.09 -13.55
N ALA B 338 -28.70 -19.46 -13.45
CA ALA B 338 -29.09 -20.80 -13.08
C ALA B 338 -29.59 -21.56 -14.31
N VAL B 339 -29.29 -22.85 -14.36
CA VAL B 339 -29.96 -23.80 -15.24
C VAL B 339 -30.80 -24.68 -14.33
N THR B 340 -32.12 -24.50 -14.40
CA THR B 340 -33.03 -25.02 -13.39
C THR B 340 -33.72 -26.28 -13.88
N THR B 341 -33.83 -27.26 -13.00
CA THR B 341 -34.67 -28.42 -13.22
C THR B 341 -35.71 -28.49 -12.11
N GLY B 342 -36.85 -29.09 -12.42
CA GLY B 342 -37.87 -29.21 -11.41
C GLY B 342 -38.58 -27.90 -11.14
N ALA B 343 -39.51 -27.97 -10.19
CA ALA B 343 -40.30 -26.80 -9.79
C ALA B 343 -40.53 -26.87 -8.30
N PRO B 344 -40.74 -25.73 -7.65
CA PRO B 344 -41.01 -25.76 -6.20
C PRO B 344 -42.35 -26.41 -5.92
N ARG B 345 -42.42 -27.10 -4.77
CA ARG B 345 -43.66 -27.70 -4.33
C ARG B 345 -44.75 -26.65 -4.23
N PRO B 346 -45.99 -26.96 -4.63
CA PRO B 346 -47.09 -26.03 -4.34
C PRO B 346 -47.22 -25.72 -2.86
N ALA B 347 -47.14 -26.74 -2.01
CA ALA B 347 -47.29 -26.55 -0.58
C ALA B 347 -46.20 -25.65 -0.01
N TRP B 348 -45.00 -25.71 -0.59
CA TRP B 348 -43.94 -24.81 -0.15
C TRP B 348 -44.19 -23.38 -0.63
N LEU B 349 -44.68 -23.22 -1.85
CA LEU B 349 -45.00 -21.88 -2.35
C LEU B 349 -46.14 -21.26 -1.55
N ASP B 350 -47.18 -22.05 -1.29
CA ASP B 350 -48.29 -21.55 -0.48
C ASP B 350 -47.82 -21.19 0.93
N ARG B 351 -47.00 -22.06 1.55
CA ARG B 351 -46.61 -21.86 2.94
C ARG B 351 -45.81 -20.57 3.11
N CYS B 352 -44.89 -20.29 2.20
CA CYS B 352 -44.14 -19.05 2.26
C CYS B 352 -45.06 -17.86 2.04
N ALA B 353 -45.98 -17.98 1.09
CA ALA B 353 -46.92 -16.89 0.81
C ALA B 353 -47.78 -16.59 2.03
N ALA B 354 -48.15 -17.63 2.78
CA ALA B 354 -48.92 -17.42 4.00
C ALA B 354 -48.09 -16.74 5.07
N MET B 355 -46.84 -17.20 5.27
CA MET B 355 -45.99 -16.56 6.26
C MET B 355 -45.65 -15.13 5.86
N ASN B 356 -45.50 -14.88 4.55
CA ASN B 356 -45.33 -13.53 4.06
C ASN B 356 -46.50 -12.64 4.48
N ARG B 357 -47.73 -13.13 4.28
CA ARG B 357 -48.91 -12.38 4.66
C ARG B 357 -48.92 -12.08 6.17
N HIS B 358 -48.61 -13.10 6.99
CA HIS B 358 -48.55 -12.90 8.45
C HIS B 358 -47.58 -11.79 8.84
N ALA B 359 -46.39 -11.78 8.25
CA ALA B 359 -45.40 -10.77 8.60
C ALA B 359 -45.88 -9.38 8.26
N ILE B 360 -46.41 -9.21 7.04
CA ILE B 360 -46.89 -7.90 6.62
C ILE B 360 -48.07 -7.45 7.49
N ALA B 361 -48.96 -8.39 7.84
CA ALA B 361 -50.10 -8.06 8.69
C ALA B 361 -49.65 -7.67 10.09
N ALA B 362 -48.70 -8.42 10.66
CA ALA B 362 -48.15 -8.06 11.96
C ALA B 362 -47.59 -6.65 11.93
N VAL B 363 -46.95 -6.26 10.83
CA VAL B 363 -46.34 -4.94 10.74
C VAL B 363 -47.40 -3.85 10.65
N ARG B 364 -48.34 -4.00 9.71
CA ARG B 364 -49.40 -2.99 9.57
C ARG B 364 -50.21 -2.87 10.84
N GLU B 365 -50.57 -4.01 11.44
CA GLU B 365 -51.45 -3.99 12.60
C GLU B 365 -50.73 -3.52 13.87
N GLN B 366 -49.47 -3.90 14.07
CA GLN B 366 -48.75 -3.41 15.23
C GLN B 366 -48.41 -1.93 15.08
N LEU B 367 -48.13 -1.48 13.85
CA LEU B 367 -47.87 -0.06 13.63
C LEU B 367 -49.11 0.77 13.96
N ALA B 368 -50.28 0.31 13.50
CA ALA B 368 -51.52 1.02 13.79
C ALA B 368 -51.76 1.12 15.29
N ALA B 369 -51.53 0.03 16.02
CA ALA B 369 -51.78 0.03 17.46
C ALA B 369 -50.75 0.85 18.23
N HIS B 370 -49.65 1.21 17.60
CA HIS B 370 -48.57 1.89 18.32
C HIS B 370 -48.95 3.35 18.55
N PRO B 371 -48.68 3.89 19.74
CA PRO B 371 -49.12 5.27 20.04
C PRO B 371 -48.25 6.34 19.39
N LEU B 372 -46.95 6.14 19.33
CA LEU B 372 -46.04 7.15 18.79
C LEU B 372 -45.65 6.85 17.35
N THR B 373 -45.25 7.91 16.64
CA THR B 373 -44.72 7.77 15.29
C THR B 373 -43.22 7.44 15.35
N THR B 374 -42.83 6.40 14.61
CA THR B 374 -41.45 5.98 14.51
C THR B 374 -40.99 6.04 13.05
N GLY B 375 -39.70 5.76 12.85
CA GLY B 375 -39.18 5.74 11.50
C GLY B 375 -39.82 4.67 10.65
N LEU B 376 -40.23 3.56 11.27
CA LEU B 376 -40.96 2.53 10.54
C LEU B 376 -42.31 3.06 10.02
N HIS B 377 -42.96 3.94 10.78
CA HIS B 377 -44.19 4.56 10.30
C HIS B 377 -43.92 5.45 9.10
N VAL B 378 -42.87 6.27 9.18
CA VAL B 378 -42.53 7.16 8.07
C VAL B 378 -42.22 6.36 6.81
N ALA B 379 -41.42 5.30 6.95
CA ALA B 379 -41.07 4.45 5.80
C ALA B 379 -42.30 3.79 5.20
N ALA B 380 -43.25 3.36 6.03
CA ALA B 380 -44.51 2.83 5.50
C ALA B 380 -45.27 3.89 4.72
N ALA B 381 -45.29 5.13 5.23
CA ALA B 381 -46.00 6.20 4.53
C ALA B 381 -45.35 6.52 3.19
N VAL B 382 -44.02 6.62 3.18
CA VAL B 382 -43.28 6.87 1.95
C VAL B 382 -43.55 5.76 0.94
N SER B 383 -43.57 4.50 1.41
CA SER B 383 -43.78 3.38 0.48
C SER B 383 -45.13 3.47 -0.19
N HIS B 384 -46.17 3.82 0.55
N HIS B 384 -46.17 3.80 0.57
CA HIS B 384 -47.50 3.82 -0.05
CA HIS B 384 -47.52 3.87 0.02
C HIS B 384 -47.69 4.99 -1.00
C HIS B 384 -47.64 4.97 -1.02
N ALA B 385 -46.92 6.07 -0.83
CA ALA B 385 -47.05 7.25 -1.69
C ALA B 385 -46.15 7.20 -2.93
N LEU B 386 -45.49 6.07 -3.18
CA LEU B 386 -44.60 5.95 -4.34
C LEU B 386 -45.38 5.49 -5.58
N ARG B 387 -45.09 6.12 -6.71
CA ARG B 387 -45.66 5.73 -7.99
C ARG B 387 -44.58 5.17 -8.91
N PRO B 388 -44.93 4.31 -9.87
CA PRO B 388 -43.94 3.90 -10.86
C PRO B 388 -43.38 5.09 -11.61
N GLY B 389 -42.13 4.98 -12.03
CA GLY B 389 -41.38 6.10 -12.55
C GLY B 389 -40.60 6.86 -11.50
N ASP B 390 -40.96 6.71 -10.23
CA ASP B 390 -40.23 7.37 -9.15
C ASP B 390 -38.84 6.75 -8.97
N GLN B 391 -37.93 7.58 -8.46
CA GLN B 391 -36.64 7.14 -7.96
C GLN B 391 -36.63 7.32 -6.45
N LEU B 392 -36.30 6.24 -5.74
CA LEU B 392 -36.27 6.22 -4.29
C LEU B 392 -34.81 6.09 -3.84
N VAL B 393 -34.34 7.06 -3.06
CA VAL B 393 -32.99 7.05 -2.51
C VAL B 393 -33.13 6.77 -1.03
N LEU B 394 -32.53 5.67 -0.57
CA LEU B 394 -32.67 5.23 0.80
C LEU B 394 -31.35 5.44 1.54
N GLY B 395 -31.43 6.15 2.67
CA GLY B 395 -30.28 6.26 3.55
C GLY B 395 -30.00 4.94 4.24
N ALA B 396 -28.79 4.82 4.78
CA ALA B 396 -28.47 3.65 5.60
C ALA B 396 -29.19 3.73 6.94
N SER B 397 -28.79 2.90 7.89
CA SER B 397 -29.42 2.80 9.23
C SER B 397 -30.79 2.14 9.07
N ASN B 398 -31.82 2.62 9.76
CA ASN B 398 -33.17 2.02 9.73
C ASN B 398 -33.92 2.25 8.42
N PRO B 399 -33.86 3.46 7.81
CA PRO B 399 -34.68 3.70 6.60
C PRO B 399 -34.58 2.63 5.53
N VAL B 400 -33.38 2.15 5.18
CA VAL B 400 -33.33 1.16 4.11
C VAL B 400 -33.92 -0.17 4.59
N ARG B 401 -33.78 -0.48 5.89
CA ARG B 401 -34.41 -1.67 6.44
C ARG B 401 -35.92 -1.46 6.60
N ASP B 402 -36.31 -0.34 7.23
CA ASP B 402 -37.73 -0.12 7.52
C ASP B 402 -38.58 -0.19 6.26
N VAL B 403 -38.03 0.27 5.13
CA VAL B 403 -38.74 0.20 3.86
C VAL B 403 -38.97 -1.24 3.46
N ALA B 404 -37.99 -2.12 3.71
CA ALA B 404 -38.19 -3.54 3.48
C ALA B 404 -39.19 -4.14 4.47
N LEU B 405 -39.13 -3.71 5.73
CA LEU B 405 -40.09 -4.20 6.72
C LEU B 405 -41.51 -3.80 6.36
N ALA B 406 -41.67 -2.68 5.64
CA ALA B 406 -42.99 -2.19 5.22
C ALA B 406 -43.49 -2.86 3.95
N GLY B 407 -42.75 -3.84 3.41
CA GLY B 407 -43.24 -4.58 2.26
C GLY B 407 -43.34 -3.76 1.00
N LEU B 408 -42.50 -2.74 0.84
CA LEU B 408 -42.51 -1.94 -0.38
C LEU B 408 -42.34 -2.83 -1.60
N ASP B 409 -43.25 -2.67 -2.56
CA ASP B 409 -43.11 -3.31 -3.87
C ASP B 409 -42.26 -2.38 -4.73
N THR B 410 -41.04 -2.81 -5.03
CA THR B 410 -40.11 -1.95 -5.72
C THR B 410 -40.26 -1.99 -7.23
N ARG B 411 -41.10 -2.87 -7.75
CA ARG B 411 -41.26 -2.97 -9.20
C ARG B 411 -41.82 -1.66 -9.76
N GLY B 412 -41.24 -1.22 -10.87
CA GLY B 412 -41.54 0.08 -11.45
C GLY B 412 -40.77 1.23 -10.84
N ILE B 413 -40.08 0.99 -9.72
CA ILE B 413 -39.34 2.00 -8.99
C ILE B 413 -37.85 1.76 -9.21
N ARG B 414 -37.09 2.85 -9.26
CA ARG B 414 -35.64 2.77 -9.25
C ARG B 414 -35.17 3.14 -7.85
N VAL B 415 -34.58 2.19 -7.14
CA VAL B 415 -34.16 2.38 -5.76
C VAL B 415 -32.64 2.47 -5.71
N ARG B 416 -32.13 3.51 -5.06
CA ARG B 416 -30.70 3.72 -4.87
C ARG B 416 -30.37 3.73 -3.39
N SER B 417 -29.21 3.20 -3.04
CA SER B 417 -28.67 3.32 -1.68
C SER B 417 -27.20 2.93 -1.72
N ASN B 418 -26.39 3.62 -0.91
CA ASN B 418 -24.96 3.33 -0.87
C ASN B 418 -24.67 2.09 -0.01
N ARG B 419 -25.19 0.94 -0.48
CA ARG B 419 -24.93 -0.33 0.20
C ARG B 419 -23.48 -0.78 0.07
N GLY B 420 -22.66 -0.13 -0.75
CA GLY B 420 -21.28 -0.51 -0.91
C GLY B 420 -20.56 -0.64 0.41
N VAL B 421 -20.52 0.44 1.18
CA VAL B 421 -19.95 0.41 2.52
C VAL B 421 -20.96 0.85 3.59
N ALA B 422 -22.17 1.22 3.19
CA ALA B 422 -23.26 1.49 4.13
C ALA B 422 -22.97 2.68 5.03
N GLY B 423 -22.26 3.68 4.51
CA GLY B 423 -22.01 4.87 5.28
C GLY B 423 -23.28 5.69 5.51
N ILE B 424 -23.28 6.46 6.60
CA ILE B 424 -24.28 7.51 6.74
C ILE B 424 -23.77 8.84 6.22
N ASP B 425 -22.55 8.87 5.68
CA ASP B 425 -21.98 10.06 5.10
C ASP B 425 -22.44 10.21 3.65
N GLY B 426 -22.50 11.46 3.18
CA GLY B 426 -22.75 11.77 1.78
C GLY B 426 -24.11 11.40 1.19
N THR B 427 -25.15 11.18 2.00
CA THR B 427 -26.41 10.70 1.43
C THR B 427 -27.24 11.83 0.81
N VAL B 428 -27.10 13.06 1.32
CA VAL B 428 -27.86 14.17 0.74
C VAL B 428 -27.37 14.47 -0.67
N SER B 429 -26.04 14.56 -0.85
CA SER B 429 -25.47 14.76 -2.17
C SER B 429 -25.65 13.57 -3.10
N THR B 430 -25.79 12.36 -2.55
CA THR B 430 -26.11 11.20 -3.40
C THR B 430 -27.52 11.34 -3.97
N ALA B 431 -28.48 11.73 -3.13
CA ALA B 431 -29.85 11.91 -3.61
C ALA B 431 -29.93 13.06 -4.61
N ILE B 432 -29.20 14.14 -4.37
CA ILE B 432 -29.21 15.28 -5.28
C ILE B 432 -28.62 14.88 -6.62
N GLY B 433 -27.46 14.21 -6.60
CA GLY B 433 -26.84 13.79 -7.85
C GLY B 433 -27.70 12.79 -8.59
N ALA B 434 -28.36 11.89 -7.85
CA ALA B 434 -29.20 10.89 -8.51
C ALA B 434 -30.41 11.54 -9.17
N ALA B 435 -30.98 12.58 -8.53
CA ALA B 435 -32.14 13.25 -9.12
C ALA B 435 -31.73 14.04 -10.35
N LEU B 436 -30.60 14.75 -10.27
CA LEU B 436 -30.09 15.47 -11.43
C LEU B 436 -29.89 14.54 -12.62
N ALA B 437 -29.27 13.37 -12.40
CA ALA B 437 -28.98 12.48 -13.51
C ALA B 437 -30.24 11.79 -14.03
N TYR B 438 -31.13 11.39 -13.12
CA TYR B 438 -32.37 10.75 -13.54
C TYR B 438 -33.27 11.74 -14.28
N GLU B 439 -33.37 12.98 -13.79
CA GLU B 439 -34.11 14.01 -14.51
C GLU B 439 -33.44 14.36 -15.84
N GLY B 440 -32.10 14.43 -15.85
CA GLY B 440 -31.40 14.66 -17.10
C GLY B 440 -31.66 13.58 -18.12
N ALA B 441 -31.69 12.32 -17.69
CA ALA B 441 -32.08 11.24 -18.59
C ALA B 441 -33.49 11.48 -19.15
N HIS B 442 -34.41 11.89 -18.30
CA HIS B 442 -35.79 12.06 -18.75
C HIS B 442 -35.92 13.26 -19.66
N GLU B 443 -35.30 14.40 -19.31
CA GLU B 443 -35.38 15.53 -20.22
C GLU B 443 -34.78 15.19 -21.57
N ARG B 444 -33.78 14.30 -21.58
CA ARG B 444 -33.16 13.82 -22.82
C ARG B 444 -34.08 12.92 -23.61
N THR B 445 -35.08 12.29 -22.98
CA THR B 445 -35.97 11.45 -23.74
C THR B 445 -36.88 12.27 -24.66
N GLY B 446 -36.91 13.59 -24.51
CA GLY B 446 -37.76 14.44 -25.30
C GLY B 446 -39.20 14.48 -24.87
N SER B 447 -39.61 13.62 -23.94
CA SER B 447 -41.00 13.57 -23.48
C SER B 447 -41.43 14.95 -22.99
N PRO B 448 -42.54 15.47 -23.45
CA PRO B 448 -43.12 16.65 -22.81
C PRO B 448 -43.91 16.21 -21.59
N ASP B 449 -43.22 15.99 -20.48
CA ASP B 449 -43.88 15.60 -19.26
C ASP B 449 -43.04 16.08 -18.08
N SER B 450 -43.71 16.38 -16.98
CA SER B 450 -42.99 16.78 -15.78
C SER B 450 -41.96 15.71 -15.43
N PRO B 451 -40.77 16.11 -14.97
CA PRO B 451 -39.73 15.11 -14.69
C PRO B 451 -40.17 14.15 -13.58
N PRO B 452 -39.64 12.94 -13.59
CA PRO B 452 -40.01 11.98 -12.54
C PRO B 452 -39.56 12.46 -11.18
N ARG B 453 -40.29 12.06 -10.15
CA ARG B 453 -39.95 12.44 -8.79
C ARG B 453 -38.78 11.61 -8.29
N THR B 454 -37.89 12.25 -7.54
CA THR B 454 -36.91 11.56 -6.72
C THR B 454 -37.27 11.81 -5.26
N ILE B 455 -37.62 10.74 -4.54
CA ILE B 455 -37.95 10.81 -3.13
C ILE B 455 -36.85 10.12 -2.35
N ALA B 456 -36.25 10.82 -1.40
CA ALA B 456 -35.25 10.26 -0.50
C ALA B 456 -35.85 10.07 0.88
N LEU B 457 -35.45 8.99 1.55
CA LEU B 457 -35.80 8.76 2.95
C LEU B 457 -34.52 8.50 3.72
N ILE B 458 -34.19 9.40 4.65
CA ILE B 458 -32.94 9.33 5.41
C ILE B 458 -33.21 9.64 6.87
N GLY B 459 -32.30 9.18 7.73
CA GLY B 459 -32.41 9.48 9.14
C GLY B 459 -31.95 10.88 9.47
N ASP B 460 -32.21 11.28 10.71
CA ASP B 460 -31.77 12.59 11.15
C ASP B 460 -30.24 12.66 11.23
N LEU B 461 -29.60 11.61 11.74
CA LEU B 461 -28.15 11.60 11.78
C LEU B 461 -27.57 11.68 10.37
N THR B 462 -28.14 10.89 9.46
CA THR B 462 -27.66 10.90 8.08
C THR B 462 -27.82 12.29 7.46
N PHE B 463 -28.94 12.96 7.76
CA PHE B 463 -29.16 14.31 7.27
C PHE B 463 -28.09 15.28 7.79
N VAL B 464 -27.85 15.28 9.10
CA VAL B 464 -26.87 16.21 9.66
C VAL B 464 -25.48 15.91 9.11
N HIS B 465 -25.17 14.63 8.95
CA HIS B 465 -23.85 14.22 8.45
C HIS B 465 -23.51 14.91 7.13
N ASP B 466 -24.46 14.98 6.21
CA ASP B 466 -24.24 15.59 4.90
C ASP B 466 -25.05 16.86 4.74
N SER B 467 -25.20 17.62 5.83
CA SER B 467 -25.99 18.84 5.78
C SER B 467 -25.41 19.83 4.77
N SER B 468 -24.08 19.92 4.70
CA SER B 468 -23.43 20.84 3.77
C SER B 468 -23.61 20.44 2.31
N GLY B 469 -24.16 19.26 2.02
CA GLY B 469 -24.58 18.96 0.67
C GLY B 469 -25.76 19.79 0.20
N LEU B 470 -26.46 20.47 1.11
CA LEU B 470 -27.60 21.30 0.75
C LEU B 470 -27.19 22.66 0.21
N LEU B 471 -25.92 23.02 0.29
CA LEU B 471 -25.45 24.33 -0.14
C LEU B 471 -25.05 24.25 -1.61
N ILE B 472 -25.93 24.72 -2.49
CA ILE B 472 -25.69 24.71 -3.93
C ILE B 472 -25.80 26.14 -4.44
N GLY B 473 -24.71 26.64 -5.02
CA GLY B 473 -24.69 27.98 -5.55
C GLY B 473 -25.69 28.15 -6.67
N PRO B 474 -26.14 29.38 -6.90
CA PRO B 474 -27.08 29.63 -8.01
C PRO B 474 -26.46 29.34 -9.38
N THR B 475 -25.13 29.29 -9.46
CA THR B 475 -24.44 28.93 -10.69
C THR B 475 -24.54 27.44 -11.04
N GLU B 476 -25.06 26.61 -10.14
CA GLU B 476 -24.91 25.18 -10.29
C GLU B 476 -26.26 24.49 -10.58
N PRO B 477 -26.23 23.28 -11.15
CA PRO B 477 -27.48 22.56 -11.41
C PRO B 477 -28.18 22.16 -10.12
N ILE B 478 -29.49 22.35 -10.11
CA ILE B 478 -30.33 22.05 -8.96
C ILE B 478 -31.43 21.11 -9.42
N PRO B 479 -31.77 20.08 -8.63
CA PRO B 479 -32.86 19.19 -9.04
C PRO B 479 -34.17 19.94 -9.20
N ARG B 480 -35.01 19.43 -10.11
CA ARG B 480 -36.33 20.00 -10.33
C ARG B 480 -37.42 19.27 -9.55
N SER B 481 -37.20 18.03 -9.13
CA SER B 481 -38.25 17.32 -8.40
C SER B 481 -37.63 16.38 -7.37
N LEU B 482 -36.84 16.94 -6.46
CA LEU B 482 -36.24 16.18 -5.39
C LEU B 482 -36.92 16.53 -4.08
N THR B 483 -37.40 15.50 -3.38
CA THR B 483 -37.92 15.63 -2.02
C THR B 483 -37.11 14.71 -1.11
N ILE B 484 -36.58 15.27 -0.04
CA ILE B 484 -35.83 14.52 0.96
C ILE B 484 -36.69 14.41 2.21
N VAL B 485 -37.22 13.23 2.47
CA VAL B 485 -37.95 12.98 3.71
C VAL B 485 -36.94 12.64 4.81
N VAL B 486 -36.92 13.45 5.86
CA VAL B 486 -36.03 13.24 6.99
C VAL B 486 -36.88 12.71 8.14
N SER B 487 -36.68 11.44 8.48
CA SER B 487 -37.28 10.82 9.66
C SER B 487 -36.40 11.14 10.86
N ASN B 488 -36.86 12.03 11.72
CA ASN B 488 -36.05 12.64 12.77
C ASN B 488 -36.51 12.11 14.14
N ASP B 489 -35.82 11.08 14.63
CA ASP B 489 -36.02 10.62 16.00
C ASP B 489 -34.86 11.02 16.89
N ASN B 490 -34.15 12.09 16.54
CA ASN B 490 -33.17 12.74 17.41
C ASN B 490 -32.14 11.74 17.93
N GLY B 491 -31.51 11.03 17.01
CA GLY B 491 -30.47 10.08 17.31
C GLY B 491 -30.57 8.88 16.41
N GLY B 492 -29.79 7.86 16.72
CA GLY B 492 -29.69 6.69 15.86
C GLY B 492 -30.60 5.56 16.31
N GLY B 493 -31.75 5.43 15.66
CA GLY B 493 -32.76 4.50 16.14
C GLY B 493 -32.35 3.05 16.00
N ILE B 494 -31.50 2.75 15.00
CA ILE B 494 -31.13 1.36 14.72
C ILE B 494 -30.50 0.69 15.93
N PHE B 495 -29.89 1.48 16.82
CA PHE B 495 -29.21 0.92 17.97
C PHE B 495 -30.15 0.53 19.10
N GLU B 496 -31.34 1.14 19.16
CA GLU B 496 -32.37 0.63 20.06
C GLU B 496 -32.73 -0.81 19.74
N LEU B 497 -32.49 -1.26 18.51
CA LEU B 497 -32.82 -2.60 18.04
C LEU B 497 -31.66 -3.58 18.17
N LEU B 498 -30.49 -3.12 18.59
CA LEU B 498 -29.33 -3.99 18.70
C LEU B 498 -29.13 -4.40 20.15
N GLU B 499 -28.14 -5.26 20.38
CA GLU B 499 -27.88 -5.77 21.71
C GLU B 499 -27.60 -4.66 22.71
N GLN B 500 -27.04 -3.55 22.25
CA GLN B 500 -26.82 -2.41 23.14
C GLN B 500 -28.09 -1.62 23.40
N GLY B 501 -29.18 -1.94 22.71
CA GLY B 501 -30.48 -1.37 23.01
C GLY B 501 -31.26 -2.10 24.06
N ASP B 502 -30.70 -3.17 24.62
CA ASP B 502 -31.37 -3.90 25.68
C ASP B 502 -31.52 -3.01 26.92
N PRO B 503 -32.58 -3.19 27.70
CA PRO B 503 -32.78 -2.34 28.89
C PRO B 503 -31.63 -2.38 29.89
N ARG B 504 -30.85 -3.46 29.93
CA ARG B 504 -29.74 -3.53 30.87
C ARG B 504 -28.63 -2.53 30.55
N PHE B 505 -28.71 -1.86 29.40
CA PHE B 505 -27.76 -0.83 29.03
C PHE B 505 -28.40 0.56 29.02
N SER B 506 -29.63 0.68 29.52
CA SER B 506 -30.34 1.96 29.49
C SER B 506 -29.53 3.07 30.12
N ASP B 507 -28.76 2.76 31.18
CA ASP B 507 -28.00 3.79 31.88
C ASP B 507 -26.99 4.47 30.96
N VAL B 508 -26.35 3.70 30.08
CA VAL B 508 -25.19 4.20 29.34
C VAL B 508 -25.42 4.28 27.83
N SER B 509 -26.42 3.59 27.29
CA SER B 509 -26.54 3.53 25.83
C SER B 509 -27.03 4.84 25.22
N SER B 510 -27.74 5.66 25.99
CA SER B 510 -28.31 6.90 25.45
C SER B 510 -27.23 7.78 24.85
N ARG B 511 -26.12 7.95 25.57
CA ARG B 511 -25.12 8.92 25.16
C ARG B 511 -24.24 8.38 24.03
N ILE B 512 -23.78 7.14 24.14
CA ILE B 512 -22.78 6.59 23.22
C ILE B 512 -23.37 5.83 22.04
N PHE B 513 -24.67 5.58 22.03
CA PHE B 513 -25.29 5.00 20.84
C PHE B 513 -26.48 5.80 20.36
N GLY B 514 -27.35 6.25 21.28
CA GLY B 514 -28.44 7.14 20.88
C GLY B 514 -27.94 8.43 20.25
N THR B 515 -26.95 9.05 20.86
CA THR B 515 -26.38 10.33 20.43
C THR B 515 -27.42 11.37 20.03
N PRO B 516 -28.27 11.82 20.96
CA PRO B 516 -29.19 12.92 20.62
C PRO B 516 -28.43 14.20 20.38
N HIS B 517 -29.02 15.07 19.56
CA HIS B 517 -28.29 16.24 19.07
C HIS B 517 -29.13 17.52 19.18
N ASP B 518 -30.45 17.37 19.12
CA ASP B 518 -31.38 18.50 19.26
C ASP B 518 -31.18 19.53 18.14
N VAL B 519 -30.99 19.05 16.93
CA VAL B 519 -30.78 19.95 15.81
C VAL B 519 -32.12 20.48 15.32
N ASP B 520 -32.20 21.80 15.15
CA ASP B 520 -33.36 22.45 14.52
C ASP B 520 -33.22 22.27 13.01
N VAL B 521 -33.88 21.24 12.47
CA VAL B 521 -33.76 20.94 11.05
C VAL B 521 -34.37 22.05 10.20
N GLY B 522 -35.49 22.63 10.66
CA GLY B 522 -36.11 23.70 9.91
C GLY B 522 -35.18 24.87 9.69
N ALA B 523 -34.49 25.30 10.77
CA ALA B 523 -33.57 26.42 10.64
C ALA B 523 -32.40 26.09 9.74
N LEU B 524 -31.97 24.82 9.74
CA LEU B 524 -30.85 24.42 8.90
C LEU B 524 -31.20 24.55 7.43
N CYS B 525 -32.38 24.07 7.04
CA CYS B 525 -32.87 24.30 5.69
C CYS B 525 -33.03 25.79 5.40
N ARG B 526 -33.61 26.55 6.34
CA ARG B 526 -33.71 27.99 6.17
C ARG B 526 -32.36 28.61 5.82
N ALA B 527 -31.30 28.16 6.48
CA ALA B 527 -29.99 28.77 6.30
C ALA B 527 -29.47 28.59 4.89
N TYR B 528 -29.65 27.40 4.32
CA TYR B 528 -29.21 27.13 2.95
C TYR B 528 -30.28 27.47 1.90
N HIS B 529 -31.33 28.19 2.28
CA HIS B 529 -32.38 28.60 1.33
C HIS B 529 -33.05 27.40 0.67
N VAL B 530 -33.31 26.37 1.48
CA VAL B 530 -33.93 25.13 1.02
C VAL B 530 -35.32 25.06 1.63
N GLU B 531 -36.33 24.96 0.76
CA GLU B 531 -37.69 24.81 1.23
C GLU B 531 -37.81 23.57 2.11
N SER B 532 -38.51 23.72 3.23
CA SER B 532 -38.71 22.61 4.14
C SER B 532 -40.00 22.82 4.91
N ARG B 533 -40.61 21.71 5.33
CA ARG B 533 -41.82 21.75 6.11
C ARG B 533 -41.76 20.61 7.11
N GLN B 534 -42.35 20.83 8.28
CA GLN B 534 -42.43 19.81 9.31
C GLN B 534 -43.88 19.33 9.40
N ILE B 535 -44.11 18.05 9.10
CA ILE B 535 -45.45 17.51 9.02
C ILE B 535 -45.51 16.23 9.85
N GLU B 536 -46.74 15.80 10.13
CA GLU B 536 -46.98 14.52 10.78
C GLU B 536 -47.07 13.42 9.73
N VAL B 537 -46.92 12.18 10.20
CA VAL B 537 -46.75 11.05 9.28
C VAL B 537 -47.97 10.89 8.37
N ASP B 538 -49.17 11.20 8.87
CA ASP B 538 -50.37 11.03 8.05
C ASP B 538 -50.43 12.07 6.93
N GLU B 539 -49.82 13.23 7.12
CA GLU B 539 -49.78 14.24 6.06
C GLU B 539 -48.67 14.00 5.05
N LEU B 540 -47.79 13.02 5.30
CA LEU B 540 -46.61 12.84 4.45
C LEU B 540 -47.00 12.50 3.02
N GLY B 541 -47.88 11.51 2.84
CA GLY B 541 -48.39 11.14 1.54
C GLY B 541 -48.94 12.30 0.73
N PRO B 542 -49.98 12.97 1.25
CA PRO B 542 -50.55 14.10 0.50
C PRO B 542 -49.57 15.22 0.25
N THR B 543 -48.67 15.49 1.21
CA THR B 543 -47.63 16.50 0.98
C THR B 543 -46.74 16.11 -0.20
N LEU B 544 -46.33 14.84 -0.25
CA LEU B 544 -45.55 14.37 -1.40
C LEU B 544 -46.36 14.45 -2.68
N ASP B 545 -47.68 14.30 -2.58
CA ASP B 545 -48.53 14.34 -3.77
C ASP B 545 -48.62 15.74 -4.37
N GLN B 546 -48.41 16.79 -3.56
CA GLN B 546 -48.39 18.17 -4.03
C GLN B 546 -46.95 18.61 -4.23
N PRO B 547 -46.59 19.14 -5.40
CA PRO B 547 -45.21 19.61 -5.60
C PRO B 547 -44.96 20.96 -4.94
N GLY B 548 -43.68 21.21 -4.68
CA GLY B 548 -43.21 22.49 -4.16
C GLY B 548 -41.98 22.95 -4.90
N ALA B 549 -40.94 23.36 -4.16
CA ALA B 549 -39.68 23.69 -4.79
C ALA B 549 -39.04 22.45 -5.41
N GLY B 550 -38.12 22.69 -6.35
CA GLY B 550 -37.39 21.58 -6.95
C GLY B 550 -36.65 20.76 -5.92
N MET B 551 -36.07 21.42 -4.91
CA MET B 551 -35.46 20.76 -3.76
C MET B 551 -36.25 21.13 -2.51
N ARG B 552 -36.70 20.11 -1.77
CA ARG B 552 -37.43 20.37 -0.55
C ARG B 552 -37.17 19.25 0.44
N VAL B 553 -37.28 19.59 1.72
CA VAL B 553 -37.05 18.67 2.82
C VAL B 553 -38.36 18.55 3.60
N LEU B 554 -38.86 17.34 3.74
CA LEU B 554 -40.01 17.07 4.59
C LEU B 554 -39.51 16.41 5.87
N GLU B 555 -39.69 17.08 6.99
CA GLU B 555 -39.29 16.56 8.28
C GLU B 555 -40.50 15.98 9.00
N VAL B 556 -40.37 14.74 9.45
CA VAL B 556 -41.36 14.08 10.28
C VAL B 556 -40.66 13.73 11.59
N LYS B 557 -41.02 14.44 12.66
CA LYS B 557 -40.51 14.10 13.98
C LYS B 557 -40.98 12.69 14.34
N ALA B 558 -40.07 11.90 14.92
CA ALA B 558 -40.35 10.52 15.25
C ALA B 558 -39.78 10.17 16.61
N ASP B 559 -40.28 9.09 17.20
CA ASP B 559 -39.83 8.62 18.50
C ASP B 559 -39.01 7.36 18.33
N ARG B 560 -37.93 7.24 19.09
CA ARG B 560 -37.14 6.02 19.10
C ARG B 560 -37.10 5.31 20.45
N SER B 561 -37.57 5.96 21.52
CA SER B 561 -37.59 5.31 22.83
C SER B 561 -38.53 4.11 22.86
N SER B 562 -39.53 4.07 21.98
CA SER B 562 -40.45 2.95 21.90
C SER B 562 -40.15 2.04 20.69
N LEU B 563 -39.03 2.26 20.00
CA LEU B 563 -38.72 1.46 18.81
C LEU B 563 -38.54 0.00 19.15
N ARG B 564 -37.73 -0.30 20.18
CA ARG B 564 -37.50 -1.69 20.58
C ARG B 564 -38.81 -2.38 20.96
N GLN B 565 -39.68 -1.68 21.70
CA GLN B 565 -40.95 -2.29 22.06
C GLN B 565 -41.82 -2.53 20.84
N LEU B 566 -41.83 -1.59 19.89
CA LEU B 566 -42.61 -1.77 18.67
C LEU B 566 -42.16 -2.99 17.90
N HIS B 567 -40.87 -3.09 17.60
CA HIS B 567 -40.35 -4.26 16.92
C HIS B 567 -40.65 -5.54 17.72
N ALA B 568 -40.57 -5.46 19.04
CA ALA B 568 -40.90 -6.62 19.87
C ALA B 568 -42.35 -7.05 19.65
N ALA B 569 -43.28 -6.10 19.61
CA ALA B 569 -44.67 -6.43 19.35
C ALA B 569 -44.87 -7.01 17.94
N ILE B 570 -44.07 -6.57 16.97
CA ILE B 570 -44.20 -7.11 15.61
C ILE B 570 -43.82 -8.58 15.58
N LYS B 571 -42.67 -8.92 16.17
CA LYS B 571 -42.25 -10.31 16.21
C LYS B 571 -43.26 -11.18 16.98
N ALA B 572 -43.81 -10.67 18.08
CA ALA B 572 -44.77 -11.46 18.84
C ALA B 572 -46.10 -11.63 18.11
N ALA B 573 -46.38 -10.76 17.15
CA ALA B 573 -47.58 -10.86 16.33
C ALA B 573 -47.36 -11.66 15.06
N LEU B 574 -46.13 -12.12 14.84
CA LEU B 574 -45.77 -12.84 13.62
C LEU B 574 -46.48 -14.17 13.54
N MET C 21 -4.90 -33.02 17.57
CA MET C 21 -4.14 -32.43 16.47
C MET C 21 -4.02 -30.93 16.65
N ASN C 22 -2.79 -30.41 16.73
CA ASN C 22 -2.60 -29.02 17.09
C ASN C 22 -3.06 -28.09 15.94
N PRO C 23 -3.35 -26.82 16.26
CA PRO C 23 -3.97 -25.94 15.25
C PRO C 23 -3.17 -25.76 13.97
N SER C 24 -1.85 -25.56 14.08
CA SER C 24 -1.03 -25.33 12.87
C SER C 24 -1.11 -26.51 11.92
N THR C 25 -1.02 -27.73 12.46
CA THR C 25 -1.08 -28.93 11.63
C THR C 25 -2.45 -29.08 10.98
N THR C 26 -3.52 -28.86 11.76
CA THR C 26 -4.88 -28.95 11.22
C THR C 26 -5.09 -27.96 10.08
N GLN C 27 -4.74 -26.69 10.31
CA GLN C 27 -4.95 -25.67 9.29
C GLN C 27 -4.14 -25.95 8.04
N ALA C 28 -2.88 -26.37 8.22
CA ALA C 28 -2.03 -26.68 7.07
C ALA C 28 -2.59 -27.85 6.27
N ARG C 29 -3.07 -28.88 6.97
CA ARG C 29 -3.63 -30.04 6.28
C ARG C 29 -4.91 -29.69 5.54
N VAL C 30 -5.74 -28.83 6.13
CA VAL C 30 -6.99 -28.45 5.47
C VAL C 30 -6.70 -27.65 4.21
N VAL C 31 -5.77 -26.68 4.30
CA VAL C 31 -5.41 -25.87 3.14
C VAL C 31 -4.86 -26.75 2.03
N VAL C 32 -3.89 -27.62 2.37
CA VAL C 32 -3.28 -28.48 1.37
C VAL C 32 -4.34 -29.34 0.69
N ASP C 33 -5.31 -29.85 1.45
CA ASP C 33 -6.33 -30.72 0.86
C ASP C 33 -7.25 -29.95 -0.06
N GLU C 34 -7.64 -28.72 0.31
CA GLU C 34 -8.49 -27.92 -0.55
C GLU C 34 -7.76 -27.46 -1.81
N LEU C 35 -6.45 -27.22 -1.72
CA LEU C 35 -5.67 -26.94 -2.92
C LEU C 35 -5.68 -28.14 -3.87
N ILE C 36 -5.56 -29.34 -3.31
CA ILE C 36 -5.58 -30.53 -4.16
C ILE C 36 -6.95 -30.67 -4.83
N ARG C 37 -8.02 -30.48 -4.06
CA ARG C 37 -9.36 -30.47 -4.65
C ARG C 37 -9.49 -29.37 -5.70
N GLY C 38 -8.64 -28.36 -5.64
CA GLY C 38 -8.66 -27.27 -6.59
C GLY C 38 -7.87 -27.51 -7.86
N GLY C 39 -7.33 -28.72 -8.05
CA GLY C 39 -6.60 -29.02 -9.26
C GLY C 39 -5.10 -28.83 -9.19
N VAL C 40 -4.55 -28.43 -8.04
CA VAL C 40 -3.10 -28.31 -7.91
C VAL C 40 -2.47 -29.70 -7.95
N ARG C 41 -1.58 -29.91 -8.92
CA ARG C 41 -0.93 -31.21 -9.05
C ARG C 41 0.55 -31.16 -8.73
N ASP C 42 1.20 -29.99 -8.79
CA ASP C 42 2.60 -29.84 -8.46
C ASP C 42 2.77 -28.70 -7.46
N VAL C 43 3.62 -28.90 -6.46
CA VAL C 43 3.93 -27.87 -5.47
C VAL C 43 5.44 -27.74 -5.34
N VAL C 44 5.95 -26.51 -5.42
CA VAL C 44 7.35 -26.23 -5.13
C VAL C 44 7.48 -25.83 -3.66
N LEU C 45 8.47 -26.40 -2.98
CA LEU C 45 8.72 -26.10 -1.57
C LEU C 45 10.17 -25.67 -1.38
N CYS C 46 10.36 -24.59 -0.63
CA CYS C 46 11.64 -24.09 -0.19
C CYS C 46 11.73 -24.24 1.33
N PRO C 47 12.89 -24.61 1.88
CA PRO C 47 12.94 -24.99 3.30
C PRO C 47 12.84 -23.81 4.25
N GLY C 48 12.36 -24.10 5.45
CA GLY C 48 12.30 -23.12 6.51
C GLY C 48 11.64 -23.74 7.72
N SER C 49 11.67 -23.00 8.82
CA SER C 49 11.05 -23.47 10.04
C SER C 49 9.59 -23.04 10.15
N ARG C 50 9.29 -21.78 9.82
CA ARG C 50 7.94 -21.27 9.99
C ARG C 50 6.95 -21.94 9.05
N ASN C 51 7.40 -22.43 7.90
CA ASN C 51 6.50 -23.13 6.98
C ASN C 51 6.45 -24.63 7.26
N ALA C 52 7.03 -25.08 8.37
CA ALA C 52 6.94 -26.50 8.74
C ALA C 52 5.52 -27.06 8.69
N PRO C 53 4.47 -26.36 9.15
CA PRO C 53 3.12 -26.93 8.98
C PRO C 53 2.81 -27.23 7.53
N LEU C 54 3.18 -26.35 6.61
CA LEU C 54 2.90 -26.61 5.20
C LEU C 54 3.82 -27.69 4.63
N ALA C 55 5.09 -27.68 5.02
CA ALA C 55 6.04 -28.66 4.48
C ALA C 55 5.62 -30.09 4.83
N PHE C 56 5.23 -30.31 6.09
CA PHE C 56 4.77 -31.62 6.51
C PHE C 56 3.50 -32.02 5.75
N ALA C 57 2.54 -31.10 5.65
CA ALA C 57 1.28 -31.41 5.00
C ALA C 57 1.49 -31.68 3.51
N LEU C 58 2.37 -30.92 2.88
CA LEU C 58 2.71 -31.17 1.48
C LEU C 58 3.41 -32.51 1.32
N GLN C 59 4.26 -32.88 2.28
CA GLN C 59 4.97 -34.16 2.20
C GLN C 59 4.00 -35.34 2.22
N ASP C 60 2.96 -35.28 3.06
CA ASP C 60 1.97 -36.35 3.10
C ASP C 60 1.28 -36.49 1.76
N ALA C 61 0.85 -35.37 1.18
CA ALA C 61 0.15 -35.40 -0.09
C ALA C 61 1.04 -36.01 -1.17
N ASP C 62 2.33 -35.69 -1.16
CA ASP C 62 3.24 -36.28 -2.13
C ASP C 62 3.42 -37.77 -1.87
N ARG C 63 3.55 -38.15 -0.61
CA ARG C 63 3.69 -39.56 -0.27
C ARG C 63 2.45 -40.34 -0.67
N SER C 64 1.29 -39.73 -0.65
CA SER C 64 0.04 -40.37 -1.05
C SER C 64 -0.18 -40.28 -2.55
N GLY C 65 0.76 -39.71 -3.29
CA GLY C 65 0.55 -39.48 -4.69
C GLY C 65 -0.56 -38.50 -5.03
N ARG C 66 -1.00 -37.71 -4.05
CA ARG C 66 -2.02 -36.70 -4.34
C ARG C 66 -1.42 -35.55 -5.13
N ILE C 67 -0.17 -35.21 -4.85
CA ILE C 67 0.58 -34.18 -5.55
C ILE C 67 1.99 -34.71 -5.77
N ARG C 68 2.76 -33.96 -6.55
CA ARG C 68 4.18 -34.22 -6.71
C ARG C 68 4.94 -33.02 -6.18
N LEU C 69 5.71 -33.24 -5.12
CA LEU C 69 6.42 -32.18 -4.40
C LEU C 69 7.78 -31.94 -5.05
N HIS C 70 8.19 -30.67 -5.09
CA HIS C 70 9.47 -30.28 -5.66
C HIS C 70 10.20 -29.40 -4.65
N VAL C 71 11.20 -29.95 -3.96
CA VAL C 71 12.00 -29.16 -3.03
C VAL C 71 13.11 -28.46 -3.80
N ARG C 72 13.28 -27.16 -3.54
CA ARG C 72 14.38 -26.37 -4.06
C ARG C 72 14.90 -25.46 -2.96
N ILE C 73 16.11 -24.92 -3.17
CA ILE C 73 16.80 -24.13 -2.16
C ILE C 73 16.67 -22.63 -2.44
N ASP C 74 16.65 -22.23 -3.71
CA ASP C 74 16.64 -20.82 -4.07
C ASP C 74 15.22 -20.39 -4.42
N GLU C 75 14.66 -19.49 -3.60
CA GLU C 75 13.26 -19.12 -3.76
C GLU C 75 13.01 -18.40 -5.09
N ARG C 76 13.94 -17.55 -5.53
CA ARG C 76 13.73 -16.82 -6.77
C ARG C 76 13.60 -17.78 -7.95
N THR C 77 14.59 -18.66 -8.13
CA THR C 77 14.51 -19.61 -9.23
C THR C 77 13.43 -20.66 -9.01
N ALA C 78 13.05 -20.91 -7.76
CA ALA C 78 11.97 -21.86 -7.47
C ALA C 78 10.62 -21.35 -7.97
N GLY C 79 10.39 -20.03 -7.93
CA GLY C 79 9.16 -19.49 -8.51
C GLY C 79 9.06 -19.71 -10.01
N TYR C 80 10.19 -19.59 -10.71
CA TYR C 80 10.18 -19.84 -12.15
C TYR C 80 9.98 -21.32 -12.45
N LEU C 81 10.50 -22.20 -11.59
CA LEU C 81 10.16 -23.61 -11.69
C LEU C 81 8.66 -23.82 -11.54
N ALA C 82 8.04 -23.12 -10.58
CA ALA C 82 6.59 -23.18 -10.42
C ALA C 82 5.86 -22.66 -11.66
N ILE C 83 6.35 -21.58 -12.26
CA ILE C 83 5.78 -21.10 -13.52
C ILE C 83 5.86 -22.19 -14.58
N GLY C 84 7.02 -22.84 -14.69
CA GLY C 84 7.19 -23.89 -15.69
C GLY C 84 6.18 -25.00 -15.51
N LEU C 85 6.01 -25.46 -14.27
CA LEU C 85 5.01 -26.49 -13.96
C LEU C 85 3.60 -26.03 -14.30
N ALA C 86 3.31 -24.75 -14.14
CA ALA C 86 1.98 -24.25 -14.46
C ALA C 86 1.77 -24.13 -15.98
N ILE C 87 2.77 -23.64 -16.70
CA ILE C 87 2.60 -23.48 -18.14
C ILE C 87 2.79 -24.79 -18.90
N GLY C 88 3.45 -25.78 -18.29
CA GLY C 88 3.64 -27.05 -18.97
C GLY C 88 2.34 -27.81 -19.17
N ALA C 89 1.44 -27.73 -18.18
CA ALA C 89 0.19 -28.48 -18.19
C ALA C 89 -1.06 -27.61 -18.12
N GLY C 90 -0.93 -26.32 -17.80
CA GLY C 90 -2.10 -25.48 -17.68
C GLY C 90 -2.80 -25.54 -16.33
N ALA C 91 -2.11 -25.96 -15.28
CA ALA C 91 -2.72 -26.13 -13.97
C ALA C 91 -2.19 -25.10 -12.98
N PRO C 92 -2.95 -24.77 -11.93
CA PRO C 92 -2.42 -23.92 -10.86
C PRO C 92 -1.31 -24.62 -10.11
N VAL C 93 -0.29 -23.85 -9.73
CA VAL C 93 0.89 -24.37 -9.03
C VAL C 93 1.16 -23.46 -7.83
N CYS C 94 1.46 -24.06 -6.69
CA CYS C 94 1.85 -23.33 -5.50
C CYS C 94 3.35 -23.47 -5.28
N VAL C 95 3.99 -22.36 -4.92
CA VAL C 95 5.35 -22.39 -4.40
C VAL C 95 5.28 -21.95 -2.95
N ALA C 96 5.82 -22.77 -2.07
CA ALA C 96 5.69 -22.59 -0.63
C ALA C 96 7.05 -22.26 -0.05
N MET C 97 7.11 -21.22 0.79
CA MET C 97 8.36 -20.81 1.40
C MET C 97 8.07 -20.23 2.77
N THR C 98 9.14 -19.99 3.54
CA THR C 98 9.01 -19.42 4.87
C THR C 98 8.91 -17.90 4.76
N SER C 99 8.93 -17.20 5.89
CA SER C 99 8.72 -15.77 5.91
C SER C 99 10.03 -15.01 5.66
N GLY C 100 9.89 -13.69 5.54
CA GLY C 100 11.05 -12.83 5.33
C GLY C 100 11.45 -12.69 3.88
N THR C 101 12.76 -12.67 3.60
CA THR C 101 13.22 -12.46 2.22
C THR C 101 12.91 -13.63 1.30
N ALA C 102 12.70 -14.84 1.82
CA ALA C 102 12.18 -15.92 0.99
C ALA C 102 10.92 -15.48 0.22
N VAL C 103 10.01 -14.75 0.87
CA VAL C 103 8.83 -14.27 0.16
C VAL C 103 9.22 -13.18 -0.84
N ALA C 104 10.09 -12.26 -0.43
CA ALA C 104 10.54 -11.19 -1.33
C ALA C 104 11.15 -11.76 -2.61
N ASN C 105 11.87 -12.88 -2.50
CA ASN C 105 12.52 -13.51 -3.63
C ASN C 105 11.53 -14.05 -4.66
N LEU C 106 10.25 -14.10 -4.35
CA LEU C 106 9.26 -14.49 -5.35
C LEU C 106 8.80 -13.31 -6.21
N GLY C 107 9.26 -12.10 -5.92
CA GLY C 107 8.99 -10.93 -6.72
C GLY C 107 9.09 -11.14 -8.22
N PRO C 108 10.27 -11.56 -8.71
CA PRO C 108 10.44 -11.64 -10.18
C PRO C 108 9.50 -12.63 -10.85
N ALA C 109 9.30 -13.80 -10.25
CA ALA C 109 8.35 -14.76 -10.80
C ALA C 109 6.92 -14.23 -10.72
N VAL C 110 6.58 -13.47 -9.68
CA VAL C 110 5.23 -12.91 -9.58
C VAL C 110 4.98 -11.96 -10.74
N VAL C 111 5.94 -11.07 -11.02
CA VAL C 111 5.82 -10.11 -12.13
C VAL C 111 5.64 -10.85 -13.45
N GLU C 112 6.51 -11.84 -13.71
CA GLU C 112 6.33 -12.68 -14.90
C GLU C 112 4.96 -13.32 -14.92
N ALA C 113 4.56 -13.92 -13.78
CA ALA C 113 3.25 -14.57 -13.71
C ALA C 113 2.11 -13.59 -13.97
N ASN C 114 2.29 -12.33 -13.58
CA ASN C 114 1.25 -11.32 -13.81
C ASN C 114 1.06 -11.07 -15.30
N TYR C 115 2.13 -10.71 -16.00
CA TYR C 115 1.99 -10.38 -17.41
C TYR C 115 1.74 -11.62 -18.27
N ALA C 116 2.35 -12.76 -17.91
CA ALA C 116 2.12 -13.99 -18.68
C ALA C 116 0.78 -14.64 -18.36
N ARG C 117 0.07 -14.14 -17.35
CA ARG C 117 -1.20 -14.71 -16.88
C ARG C 117 -1.03 -16.19 -16.50
N VAL C 118 -0.16 -16.43 -15.54
CA VAL C 118 0.19 -17.77 -15.08
C VAL C 118 -0.41 -17.97 -13.69
N PRO C 119 -1.18 -19.05 -13.45
CA PRO C 119 -1.81 -19.25 -12.13
C PRO C 119 -0.80 -19.65 -11.06
N LEU C 120 -0.02 -18.69 -10.58
CA LEU C 120 1.06 -18.96 -9.64
C LEU C 120 0.60 -18.56 -8.24
N ILE C 121 0.48 -19.54 -7.34
CA ILE C 121 0.03 -19.28 -5.96
C ILE C 121 1.26 -19.24 -5.07
N VAL C 122 1.52 -18.06 -4.49
CA VAL C 122 2.64 -17.87 -3.57
C VAL C 122 2.11 -18.15 -2.16
N LEU C 123 2.40 -19.36 -1.66
CA LEU C 123 1.89 -19.86 -0.38
C LEU C 123 2.96 -19.62 0.68
N SER C 124 2.84 -18.51 1.40
CA SER C 124 3.89 -18.07 2.31
C SER C 124 3.48 -18.30 3.75
N ALA C 125 4.41 -18.85 4.52
CA ALA C 125 4.27 -18.90 5.97
C ALA C 125 4.67 -17.57 6.56
N ASN C 126 4.10 -17.27 7.72
CA ASN C 126 4.42 -16.02 8.37
C ASN C 126 4.30 -16.21 9.86
N ARG C 127 5.01 -15.38 10.61
CA ARG C 127 4.78 -15.27 12.04
CA ARG C 127 4.75 -15.30 12.03
C ARG C 127 3.44 -14.58 12.26
N PRO C 128 2.86 -14.70 13.45
CA PRO C 128 1.62 -13.96 13.71
C PRO C 128 1.78 -12.48 13.40
N TYR C 129 0.73 -11.88 12.83
CA TYR C 129 0.80 -10.47 12.49
C TYR C 129 1.04 -9.63 13.74
N GLU C 130 0.59 -10.09 14.91
CA GLU C 130 0.81 -9.34 16.15
C GLU C 130 2.28 -9.19 16.48
N LEU C 131 3.16 -9.96 15.83
CA LEU C 131 4.59 -9.81 16.04
C LEU C 131 5.22 -8.76 15.14
N LEU C 132 4.55 -8.40 14.05
CA LEU C 132 5.08 -7.38 13.15
C LEU C 132 5.15 -6.05 13.88
N GLY C 133 6.33 -5.43 13.88
CA GLY C 133 6.58 -4.22 14.62
C GLY C 133 7.33 -4.42 15.92
N THR C 134 7.42 -5.64 16.42
CA THR C 134 8.11 -5.88 17.68
C THR C 134 9.59 -6.19 17.50
N GLY C 135 10.07 -6.29 16.26
CA GLY C 135 11.44 -6.67 16.03
C GLY C 135 11.68 -8.16 16.00
N ALA C 136 10.62 -8.96 15.95
CA ALA C 136 10.75 -10.41 15.92
C ALA C 136 11.56 -10.87 14.70
N ASN C 137 12.40 -11.89 14.90
CA ASN C 137 13.33 -12.37 13.90
C ASN C 137 12.63 -12.83 12.63
N GLN C 138 13.17 -12.45 11.47
CA GLN C 138 12.65 -12.89 10.18
C GLN C 138 11.19 -12.50 10.00
N THR C 139 10.84 -11.26 10.35
CA THR C 139 9.47 -10.77 10.26
C THR C 139 9.45 -9.44 9.53
N MET C 140 8.59 -9.33 8.52
CA MET C 140 8.52 -8.13 7.71
C MET C 140 7.09 -7.86 7.27
N GLU C 141 6.88 -6.68 6.70
CA GLU C 141 5.62 -6.32 6.05
C GLU C 141 5.39 -7.21 4.86
N GLN C 142 4.69 -8.33 5.07
CA GLN C 142 4.63 -9.43 4.11
C GLN C 142 3.35 -9.42 3.29
N LEU C 143 2.19 -9.37 3.95
CA LEU C 143 0.92 -9.27 3.25
C LEU C 143 0.85 -7.92 2.55
N GLY C 144 0.54 -7.95 1.25
CA GLY C 144 0.60 -6.75 0.44
C GLY C 144 1.95 -6.47 -0.19
N TYR C 145 2.96 -7.30 0.07
CA TYR C 145 4.30 -7.04 -0.45
C TYR C 145 4.30 -6.90 -1.97
N PHE C 146 3.40 -7.60 -2.65
CA PHE C 146 3.43 -7.66 -4.10
C PHE C 146 2.57 -6.58 -4.76
N GLY C 147 1.90 -5.75 -3.96
CA GLY C 147 1.08 -4.67 -4.49
C GLY C 147 0.13 -5.12 -5.58
N THR C 148 0.06 -4.32 -6.64
CA THR C 148 -0.89 -4.57 -7.72
C THR C 148 -0.44 -5.67 -8.67
N GLN C 149 0.75 -6.25 -8.44
CA GLN C 149 1.23 -7.33 -9.29
C GLN C 149 0.40 -8.60 -9.18
N VAL C 150 -0.24 -8.85 -8.05
CA VAL C 150 -0.96 -10.11 -7.86
C VAL C 150 -2.45 -9.86 -8.08
N ARG C 151 -3.16 -10.92 -8.49
CA ARG C 151 -4.62 -10.86 -8.59
C ARG C 151 -5.25 -10.69 -7.21
N ALA C 152 -4.60 -11.16 -6.15
CA ALA C 152 -5.16 -11.03 -4.82
C ALA C 152 -4.07 -11.19 -3.78
N SER C 153 -4.20 -10.46 -2.67
CA SER C 153 -3.48 -10.74 -1.45
C SER C 153 -4.49 -11.24 -0.43
N ILE C 154 -4.41 -12.52 -0.09
CA ILE C 154 -5.37 -13.14 0.79
C ILE C 154 -4.62 -13.77 1.96
N SER C 155 -5.03 -13.41 3.17
CA SER C 155 -4.49 -13.90 4.41
C SER C 155 -5.44 -14.92 5.01
N LEU C 156 -4.90 -16.02 5.50
CA LEU C 156 -5.76 -17.03 6.10
C LEU C 156 -6.12 -16.69 7.53
N GLY C 157 -5.21 -16.02 8.24
CA GLY C 157 -5.46 -15.73 9.64
C GLY C 157 -4.95 -16.82 10.56
N LEU C 158 -4.58 -16.40 11.77
CA LEU C 158 -4.02 -17.32 12.75
C LEU C 158 -5.04 -18.38 13.15
N ALA C 159 -4.58 -19.63 13.20
CA ALA C 159 -5.46 -20.72 13.61
C ALA C 159 -5.71 -20.65 15.11
N GLU C 160 -6.98 -20.69 15.49
CA GLU C 160 -7.35 -20.60 16.88
C GLU C 160 -7.38 -21.98 17.52
N ASP C 161 -7.11 -22.02 18.83
CA ASP C 161 -7.27 -23.24 19.60
C ASP C 161 -8.71 -23.26 20.12
N ALA C 162 -9.63 -23.59 19.22
CA ALA C 162 -11.07 -23.66 19.53
C ALA C 162 -11.63 -24.95 18.97
N PRO C 163 -11.45 -26.06 19.69
CA PRO C 163 -11.84 -27.37 19.14
C PRO C 163 -13.31 -27.43 18.75
N GLU C 164 -14.19 -26.80 19.51
CA GLU C 164 -15.62 -26.80 19.20
C GLU C 164 -15.95 -25.88 18.02
N ARG C 165 -14.99 -25.08 17.57
CA ARG C 165 -15.17 -24.24 16.40
C ARG C 165 -14.55 -24.83 15.15
N THR C 166 -14.17 -26.11 15.20
CA THR C 166 -13.43 -26.72 14.10
C THR C 166 -14.25 -26.69 12.81
N SER C 167 -15.55 -26.93 12.91
CA SER C 167 -16.40 -26.93 11.72
C SER C 167 -16.50 -25.54 11.09
N ALA C 168 -16.61 -24.50 11.92
CA ALA C 168 -16.71 -23.14 11.40
C ALA C 168 -15.42 -22.72 10.72
N LEU C 169 -14.27 -23.02 11.35
CA LEU C 169 -12.99 -22.69 10.76
C LEU C 169 -12.72 -23.48 9.50
N ASN C 170 -13.19 -24.74 9.44
CA ASN C 170 -12.95 -25.55 8.26
C ASN C 170 -13.59 -24.92 7.02
N ALA C 171 -14.81 -24.41 7.17
CA ALA C 171 -15.51 -23.79 6.05
C ALA C 171 -14.85 -22.49 5.63
N THR C 172 -14.44 -21.65 6.59
CA THR C 172 -13.85 -20.38 6.18
C THR C 172 -12.47 -20.58 5.58
N TRP C 173 -11.65 -21.45 6.16
CA TRP C 173 -10.36 -21.79 5.55
C TRP C 173 -10.54 -22.33 4.14
N ARG C 174 -11.46 -23.29 3.98
CA ARG C 174 -11.67 -23.87 2.66
C ARG C 174 -12.24 -22.85 1.69
N SER C 175 -13.11 -21.95 2.17
CA SER C 175 -13.67 -20.93 1.29
C SER C 175 -12.59 -19.94 0.86
N ALA C 176 -11.68 -19.59 1.78
CA ALA C 176 -10.57 -18.71 1.43
C ALA C 176 -9.67 -19.35 0.37
N THR C 177 -9.36 -20.64 0.53
CA THR C 177 -8.53 -21.33 -0.46
C THR C 177 -9.20 -21.34 -1.81
N CYS C 178 -10.52 -21.49 -1.85
CA CYS C 178 -11.21 -21.43 -3.13
C CYS C 178 -11.11 -20.05 -3.74
N ARG C 179 -11.22 -19.00 -2.92
CA ARG C 179 -11.04 -17.63 -3.42
C ARG C 179 -9.65 -17.46 -4.02
N VAL C 180 -8.63 -17.95 -3.31
CA VAL C 180 -7.26 -17.93 -3.81
C VAL C 180 -7.17 -18.63 -5.16
N LEU C 181 -7.73 -19.85 -5.23
CA LEU C 181 -7.67 -20.63 -6.47
C LEU C 181 -8.42 -19.93 -7.61
N ALA C 182 -9.59 -19.36 -7.32
CA ALA C 182 -10.38 -18.73 -8.38
C ALA C 182 -9.66 -17.52 -8.95
N ALA C 183 -9.05 -16.72 -8.08
CA ALA C 183 -8.31 -15.56 -8.56
C ALA C 183 -7.09 -15.98 -9.36
N ALA C 184 -6.42 -17.06 -8.93
CA ALA C 184 -5.18 -17.48 -9.60
C ALA C 184 -5.47 -18.04 -11.00
N THR C 185 -6.47 -18.92 -11.10
CA THR C 185 -6.81 -19.52 -12.38
C THR C 185 -7.66 -18.63 -13.27
N GLY C 186 -8.08 -17.45 -12.77
CA GLY C 186 -9.03 -16.62 -13.49
C GLY C 186 -10.38 -17.25 -13.68
N ALA C 187 -10.82 -18.10 -12.76
CA ALA C 187 -12.02 -18.91 -12.99
C ALA C 187 -13.23 -18.04 -13.29
N ARG C 188 -13.31 -16.86 -12.66
CA ARG C 188 -14.41 -15.94 -12.90
C ARG C 188 -14.02 -14.69 -13.67
N THR C 189 -12.73 -14.33 -13.67
CA THR C 189 -12.27 -13.14 -14.36
C THR C 189 -11.73 -13.41 -15.75
N ALA C 190 -11.42 -14.68 -16.08
CA ALA C 190 -10.71 -15.03 -17.32
C ALA C 190 -9.38 -14.30 -17.42
N ASN C 191 -8.75 -14.04 -16.28
CA ASN C 191 -7.46 -13.36 -16.23
C ASN C 191 -6.63 -13.99 -15.11
N ALA C 192 -6.10 -15.17 -15.40
CA ALA C 192 -5.22 -15.87 -14.48
C ALA C 192 -3.98 -15.03 -14.17
N GLY C 193 -3.38 -15.32 -13.02
CA GLY C 193 -2.20 -14.60 -12.59
C GLY C 193 -1.75 -15.05 -11.20
N PRO C 194 -0.74 -14.37 -10.66
CA PRO C 194 -0.21 -14.75 -9.34
C PRO C 194 -1.11 -14.27 -8.19
N VAL C 195 -1.09 -15.02 -7.10
CA VAL C 195 -1.89 -14.71 -5.92
C VAL C 195 -1.04 -14.94 -4.67
N HIS C 196 -1.05 -13.97 -3.74
CA HIS C 196 -0.31 -14.11 -2.50
C HIS C 196 -1.24 -14.68 -1.44
N PHE C 197 -0.91 -15.88 -0.97
CA PHE C 197 -1.67 -16.58 0.07
C PHE C 197 -0.76 -16.65 1.28
N ASP C 198 -0.97 -15.74 2.23
CA ASP C 198 -0.15 -15.62 3.43
C ASP C 198 -0.81 -16.38 4.58
N ILE C 199 -0.03 -17.22 5.25
CA ILE C 199 -0.55 -18.07 6.31
C ILE C 199 0.27 -17.85 7.57
N PRO C 200 -0.23 -17.05 8.52
CA PRO C 200 0.46 -16.89 9.80
C PRO C 200 0.33 -18.14 10.65
N LEU C 201 1.47 -18.63 11.13
CA LEU C 201 1.50 -19.85 11.91
C LEU C 201 2.33 -19.61 13.17
N ARG C 202 1.89 -20.21 14.27
CA ARG C 202 2.63 -20.09 15.52
C ARG C 202 2.85 -21.48 16.09
N GLU C 203 3.78 -21.58 17.03
CA GLU C 203 4.07 -22.85 17.66
C GLU C 203 2.82 -23.38 18.38
N PRO C 204 2.64 -24.71 18.42
CA PRO C 204 3.58 -25.70 17.86
C PRO C 204 3.48 -25.81 16.34
N LEU C 205 4.65 -25.85 15.70
CA LEU C 205 4.74 -25.86 14.24
C LEU C 205 4.82 -27.28 13.67
N VAL C 206 5.23 -28.26 14.46
CA VAL C 206 5.39 -29.62 13.95
C VAL C 206 4.19 -30.45 14.40
N PRO C 207 3.88 -31.56 13.72
CA PRO C 207 2.69 -32.34 14.10
C PRO C 207 2.88 -33.07 15.43
N ASP C 208 1.76 -33.24 16.13
CA ASP C 208 1.76 -34.01 17.37
C ASP C 208 1.84 -35.50 17.07
N PRO C 209 2.28 -36.31 18.04
CA PRO C 209 2.19 -37.76 17.87
C PRO C 209 0.74 -38.19 17.68
N GLU C 210 0.50 -38.97 16.62
CA GLU C 210 -0.86 -39.36 16.26
C GLU C 210 -1.05 -40.87 16.31
N VAL C 215 -7.51 -36.94 12.66
CA VAL C 215 -8.39 -36.87 11.50
C VAL C 215 -8.57 -35.42 11.03
N THR C 216 -8.26 -35.16 9.76
CA THR C 216 -8.36 -33.82 9.19
C THR C 216 -9.83 -33.48 8.92
N PRO C 217 -10.27 -32.28 9.31
CA PRO C 217 -11.66 -31.85 9.05
C PRO C 217 -11.99 -31.98 7.57
N PRO C 218 -13.07 -32.68 7.24
CA PRO C 218 -13.29 -33.09 5.85
C PRO C 218 -13.77 -31.96 4.97
N GLY C 219 -13.44 -32.08 3.69
CA GLY C 219 -13.97 -31.20 2.67
C GLY C 219 -15.31 -31.68 2.17
N ARG C 220 -15.65 -31.25 0.96
CA ARG C 220 -16.89 -31.72 0.35
C ARG C 220 -16.77 -33.20 0.01
N PRO C 221 -17.89 -33.92 0.04
CA PRO C 221 -17.90 -35.29 -0.47
C PRO C 221 -17.49 -35.32 -1.95
N ALA C 222 -17.05 -36.50 -2.37
CA ALA C 222 -16.65 -36.77 -3.75
C ALA C 222 -15.48 -35.90 -4.20
N GLY C 223 -14.75 -35.31 -3.26
CA GLY C 223 -13.58 -34.52 -3.60
C GLY C 223 -13.87 -33.26 -4.38
N LYS C 224 -15.06 -32.72 -4.26
CA LYS C 224 -15.41 -31.48 -4.94
C LYS C 224 -14.82 -30.29 -4.20
N PRO C 225 -14.65 -29.16 -4.87
CA PRO C 225 -14.14 -27.97 -4.16
C PRO C 225 -15.15 -27.51 -3.14
N TRP C 226 -14.66 -26.81 -2.11
CA TRP C 226 -15.56 -26.29 -1.10
C TRP C 226 -16.59 -25.34 -1.72
N THR C 227 -16.10 -24.36 -2.49
CA THR C 227 -16.96 -23.49 -3.27
C THR C 227 -16.67 -23.73 -4.75
N TYR C 228 -17.61 -24.36 -5.43
CA TYR C 228 -17.42 -24.74 -6.82
C TYR C 228 -17.69 -23.55 -7.73
N THR C 229 -16.80 -23.32 -8.68
CA THR C 229 -17.07 -22.28 -9.64
C THR C 229 -16.69 -22.77 -11.04
N PRO C 230 -17.66 -22.97 -11.93
CA PRO C 230 -17.34 -23.50 -13.25
C PRO C 230 -16.51 -22.51 -14.04
N PRO C 231 -15.56 -23.00 -14.84
CA PRO C 231 -14.77 -22.11 -15.70
C PRO C 231 -15.67 -21.18 -16.51
N VAL C 232 -15.41 -19.88 -16.40
CA VAL C 232 -16.24 -18.88 -17.05
C VAL C 232 -16.05 -18.95 -18.56
N THR C 233 -17.08 -18.55 -19.29
CA THR C 233 -16.98 -18.28 -20.71
C THR C 233 -17.13 -16.77 -20.90
N PHE C 234 -16.05 -16.15 -21.36
CA PHE C 234 -15.93 -14.70 -21.49
C PHE C 234 -16.03 -14.36 -22.98
N ASP C 235 -17.13 -13.72 -23.38
CA ASP C 235 -17.45 -13.58 -24.79
C ASP C 235 -17.64 -12.11 -25.16
N GLN C 236 -17.05 -11.72 -26.29
CA GLN C 236 -17.13 -10.35 -26.78
C GLN C 236 -16.95 -10.37 -28.29
N PRO C 237 -18.03 -10.53 -29.04
CA PRO C 237 -17.91 -10.67 -30.50
C PRO C 237 -17.69 -9.33 -31.20
N LEU C 238 -16.98 -9.41 -32.33
CA LEU C 238 -16.53 -8.23 -33.08
C LEU C 238 -16.77 -8.46 -34.58
N ASP C 239 -17.45 -7.51 -35.23
CA ASP C 239 -17.65 -7.58 -36.67
C ASP C 239 -16.39 -7.16 -37.40
N ILE C 240 -15.91 -8.00 -38.32
CA ILE C 240 -14.72 -7.71 -39.10
C ILE C 240 -14.93 -8.16 -40.54
N ASP C 241 -14.68 -7.25 -41.48
CA ASP C 241 -14.78 -7.53 -42.91
C ASP C 241 -13.43 -8.04 -43.41
N LEU C 242 -13.36 -9.32 -43.78
CA LEU C 242 -12.10 -9.93 -44.21
C LEU C 242 -11.74 -9.63 -45.66
N SER C 243 -12.65 -9.04 -46.45
CA SER C 243 -12.32 -8.70 -47.83
C SER C 243 -11.21 -7.66 -47.89
N VAL C 244 -11.30 -6.63 -47.03
CA VAL C 244 -10.21 -5.69 -46.85
C VAL C 244 -8.93 -6.44 -46.53
N ASP C 245 -7.83 -6.02 -47.15
CA ASP C 245 -6.55 -6.71 -47.02
C ASP C 245 -6.09 -6.76 -45.57
N THR C 246 -6.16 -7.95 -44.97
CA THR C 246 -5.96 -8.09 -43.54
C THR C 246 -4.76 -8.98 -43.26
N VAL C 247 -3.91 -8.55 -42.34
CA VAL C 247 -2.87 -9.39 -41.79
C VAL C 247 -3.25 -9.72 -40.35
N VAL C 248 -3.03 -10.98 -39.96
CA VAL C 248 -3.23 -11.40 -38.57
C VAL C 248 -1.88 -11.41 -37.88
N ILE C 249 -1.79 -10.74 -36.73
CA ILE C 249 -0.59 -10.73 -35.91
C ILE C 249 -0.99 -11.33 -34.56
N SER C 250 -0.46 -12.51 -34.25
CA SER C 250 -0.81 -13.20 -33.02
C SER C 250 0.41 -13.26 -32.11
N GLY C 251 0.26 -12.76 -30.89
CA GLY C 251 1.32 -12.74 -29.92
C GLY C 251 1.05 -13.67 -28.77
N HIS C 252 1.77 -13.44 -27.67
CA HIS C 252 1.68 -14.31 -26.51
C HIS C 252 0.27 -14.28 -25.94
N GLY C 253 -0.25 -15.45 -25.59
CA GLY C 253 -1.59 -15.55 -25.04
C GLY C 253 -2.72 -15.45 -26.05
N ALA C 254 -2.40 -15.43 -27.34
CA ALA C 254 -3.45 -15.40 -28.35
C ALA C 254 -4.29 -16.67 -28.28
N GLY C 255 -5.57 -16.54 -28.64
CA GLY C 255 -6.46 -17.67 -28.76
C GLY C 255 -6.51 -18.20 -30.18
N VAL C 256 -7.19 -19.33 -30.33
CA VAL C 256 -7.35 -20.00 -31.61
C VAL C 256 -8.61 -19.50 -32.29
N HIS C 257 -8.52 -19.22 -33.58
CA HIS C 257 -9.61 -18.61 -34.34
C HIS C 257 -9.76 -19.32 -35.67
N PRO C 258 -10.62 -20.33 -35.76
CA PRO C 258 -10.83 -21.02 -37.05
C PRO C 258 -11.18 -20.07 -38.19
N ASN C 259 -12.11 -19.15 -37.98
CA ASN C 259 -12.53 -18.26 -39.06
C ASN C 259 -11.47 -17.24 -39.45
N LEU C 260 -10.26 -17.32 -38.90
CA LEU C 260 -9.14 -16.49 -39.33
C LEU C 260 -8.00 -17.32 -39.91
N ALA C 261 -8.20 -18.63 -40.07
CA ALA C 261 -7.11 -19.53 -40.46
C ALA C 261 -6.58 -19.23 -41.85
N ALA C 262 -7.40 -18.68 -42.74
CA ALA C 262 -6.93 -18.43 -44.09
C ALA C 262 -6.13 -17.14 -44.22
N LEU C 263 -6.09 -16.31 -43.20
CA LEU C 263 -5.46 -15.03 -43.39
C LEU C 263 -3.94 -15.10 -43.25
N PRO C 264 -3.21 -14.23 -43.94
CA PRO C 264 -1.75 -14.17 -43.72
C PRO C 264 -1.45 -13.84 -42.28
N THR C 265 -0.66 -14.68 -41.62
CA THR C 265 -0.48 -14.59 -40.18
C THR C 265 0.99 -14.46 -39.81
N VAL C 266 1.33 -13.41 -39.08
CA VAL C 266 2.63 -13.27 -38.44
C VAL C 266 2.43 -13.70 -36.99
N ALA C 267 2.90 -14.90 -36.67
CA ALA C 267 2.67 -15.51 -35.36
C ALA C 267 3.99 -15.67 -34.62
N GLU C 268 4.04 -15.14 -33.39
CA GLU C 268 5.16 -15.40 -32.50
C GLU C 268 5.23 -16.89 -32.18
N PRO C 269 6.41 -17.40 -31.83
CA PRO C 269 6.54 -18.85 -31.60
C PRO C 269 5.62 -19.37 -30.51
N THR C 270 5.39 -18.59 -29.46
CA THR C 270 4.50 -19.04 -28.39
C THR C 270 3.03 -18.88 -28.73
N ALA C 271 2.71 -18.29 -29.88
CA ALA C 271 1.31 -18.08 -30.23
C ALA C 271 0.73 -19.35 -30.86
N PRO C 272 -0.47 -19.75 -30.47
CA PRO C 272 -1.10 -20.89 -31.12
C PRO C 272 -1.37 -20.58 -32.58
N ARG C 273 -1.53 -21.64 -33.37
CA ARG C 273 -1.73 -21.50 -34.81
C ARG C 273 -3.18 -21.76 -35.16
N SER C 274 -3.73 -20.87 -35.97
CA SER C 274 -5.08 -21.07 -36.47
C SER C 274 -5.11 -21.77 -37.82
N GLY C 275 -4.09 -21.57 -38.64
CA GLY C 275 -4.09 -22.13 -39.96
C GLY C 275 -2.71 -22.31 -40.55
N ASP C 276 -2.67 -22.44 -41.88
CA ASP C 276 -1.44 -22.67 -42.63
C ASP C 276 -1.30 -21.62 -43.74
N ASN C 277 -1.21 -20.35 -43.33
CA ASN C 277 -0.91 -19.26 -44.26
C ASN C 277 0.11 -18.37 -43.58
N PRO C 278 1.33 -18.86 -43.40
CA PRO C 278 2.30 -18.14 -42.56
C PRO C 278 2.85 -16.93 -43.29
N LEU C 279 3.04 -15.85 -42.53
CA LEU C 279 3.76 -14.68 -43.03
C LEU C 279 4.98 -14.46 -42.14
N HIS C 280 6.16 -14.63 -42.72
CA HIS C 280 7.41 -14.42 -42.00
C HIS C 280 7.50 -12.97 -41.52
N PRO C 281 8.03 -12.72 -40.32
CA PRO C 281 8.08 -11.34 -39.83
C PRO C 281 8.94 -10.41 -40.68
N LEU C 282 9.98 -10.93 -41.35
CA LEU C 282 10.77 -10.10 -42.24
C LEU C 282 9.98 -9.68 -43.48
N ALA C 283 8.90 -10.39 -43.81
CA ALA C 283 8.08 -10.05 -44.96
C ALA C 283 7.09 -8.93 -44.66
N LEU C 284 6.84 -8.65 -43.38
CA LEU C 284 5.84 -7.65 -43.02
C LEU C 284 6.15 -6.26 -43.57
N PRO C 285 7.38 -5.74 -43.48
CA PRO C 285 7.63 -4.40 -44.04
C PRO C 285 7.55 -4.35 -45.55
N LEU C 286 7.37 -5.48 -46.22
CA LEU C 286 7.25 -5.52 -47.66
C LEU C 286 5.81 -5.41 -48.14
N LEU C 287 4.89 -5.18 -47.22
CA LEU C 287 3.47 -5.15 -47.53
C LEU C 287 2.85 -3.91 -46.91
N ARG C 288 1.63 -3.61 -47.31
CA ARG C 288 0.88 -2.46 -46.81
C ARG C 288 -0.53 -2.97 -46.52
N PRO C 289 -0.71 -3.70 -45.43
CA PRO C 289 -2.06 -4.20 -45.09
C PRO C 289 -3.00 -3.04 -44.83
N GLN C 290 -4.28 -3.27 -45.15
CA GLN C 290 -5.31 -2.26 -44.94
C GLN C 290 -6.02 -2.40 -43.60
N GLN C 291 -5.83 -3.50 -42.89
CA GLN C 291 -6.29 -3.61 -41.51
C GLN C 291 -5.56 -4.78 -40.86
N VAL C 292 -5.43 -4.70 -39.54
CA VAL C 292 -4.71 -5.70 -38.75
C VAL C 292 -5.65 -6.27 -37.69
N ILE C 293 -5.74 -7.60 -37.63
CA ILE C 293 -6.39 -8.30 -36.53
C ILE C 293 -5.30 -8.77 -35.59
N MET C 294 -5.30 -8.24 -34.37
CA MET C 294 -4.24 -8.48 -33.40
C MET C 294 -4.74 -9.43 -32.32
N LEU C 295 -4.08 -10.58 -32.17
CA LEU C 295 -4.47 -11.61 -31.22
C LEU C 295 -3.48 -11.65 -30.06
N GLY C 296 -4.00 -11.63 -28.84
CA GLY C 296 -3.13 -11.67 -27.68
C GLY C 296 -2.28 -10.42 -27.58
N ARG C 297 -1.06 -10.59 -27.09
CA ARG C 297 -0.14 -9.48 -26.81
C ARG C 297 1.14 -9.64 -27.60
N PRO C 298 1.27 -9.00 -28.76
CA PRO C 298 2.54 -9.11 -29.52
C PRO C 298 3.61 -8.16 -28.96
N THR C 299 4.76 -8.73 -28.65
CA THR C 299 5.90 -7.99 -28.13
C THR C 299 7.14 -8.08 -29.00
N LEU C 300 7.26 -9.15 -29.77
CA LEU C 300 8.55 -9.68 -30.15
C LEU C 300 9.21 -8.92 -31.29
N HIS C 301 8.46 -8.64 -32.37
CA HIS C 301 9.05 -8.22 -33.64
C HIS C 301 9.00 -6.71 -33.83
N ARG C 302 10.17 -6.12 -34.10
CA ARG C 302 10.21 -4.72 -34.51
C ARG C 302 9.39 -4.42 -35.76
N PRO C 303 9.36 -5.29 -36.79
CA PRO C 303 8.42 -5.05 -37.90
C PRO C 303 6.96 -5.05 -37.46
N VAL C 304 6.62 -5.84 -36.46
CA VAL C 304 5.27 -5.78 -35.89
C VAL C 304 5.08 -4.44 -35.17
N SER C 305 6.07 -4.03 -34.39
CA SER C 305 5.98 -2.77 -33.66
C SER C 305 5.81 -1.59 -34.61
N VAL C 306 6.52 -1.59 -35.74
CA VAL C 306 6.38 -0.46 -36.65
C VAL C 306 5.00 -0.48 -37.32
N LEU C 307 4.46 -1.67 -37.60
CA LEU C 307 3.15 -1.75 -38.25
C LEU C 307 2.07 -1.19 -37.34
N LEU C 308 2.05 -1.63 -36.08
CA LEU C 308 1.07 -1.10 -35.12
C LEU C 308 1.39 0.34 -34.74
N ALA C 309 2.67 0.73 -34.74
CA ALA C 309 3.01 2.12 -34.44
C ALA C 309 2.35 3.07 -35.43
N ASP C 310 2.14 2.62 -36.67
CA ASP C 310 1.40 3.39 -37.66
C ASP C 310 -0.03 3.63 -37.18
N ALA C 311 -0.36 4.89 -36.89
CA ALA C 311 -1.69 5.25 -36.43
C ALA C 311 -2.70 5.39 -37.55
N GLU C 312 -2.29 5.15 -38.80
CA GLU C 312 -3.19 5.27 -39.94
C GLU C 312 -3.91 3.98 -40.27
N VAL C 313 -3.33 2.83 -39.96
CA VAL C 313 -3.92 1.54 -40.32
C VAL C 313 -4.80 1.04 -39.18
N PRO C 314 -6.03 0.63 -39.45
CA PRO C 314 -6.94 0.23 -38.36
C PRO C 314 -6.60 -1.15 -37.82
N VAL C 315 -6.70 -1.27 -36.50
CA VAL C 315 -6.36 -2.51 -35.79
C VAL C 315 -7.57 -2.98 -35.01
N PHE C 316 -7.83 -4.29 -35.06
CA PHE C 316 -8.85 -4.93 -34.24
C PHE C 316 -8.15 -5.85 -33.25
N ALA C 317 -8.51 -5.75 -31.97
CA ALA C 317 -7.80 -6.44 -30.89
C ALA C 317 -8.64 -7.60 -30.38
N LEU C 318 -8.09 -8.81 -30.45
CA LEU C 318 -8.78 -10.01 -29.99
C LEU C 318 -7.96 -10.67 -28.89
N THR C 319 -8.54 -10.76 -27.69
CA THR C 319 -7.86 -11.31 -26.53
C THR C 319 -8.72 -12.36 -25.86
N THR C 320 -8.06 -13.27 -25.14
CA THR C 320 -8.77 -14.28 -24.37
C THR C 320 -9.27 -13.75 -23.03
N GLY C 321 -8.71 -12.62 -22.57
CA GLY C 321 -9.09 -12.06 -21.29
C GLY C 321 -9.44 -10.58 -21.40
N PRO C 322 -9.64 -9.94 -20.24
CA PRO C 322 -10.00 -8.52 -20.26
C PRO C 322 -8.88 -7.60 -20.74
N ARG C 323 -7.63 -7.90 -20.43
CA ARG C 323 -6.53 -7.06 -20.89
C ARG C 323 -6.43 -7.08 -22.41
N TRP C 324 -6.13 -5.91 -22.99
CA TRP C 324 -5.84 -5.81 -24.41
C TRP C 324 -4.67 -4.84 -24.60
N PRO C 325 -3.83 -5.10 -25.60
CA PRO C 325 -2.57 -4.35 -25.70
C PRO C 325 -2.76 -2.97 -26.30
N ASP C 326 -1.85 -2.06 -25.93
CA ASP C 326 -1.86 -0.69 -26.39
C ASP C 326 -0.76 -0.40 -27.39
N VAL C 327 -0.23 -1.43 -28.04
CA VAL C 327 0.92 -1.25 -28.94
C VAL C 327 0.58 -0.30 -30.08
N SER C 328 -0.67 -0.30 -30.53
CA SER C 328 -1.12 0.62 -31.56
C SER C 328 -2.13 1.59 -30.97
N GLY C 329 -2.02 2.85 -31.34
CA GLY C 329 -3.01 3.83 -30.96
C GLY C 329 -4.26 3.82 -31.81
N ASN C 330 -4.35 2.90 -32.76
CA ASN C 330 -5.49 2.82 -33.68
C ASN C 330 -6.19 1.46 -33.58
N SER C 331 -6.24 0.88 -32.38
CA SER C 331 -7.13 -0.25 -32.17
C SER C 331 -8.57 0.25 -32.13
N GLN C 332 -9.29 0.02 -33.23
CA GLN C 332 -10.67 0.50 -33.33
C GLN C 332 -11.59 -0.23 -32.37
N ALA C 333 -11.30 -1.49 -32.04
CA ALA C 333 -12.23 -2.28 -31.25
C ALA C 333 -11.48 -3.40 -30.56
N THR C 334 -12.09 -3.91 -29.48
CA THR C 334 -11.54 -5.04 -28.74
C THR C 334 -12.60 -6.13 -28.65
N GLY C 335 -12.16 -7.38 -28.74
CA GLY C 335 -13.10 -8.48 -28.64
C GLY C 335 -12.40 -9.74 -28.20
N THR C 336 -13.16 -10.83 -28.15
CA THR C 336 -12.62 -12.15 -27.92
C THR C 336 -12.66 -13.02 -29.16
N ARG C 337 -13.55 -12.71 -30.10
CA ARG C 337 -13.65 -13.45 -31.35
C ARG C 337 -14.20 -12.52 -32.41
N ALA C 338 -13.97 -12.90 -33.65
CA ALA C 338 -14.52 -12.18 -34.78
C ALA C 338 -15.77 -12.89 -35.29
N VAL C 339 -16.70 -12.11 -35.81
CA VAL C 339 -17.78 -12.60 -36.65
C VAL C 339 -17.51 -12.03 -38.03
N THR C 340 -17.12 -12.89 -38.96
CA THR C 340 -16.50 -12.44 -40.20
C THR C 340 -17.50 -12.36 -41.34
N THR C 341 -17.33 -11.37 -42.19
CA THR C 341 -17.94 -11.32 -43.50
C THR C 341 -16.83 -11.23 -44.55
N GLY C 342 -17.10 -11.78 -45.73
CA GLY C 342 -16.15 -11.71 -46.80
C GLY C 342 -15.00 -12.69 -46.64
N ALA C 343 -13.96 -12.46 -47.45
CA ALA C 343 -12.78 -13.31 -47.48
C ALA C 343 -11.66 -12.53 -48.17
N PRO C 344 -10.40 -12.87 -47.91
CA PRO C 344 -9.30 -12.07 -48.47
C PRO C 344 -9.20 -12.21 -49.99
N ARG C 345 -8.95 -11.07 -50.63
CA ARG C 345 -8.78 -11.02 -52.09
C ARG C 345 -7.59 -11.87 -52.51
N PRO C 346 -7.74 -12.70 -53.54
CA PRO C 346 -6.65 -13.64 -53.91
C PRO C 346 -5.35 -12.95 -54.30
N ALA C 347 -5.43 -11.76 -54.89
CA ALA C 347 -4.21 -11.00 -55.16
C ALA C 347 -3.49 -10.64 -53.87
N TRP C 348 -4.24 -10.45 -52.78
CA TRP C 348 -3.63 -10.17 -51.50
C TRP C 348 -2.96 -11.42 -50.94
N LEU C 349 -3.67 -12.56 -51.00
CA LEU C 349 -3.08 -13.82 -50.55
C LEU C 349 -1.85 -14.16 -51.35
N ASP C 350 -1.91 -13.97 -52.68
CA ASP C 350 -0.77 -14.26 -53.53
C ASP C 350 0.45 -13.42 -53.13
N ARG C 351 0.25 -12.13 -52.93
CA ARG C 351 1.36 -11.22 -52.60
C ARG C 351 2.01 -11.59 -51.26
N CYS C 352 1.20 -11.88 -50.23
CA CYS C 352 1.75 -12.26 -48.94
C CYS C 352 2.44 -13.61 -48.98
N ALA C 353 1.88 -14.57 -49.73
CA ALA C 353 2.57 -15.85 -49.88
C ALA C 353 3.91 -15.67 -50.59
N ALA C 354 3.94 -14.84 -51.64
CA ALA C 354 5.21 -14.63 -52.35
C ALA C 354 6.23 -13.95 -51.45
N MET C 355 5.81 -12.95 -50.66
CA MET C 355 6.75 -12.25 -49.80
C MET C 355 7.17 -13.12 -48.62
N ASN C 356 6.30 -14.03 -48.20
CA ASN C 356 6.72 -15.00 -47.20
C ASN C 356 7.88 -15.85 -47.71
N ARG C 357 7.71 -16.43 -48.91
CA ARG C 357 8.74 -17.28 -49.47
C ARG C 357 10.05 -16.52 -49.67
N HIS C 358 10.01 -15.23 -50.02
CA HIS C 358 11.22 -14.43 -50.08
C HIS C 358 11.97 -14.49 -48.76
N ALA C 359 11.27 -14.15 -47.68
CA ALA C 359 11.92 -14.05 -46.37
C ALA C 359 12.53 -15.37 -45.95
N ILE C 360 11.75 -16.47 -46.02
CA ILE C 360 12.27 -17.74 -45.55
C ILE C 360 13.34 -18.25 -46.50
N ALA C 361 13.24 -17.94 -47.79
CA ALA C 361 14.32 -18.28 -48.71
C ALA C 361 15.58 -17.49 -48.41
N ALA C 362 15.43 -16.19 -48.13
CA ALA C 362 16.58 -15.37 -47.77
C ALA C 362 17.26 -15.91 -46.53
N VAL C 363 16.48 -16.25 -45.49
CA VAL C 363 17.08 -16.78 -44.26
C VAL C 363 17.74 -18.13 -44.52
N ARG C 364 17.00 -19.05 -45.15
CA ARG C 364 17.54 -20.39 -45.39
C ARG C 364 18.80 -20.33 -46.25
N GLU C 365 18.78 -19.57 -47.34
CA GLU C 365 19.91 -19.58 -48.27
C GLU C 365 21.13 -18.91 -47.66
N GLN C 366 20.95 -17.82 -46.92
CA GLN C 366 22.10 -17.14 -46.34
C GLN C 366 22.68 -17.92 -45.16
N LEU C 367 21.85 -18.62 -44.40
CA LEU C 367 22.37 -19.50 -43.37
C LEU C 367 23.23 -20.59 -43.97
N ALA C 368 22.76 -21.20 -45.07
CA ALA C 368 23.54 -22.22 -45.75
C ALA C 368 24.85 -21.66 -46.28
N ALA C 369 24.87 -20.40 -46.67
CA ALA C 369 26.10 -19.82 -47.22
C ALA C 369 27.08 -19.42 -46.14
N HIS C 370 26.63 -19.21 -44.90
CA HIS C 370 27.50 -18.61 -43.89
C HIS C 370 28.52 -19.63 -43.38
N PRO C 371 29.81 -19.31 -43.42
CA PRO C 371 30.84 -20.30 -43.07
C PRO C 371 31.02 -20.54 -41.58
N LEU C 372 30.41 -19.73 -40.71
CA LEU C 372 30.54 -19.89 -39.28
C LEU C 372 29.20 -20.25 -38.66
N THR C 373 29.27 -20.86 -37.48
CA THR C 373 28.08 -21.24 -36.73
C THR C 373 27.64 -20.08 -35.86
N THR C 374 26.43 -19.59 -36.10
CA THR C 374 25.83 -18.54 -35.30
C THR C 374 24.71 -19.13 -34.45
N GLY C 375 24.27 -18.36 -33.46
CA GLY C 375 23.09 -18.74 -32.70
C GLY C 375 21.90 -18.98 -33.60
N LEU C 376 21.81 -18.26 -34.71
CA LEU C 376 20.71 -18.47 -35.65
C LEU C 376 20.84 -19.81 -36.36
N HIS C 377 22.07 -20.28 -36.58
CA HIS C 377 22.27 -21.65 -37.07
C HIS C 377 21.80 -22.67 -36.04
N VAL C 378 22.10 -22.43 -34.77
CA VAL C 378 21.66 -23.37 -33.72
C VAL C 378 20.15 -23.38 -33.63
N ALA C 379 19.51 -22.22 -33.79
CA ALA C 379 18.05 -22.16 -33.72
C ALA C 379 17.41 -22.86 -34.91
N ALA C 380 18.03 -22.76 -36.08
CA ALA C 380 17.56 -23.51 -37.24
C ALA C 380 17.70 -25.02 -37.01
N ALA C 381 18.80 -25.45 -36.39
CA ALA C 381 18.99 -26.87 -36.15
C ALA C 381 17.97 -27.42 -35.15
N VAL C 382 17.68 -26.66 -34.08
CA VAL C 382 16.65 -27.10 -33.14
C VAL C 382 15.30 -27.18 -33.84
N SER C 383 14.95 -26.15 -34.62
CA SER C 383 13.64 -26.12 -35.28
C SER C 383 13.49 -27.30 -36.24
N HIS C 384 14.53 -27.61 -37.00
CA HIS C 384 14.44 -28.75 -37.91
C HIS C 384 14.42 -30.08 -37.17
N ALA C 385 14.89 -30.11 -35.92
CA ALA C 385 14.87 -31.35 -35.14
C ALA C 385 13.51 -31.64 -34.51
N LEU C 386 12.65 -30.65 -34.38
CA LEU C 386 11.41 -30.84 -33.63
C LEU C 386 10.42 -31.69 -34.41
N ARG C 387 9.71 -32.56 -33.70
CA ARG C 387 8.64 -33.37 -34.22
C ARG C 387 7.36 -33.06 -33.44
N PRO C 388 6.19 -33.36 -34.00
CA PRO C 388 4.95 -33.00 -33.28
C PRO C 388 4.83 -33.75 -31.97
N GLY C 389 4.26 -33.07 -30.98
CA GLY C 389 4.20 -33.57 -29.63
C GLY C 389 5.38 -33.16 -28.77
N ASP C 390 6.40 -32.56 -29.38
CA ASP C 390 7.49 -31.98 -28.62
C ASP C 390 7.02 -30.74 -27.88
N GLN C 391 7.75 -30.40 -26.82
CA GLN C 391 7.63 -29.14 -26.14
C GLN C 391 8.93 -28.37 -26.32
N LEU C 392 8.83 -27.15 -26.83
CA LEU C 392 9.99 -26.28 -27.04
C LEU C 392 9.93 -25.15 -26.02
N VAL C 393 10.96 -25.02 -25.20
CA VAL C 393 11.09 -23.91 -24.25
C VAL C 393 12.23 -23.00 -24.72
N LEU C 394 11.96 -21.71 -24.81
CA LEU C 394 12.88 -20.76 -25.40
C LEU C 394 13.22 -19.66 -24.40
N GLY C 395 14.51 -19.34 -24.30
CA GLY C 395 14.88 -18.10 -23.64
C GLY C 395 14.23 -16.92 -24.32
N ALA C 396 13.77 -15.96 -23.53
CA ALA C 396 12.86 -14.94 -24.05
C ALA C 396 13.57 -13.81 -24.80
N SER C 397 14.88 -13.90 -25.00
CA SER C 397 15.61 -12.89 -25.75
C SER C 397 15.90 -13.36 -27.16
N ASN C 398 17.16 -13.69 -27.44
CA ASN C 398 17.54 -14.12 -28.79
C ASN C 398 16.94 -15.45 -29.23
N PRO C 399 16.82 -16.48 -28.39
CA PRO C 399 16.29 -17.76 -28.90
C PRO C 399 14.88 -17.67 -29.45
N VAL C 400 13.98 -16.94 -28.77
CA VAL C 400 12.64 -16.78 -29.31
C VAL C 400 12.68 -15.92 -30.57
N ARG C 401 13.56 -14.92 -30.59
CA ARG C 401 13.83 -14.14 -31.80
C ARG C 401 14.38 -15.01 -32.91
N ASP C 402 15.41 -15.81 -32.61
CA ASP C 402 16.12 -16.56 -33.65
C ASP C 402 15.24 -17.64 -34.26
N VAL C 403 14.47 -18.33 -33.42
CA VAL C 403 13.58 -19.38 -33.91
C VAL C 403 12.49 -18.79 -34.82
N ALA C 404 11.99 -17.60 -34.48
CA ALA C 404 11.03 -16.92 -35.35
C ALA C 404 11.69 -16.54 -36.68
N LEU C 405 12.95 -16.10 -36.62
CA LEU C 405 13.67 -15.75 -37.83
C LEU C 405 13.93 -16.96 -38.72
N ALA C 406 14.15 -18.14 -38.13
CA ALA C 406 14.30 -19.35 -38.92
C ALA C 406 12.97 -19.93 -39.38
N GLY C 407 11.87 -19.24 -39.12
CA GLY C 407 10.55 -19.68 -39.57
C GLY C 407 10.14 -21.04 -39.05
N LEU C 408 10.27 -21.27 -37.74
CA LEU C 408 9.79 -22.51 -37.15
C LEU C 408 8.30 -22.70 -37.40
N ASP C 409 7.92 -23.90 -37.82
CA ASP C 409 6.51 -24.30 -37.94
C ASP C 409 6.06 -24.86 -36.59
N THR C 410 5.34 -24.06 -35.80
CA THR C 410 4.99 -24.44 -34.45
C THR C 410 3.78 -25.36 -34.35
N ARG C 411 3.08 -25.63 -35.45
CA ARG C 411 1.88 -26.45 -35.39
C ARG C 411 2.21 -27.85 -34.89
N GLY C 412 1.43 -28.32 -33.91
CA GLY C 412 1.64 -29.63 -33.35
C GLY C 412 2.69 -29.72 -32.27
N ILE C 413 3.37 -28.62 -31.95
CA ILE C 413 4.32 -28.59 -30.85
C ILE C 413 3.89 -27.48 -29.89
N ARG C 414 4.34 -27.60 -28.65
CA ARG C 414 3.96 -26.66 -27.60
C ARG C 414 5.17 -25.81 -27.24
N VAL C 415 5.08 -24.51 -27.46
CA VAL C 415 6.18 -23.58 -27.30
C VAL C 415 5.94 -22.72 -26.05
N ARG C 416 6.94 -22.66 -25.18
CA ARG C 416 6.86 -21.85 -23.96
C ARG C 416 8.02 -20.88 -23.92
N SER C 417 7.76 -19.69 -23.39
CA SER C 417 8.82 -18.72 -23.14
C SER C 417 8.24 -17.68 -22.20
N ASN C 418 9.09 -17.13 -21.32
CA ASN C 418 8.64 -16.19 -20.30
C ASN C 418 8.51 -14.80 -20.92
N ARG C 419 7.49 -14.64 -21.75
CA ARG C 419 7.30 -13.42 -22.50
C ARG C 419 6.51 -12.36 -21.72
N GLY C 420 6.22 -12.62 -20.46
CA GLY C 420 5.54 -11.63 -19.64
C GLY C 420 6.37 -10.38 -19.44
N VAL C 421 7.63 -10.54 -19.05
CA VAL C 421 8.55 -9.42 -18.93
C VAL C 421 9.85 -9.72 -19.66
N ALA C 422 9.98 -10.96 -20.16
CA ALA C 422 11.20 -11.39 -20.86
C ALA C 422 12.45 -11.17 -20.01
N GLY C 423 12.36 -11.53 -18.74
CA GLY C 423 13.55 -11.50 -17.92
C GLY C 423 14.46 -12.68 -18.24
N ILE C 424 15.69 -12.60 -17.73
CA ILE C 424 16.62 -13.73 -17.83
C ILE C 424 16.57 -14.62 -16.58
N ASP C 425 15.93 -14.17 -15.52
CA ASP C 425 15.81 -14.96 -14.30
C ASP C 425 15.01 -16.24 -14.57
N GLY C 426 15.46 -17.34 -13.97
CA GLY C 426 14.70 -18.58 -13.90
C GLY C 426 14.47 -19.33 -15.18
N THR C 427 15.21 -19.03 -16.25
CA THR C 427 14.97 -19.70 -17.52
C THR C 427 15.25 -21.20 -17.42
N VAL C 428 16.37 -21.57 -16.80
CA VAL C 428 16.66 -22.99 -16.62
C VAL C 428 15.55 -23.65 -15.82
N SER C 429 15.13 -23.03 -14.72
CA SER C 429 14.09 -23.62 -13.88
C SER C 429 12.76 -23.73 -14.61
N THR C 430 12.43 -22.75 -15.45
CA THR C 430 11.18 -22.80 -16.21
C THR C 430 11.16 -23.99 -17.15
N ALA C 431 12.28 -24.26 -17.81
CA ALA C 431 12.31 -25.40 -18.72
C ALA C 431 12.13 -26.70 -17.95
N ILE C 432 12.77 -26.82 -16.79
CA ILE C 432 12.69 -28.05 -16.00
C ILE C 432 11.26 -28.27 -15.52
N GLY C 433 10.62 -27.21 -15.00
CA GLY C 433 9.24 -27.34 -14.56
C GLY C 433 8.28 -27.63 -15.69
N ALA C 434 8.51 -27.00 -16.85
CA ALA C 434 7.66 -27.30 -18.01
C ALA C 434 7.82 -28.76 -18.44
N ALA C 435 9.07 -29.25 -18.43
CA ALA C 435 9.30 -30.65 -18.80
C ALA C 435 8.60 -31.59 -17.83
N LEU C 436 8.75 -31.34 -16.52
CA LEU C 436 8.14 -32.21 -15.52
C LEU C 436 6.63 -32.21 -15.61
N ALA C 437 6.02 -31.02 -15.75
CA ALA C 437 4.56 -30.96 -15.85
C ALA C 437 4.07 -31.57 -17.17
N TYR C 438 4.78 -31.31 -18.26
CA TYR C 438 4.41 -31.91 -19.54
C TYR C 438 4.51 -33.42 -19.51
N GLU C 439 5.57 -33.95 -18.89
CA GLU C 439 5.68 -35.40 -18.68
C GLU C 439 4.58 -35.90 -17.75
N GLY C 440 4.39 -35.21 -16.61
CA GLY C 440 3.40 -35.65 -15.65
C GLY C 440 2.00 -35.75 -16.24
N ALA C 441 1.63 -34.78 -17.08
CA ALA C 441 0.35 -34.87 -17.76
C ALA C 441 0.30 -36.07 -18.70
N HIS C 442 1.45 -36.42 -19.30
CA HIS C 442 1.47 -37.54 -20.23
C HIS C 442 1.21 -38.88 -19.54
N GLU C 443 1.65 -39.04 -18.29
CA GLU C 443 1.43 -40.31 -17.62
C GLU C 443 -0.02 -40.44 -17.14
N ARG C 444 -0.64 -39.34 -16.71
CA ARG C 444 -2.02 -39.42 -16.23
C ARG C 444 -2.97 -39.81 -17.35
N THR C 445 -2.60 -39.54 -18.60
CA THR C 445 -3.16 -40.25 -19.75
C THR C 445 -2.41 -41.58 -19.85
N GLY C 446 -3.02 -42.65 -19.36
CA GLY C 446 -2.39 -43.96 -19.37
C GLY C 446 -1.82 -44.33 -20.72
N SER C 447 -0.49 -44.41 -20.83
CA SER C 447 0.10 -44.68 -22.12
C SER C 447 1.41 -45.43 -21.92
N PRO C 448 1.67 -46.47 -22.73
CA PRO C 448 2.96 -47.15 -22.67
C PRO C 448 4.08 -46.33 -23.26
N ASP C 449 3.76 -45.31 -24.05
CA ASP C 449 4.77 -44.53 -24.76
C ASP C 449 5.72 -43.85 -23.79
N SER C 450 6.95 -43.65 -24.25
CA SER C 450 7.90 -42.86 -23.50
C SER C 450 7.39 -41.42 -23.39
N PRO C 451 7.79 -40.69 -22.35
CA PRO C 451 7.34 -39.32 -22.21
C PRO C 451 7.81 -38.47 -23.37
N PRO C 452 7.06 -37.43 -23.74
CA PRO C 452 7.44 -36.60 -24.88
C PRO C 452 8.71 -35.80 -24.61
N ARG C 453 9.41 -35.47 -25.67
CA ARG C 453 10.64 -34.69 -25.53
C ARG C 453 10.32 -33.25 -25.18
N THR C 454 11.07 -32.71 -24.22
CA THR C 454 11.13 -31.26 -24.00
C THR C 454 12.51 -30.79 -24.37
N ILE C 455 12.59 -29.91 -25.35
CA ILE C 455 13.83 -29.32 -25.82
C ILE C 455 13.82 -27.86 -25.43
N ALA C 456 14.91 -27.38 -24.84
CA ALA C 456 15.04 -25.98 -24.47
C ALA C 456 16.23 -25.39 -25.22
N LEU C 457 16.06 -24.16 -25.69
CA LEU C 457 17.16 -23.43 -26.33
C LEU C 457 17.35 -22.13 -25.53
N ILE C 458 18.50 -22.01 -24.87
CA ILE C 458 18.82 -20.79 -24.14
C ILE C 458 20.25 -20.40 -24.45
N GLY C 459 20.51 -19.09 -24.44
CA GLY C 459 21.86 -18.57 -24.64
C GLY C 459 22.73 -18.80 -23.43
N ASP C 460 24.03 -18.57 -23.63
CA ASP C 460 24.98 -18.88 -22.55
C ASP C 460 24.79 -17.96 -21.37
N LEU C 461 24.61 -16.66 -21.61
CA LEU C 461 24.48 -15.72 -20.52
C LEU C 461 23.22 -16.00 -19.69
N THR C 462 22.14 -16.40 -20.35
CA THR C 462 20.95 -16.80 -19.62
C THR C 462 21.21 -18.10 -18.84
N PHE C 463 21.88 -19.06 -19.49
CA PHE C 463 22.19 -20.32 -18.83
C PHE C 463 23.09 -20.10 -17.62
N VAL C 464 24.15 -19.30 -17.79
CA VAL C 464 25.05 -19.05 -16.67
C VAL C 464 24.28 -18.37 -15.54
N HIS C 465 23.50 -17.35 -15.90
CA HIS C 465 22.82 -16.55 -14.89
C HIS C 465 21.88 -17.40 -14.05
N ASP C 466 21.16 -18.33 -14.66
CA ASP C 466 20.27 -19.24 -13.93
C ASP C 466 20.84 -20.65 -13.87
N SER C 467 22.18 -20.78 -13.82
CA SER C 467 22.75 -22.13 -13.77
C SER C 467 22.31 -22.85 -12.50
N SER C 468 22.29 -22.15 -11.36
CA SER C 468 21.77 -22.77 -10.14
C SER C 468 20.33 -23.24 -10.28
N GLY C 469 19.62 -22.82 -11.33
CA GLY C 469 18.34 -23.45 -11.64
C GLY C 469 18.45 -24.93 -11.93
N LEU C 470 19.63 -25.38 -12.40
CA LEU C 470 19.80 -26.81 -12.70
C LEU C 470 19.75 -27.68 -11.45
N LEU C 471 19.98 -27.10 -10.27
CA LEU C 471 20.18 -27.92 -9.07
C LEU C 471 18.89 -28.63 -8.69
N ILE C 472 18.89 -29.96 -8.77
CA ILE C 472 17.78 -30.79 -8.32
C ILE C 472 18.31 -31.73 -7.28
N GLY C 473 17.74 -31.67 -6.08
CA GLY C 473 18.18 -32.49 -4.98
C GLY C 473 18.06 -33.96 -5.32
N PRO C 474 18.88 -34.79 -4.65
CA PRO C 474 18.85 -36.23 -4.93
C PRO C 474 17.52 -36.88 -4.62
N THR C 475 16.72 -36.28 -3.76
CA THR C 475 15.40 -36.81 -3.42
C THR C 475 14.29 -36.23 -4.29
N GLU C 476 14.61 -35.41 -5.27
CA GLU C 476 13.58 -34.62 -5.94
C GLU C 476 13.35 -35.11 -7.37
N PRO C 477 12.17 -34.84 -7.92
CA PRO C 477 11.85 -35.33 -9.28
C PRO C 477 12.76 -34.74 -10.34
N ILE C 478 13.24 -35.61 -11.23
CA ILE C 478 14.10 -35.20 -12.34
C ILE C 478 13.28 -35.37 -13.62
N PRO C 479 13.35 -34.44 -14.57
CA PRO C 479 12.65 -34.65 -15.84
C PRO C 479 13.15 -35.89 -16.56
N ARG C 480 12.22 -36.64 -17.14
CA ARG C 480 12.58 -37.87 -17.83
C ARG C 480 13.14 -37.63 -19.23
N SER C 481 12.85 -36.47 -19.85
CA SER C 481 13.20 -36.24 -21.25
C SER C 481 13.32 -34.74 -21.52
N LEU C 482 14.31 -34.11 -20.88
CA LEU C 482 14.58 -32.69 -21.06
C LEU C 482 16.01 -32.53 -21.59
N THR C 483 16.15 -31.88 -22.74
CA THR C 483 17.44 -31.57 -23.31
C THR C 483 17.56 -30.05 -23.45
N ILE C 484 18.51 -29.47 -22.72
CA ILE C 484 18.76 -28.04 -22.77
C ILE C 484 19.90 -27.79 -23.74
N VAL C 485 19.59 -27.12 -24.85
CA VAL C 485 20.62 -26.71 -25.80
C VAL C 485 21.06 -25.31 -25.42
N VAL C 486 22.36 -25.15 -25.15
CA VAL C 486 22.96 -23.87 -24.82
C VAL C 486 23.71 -23.40 -26.06
N SER C 487 23.14 -22.45 -26.78
CA SER C 487 23.84 -21.80 -27.88
C SER C 487 24.75 -20.75 -27.26
N ASN C 488 26.05 -21.02 -27.28
CA ASN C 488 27.05 -20.31 -26.48
C ASN C 488 27.96 -19.51 -27.40
N ASP C 489 27.70 -18.20 -27.51
CA ASP C 489 28.61 -17.30 -28.22
C ASP C 489 29.48 -16.49 -27.28
N ASN C 490 29.66 -16.96 -26.04
CA ASN C 490 30.46 -16.30 -25.01
C ASN C 490 30.10 -14.81 -24.91
N GLY C 491 28.81 -14.55 -24.71
CA GLY C 491 28.30 -13.19 -24.63
C GLY C 491 26.80 -13.13 -24.81
N VAL C 508 27.29 2.50 -19.88
CA VAL C 508 28.51 2.08 -19.19
C VAL C 508 28.30 0.71 -18.53
N SER C 509 27.05 0.30 -18.33
CA SER C 509 26.77 -1.08 -17.94
C SER C 509 27.11 -2.04 -19.06
N SER C 510 27.19 -1.55 -20.28
CA SER C 510 27.72 -2.34 -21.38
C SER C 510 29.07 -2.98 -21.05
N ARG C 511 29.89 -2.30 -20.24
CA ARG C 511 31.30 -2.61 -20.13
C ARG C 511 31.60 -4.06 -19.72
N ILE C 512 30.64 -4.76 -19.11
CA ILE C 512 30.89 -6.18 -18.81
C ILE C 512 30.75 -7.03 -20.07
N PHE C 513 29.90 -6.63 -21.01
CA PHE C 513 29.77 -7.34 -22.27
C PHE C 513 30.97 -7.08 -23.16
N PRO C 516 33.32 -11.03 -22.41
CA PRO C 516 33.81 -12.40 -22.60
C PRO C 516 33.97 -13.13 -21.28
N HIS C 517 32.82 -13.45 -20.64
CA HIS C 517 32.81 -14.07 -19.32
C HIS C 517 33.63 -15.36 -19.29
N ASP C 518 33.55 -16.15 -20.36
CA ASP C 518 34.24 -17.45 -20.46
C ASP C 518 34.00 -18.33 -19.25
N VAL C 519 32.81 -18.23 -18.66
CA VAL C 519 32.35 -19.22 -17.69
C VAL C 519 32.33 -20.59 -18.34
N ASP C 520 33.02 -21.55 -17.73
CA ASP C 520 33.01 -22.91 -18.25
C ASP C 520 31.63 -23.52 -18.04
N VAL C 521 30.89 -23.71 -19.13
CA VAL C 521 29.56 -24.29 -19.05
C VAL C 521 29.63 -25.71 -18.51
N GLY C 522 30.63 -26.48 -18.95
CA GLY C 522 30.75 -27.85 -18.50
C GLY C 522 31.05 -27.95 -17.02
N ALA C 523 31.82 -27.01 -16.49
CA ALA C 523 32.07 -26.99 -15.05
C ALA C 523 30.78 -26.69 -14.28
N LEU C 524 29.94 -25.80 -14.81
CA LEU C 524 28.67 -25.50 -14.17
C LEU C 524 27.80 -26.75 -14.07
N CYS C 525 27.74 -27.54 -15.15
CA CYS C 525 26.94 -28.76 -15.17
C CYS C 525 27.47 -29.79 -14.19
N ARG C 526 28.79 -29.92 -14.08
CA ARG C 526 29.35 -30.82 -13.09
C ARG C 526 29.03 -30.34 -11.68
N ALA C 527 29.04 -29.03 -11.48
CA ALA C 527 28.73 -28.48 -10.17
C ALA C 527 27.33 -28.87 -9.72
N TYR C 528 26.37 -28.90 -10.66
CA TYR C 528 25.00 -29.26 -10.33
C TYR C 528 24.64 -30.67 -10.79
N HIS C 529 25.66 -31.52 -10.99
CA HIS C 529 25.54 -32.91 -11.43
C HIS C 529 24.48 -33.09 -12.52
N VAL C 530 24.72 -32.51 -13.70
CA VAL C 530 23.88 -32.70 -14.88
C VAL C 530 24.79 -33.16 -16.00
N GLU C 531 24.32 -34.14 -16.77
CA GLU C 531 25.07 -34.61 -17.92
C GLU C 531 25.18 -33.50 -18.96
N SER C 532 26.38 -33.27 -19.46
CA SER C 532 26.62 -32.23 -20.44
C SER C 532 27.62 -32.71 -21.48
N ARG C 533 27.48 -32.17 -22.69
CA ARG C 533 28.33 -32.50 -23.82
C ARG C 533 28.49 -31.27 -24.69
N GLN C 534 29.67 -31.12 -25.28
CA GLN C 534 29.91 -30.12 -26.32
C GLN C 534 29.80 -30.79 -27.67
N ILE C 535 29.04 -30.19 -28.59
CA ILE C 535 28.84 -30.76 -29.91
C ILE C 535 28.82 -29.65 -30.96
N GLU C 536 28.91 -30.07 -32.22
CA GLU C 536 28.77 -29.17 -33.36
C GLU C 536 27.34 -29.21 -33.87
N VAL C 537 26.99 -28.23 -34.72
CA VAL C 537 25.60 -28.07 -35.14
C VAL C 537 25.12 -29.32 -35.86
N ASP C 538 25.91 -29.82 -36.80
CA ASP C 538 25.55 -31.04 -37.53
C ASP C 538 25.18 -32.18 -36.59
N GLU C 539 25.74 -32.19 -35.38
CA GLU C 539 25.48 -33.27 -34.44
C GLU C 539 24.22 -33.09 -33.61
N LEU C 540 23.58 -31.93 -33.64
CA LEU C 540 22.52 -31.64 -32.68
C LEU C 540 21.28 -32.49 -32.99
N GLY C 541 20.84 -32.47 -34.25
CA GLY C 541 19.75 -33.30 -34.71
C GLY C 541 19.87 -34.75 -34.28
N PRO C 542 20.96 -35.42 -34.66
CA PRO C 542 21.10 -36.84 -34.27
C PRO C 542 21.23 -37.04 -32.77
N THR C 543 21.94 -36.14 -32.07
CA THR C 543 22.09 -36.29 -30.63
C THR C 543 20.75 -36.16 -29.92
N LEU C 544 19.87 -35.30 -30.42
CA LEU C 544 18.54 -35.19 -29.82
C LEU C 544 17.74 -36.45 -30.05
N ASP C 545 17.98 -37.15 -31.15
CA ASP C 545 17.33 -38.43 -31.37
C ASP C 545 17.83 -39.49 -30.37
N GLN C 546 19.08 -39.39 -29.95
CA GLN C 546 19.65 -40.32 -28.98
C GLN C 546 18.85 -40.35 -27.68
N ALA C 549 20.41 -40.11 -20.98
CA ALA C 549 19.11 -39.49 -21.19
C ALA C 549 18.74 -38.58 -20.01
N GLY C 550 17.52 -38.77 -19.48
CA GLY C 550 17.02 -37.99 -18.35
C GLY C 550 16.99 -36.50 -18.61
N MET C 551 17.88 -35.78 -17.94
CA MET C 551 18.10 -34.36 -18.17
C MET C 551 19.57 -34.17 -18.56
N ARG C 552 19.81 -33.52 -19.69
CA ARG C 552 21.17 -33.29 -20.15
C ARG C 552 21.29 -31.92 -20.80
N VAL C 553 22.54 -31.51 -21.04
CA VAL C 553 22.85 -30.20 -21.61
C VAL C 553 23.72 -30.38 -22.84
N LEU C 554 23.26 -29.91 -23.99
CA LEU C 554 24.05 -29.89 -25.22
C LEU C 554 24.55 -28.47 -25.45
N GLU C 555 25.87 -28.29 -25.41
CA GLU C 555 26.49 -26.98 -25.60
C GLU C 555 27.00 -26.88 -27.03
N VAL C 556 26.54 -25.86 -27.74
CA VAL C 556 26.99 -25.60 -29.10
C VAL C 556 27.67 -24.23 -29.08
N LYS C 557 28.98 -24.23 -29.26
CA LYS C 557 29.71 -22.98 -29.34
C LYS C 557 29.40 -22.29 -30.66
N ALA C 558 29.27 -20.98 -30.62
CA ALA C 558 28.86 -20.22 -31.81
C ALA C 558 29.61 -18.90 -31.86
N ASP C 559 29.72 -18.38 -33.08
CA ASP C 559 30.37 -17.10 -33.33
C ASP C 559 29.33 -15.99 -33.38
N ARG C 560 29.68 -14.84 -32.79
CA ARG C 560 28.86 -13.65 -32.96
C ARG C 560 29.61 -12.54 -33.70
N SER C 561 30.89 -12.71 -33.98
CA SER C 561 31.63 -11.70 -34.72
C SER C 561 31.05 -11.44 -36.10
N SER C 562 30.53 -12.47 -36.77
CA SER C 562 30.04 -12.37 -38.14
C SER C 562 28.52 -12.24 -38.21
N LEU C 563 27.87 -11.91 -37.10
CA LEU C 563 26.41 -11.83 -37.10
C LEU C 563 25.92 -10.63 -37.91
N ARG C 564 26.58 -9.48 -37.79
CA ARG C 564 26.24 -8.34 -38.65
C ARG C 564 26.37 -8.73 -40.12
N GLN C 565 27.38 -9.53 -40.46
CA GLN C 565 27.54 -9.97 -41.85
C GLN C 565 26.40 -10.89 -42.26
N LEU C 566 26.03 -11.84 -41.40
CA LEU C 566 24.95 -12.75 -41.73
C LEU C 566 23.62 -12.02 -41.86
N HIS C 567 23.34 -11.08 -40.94
CA HIS C 567 22.09 -10.33 -41.01
C HIS C 567 22.05 -9.44 -42.24
N ALA C 568 23.14 -8.72 -42.54
CA ALA C 568 23.17 -7.89 -43.73
C ALA C 568 22.96 -8.73 -44.98
N ALA C 569 23.51 -9.96 -44.99
CA ALA C 569 23.29 -10.84 -46.12
C ALA C 569 21.83 -11.22 -46.26
N ILE C 570 21.13 -11.40 -45.13
CA ILE C 570 19.71 -11.71 -45.18
C ILE C 570 18.92 -10.50 -45.67
N LYS C 571 19.18 -9.33 -45.09
CA LYS C 571 18.48 -8.12 -45.53
C LYS C 571 18.72 -7.85 -47.01
N ALA C 572 19.96 -8.02 -47.48
CA ALA C 572 20.30 -7.77 -48.87
C ALA C 572 19.61 -8.74 -49.83
N ALA C 573 19.15 -9.88 -49.33
CA ALA C 573 18.56 -10.90 -50.19
C ALA C 573 17.04 -10.81 -50.25
N LEU C 574 16.42 -9.98 -49.42
CA LEU C 574 14.96 -9.87 -49.41
C LEU C 574 14.44 -9.30 -50.72
N ASN D 22 22.29 20.20 -22.69
CA ASN D 22 21.11 19.47 -22.27
C ASN D 22 20.88 19.64 -20.77
N PRO D 23 19.69 20.11 -20.40
CA PRO D 23 19.42 20.32 -18.97
C PRO D 23 19.48 19.04 -18.14
N SER D 24 18.99 17.92 -18.70
CA SER D 24 19.04 16.66 -17.97
C SER D 24 20.48 16.24 -17.66
N THR D 25 21.38 16.39 -18.64
CA THR D 25 22.79 16.05 -18.41
C THR D 25 23.38 16.92 -17.32
N THR D 26 23.08 18.23 -17.36
CA THR D 26 23.50 19.13 -16.28
C THR D 26 22.95 18.67 -14.94
N GLN D 27 21.67 18.27 -14.92
CA GLN D 27 21.05 17.77 -13.71
C GLN D 27 21.77 16.53 -13.19
N ALA D 28 22.02 15.55 -14.06
CA ALA D 28 22.65 14.31 -13.61
C ALA D 28 24.05 14.58 -13.05
N ARG D 29 24.81 15.46 -13.70
CA ARG D 29 26.16 15.77 -13.23
C ARG D 29 26.13 16.44 -11.86
N VAL D 30 25.21 17.40 -11.69
CA VAL D 30 25.04 18.07 -10.41
C VAL D 30 24.73 17.04 -9.32
N VAL D 31 23.81 16.10 -9.62
CA VAL D 31 23.37 15.15 -8.61
C VAL D 31 24.52 14.23 -8.20
N VAL D 32 25.22 13.67 -9.18
CA VAL D 32 26.37 12.83 -8.89
C VAL D 32 27.39 13.60 -8.07
N ASP D 33 27.68 14.84 -8.47
CA ASP D 33 28.65 15.63 -7.73
C ASP D 33 28.23 15.80 -6.28
N GLU D 34 26.93 16.03 -6.03
CA GLU D 34 26.47 16.21 -4.66
C GLU D 34 26.47 14.89 -3.92
N LEU D 35 26.10 13.80 -4.60
CA LEU D 35 26.17 12.48 -3.96
C LEU D 35 27.60 12.16 -3.54
N ILE D 36 28.57 12.60 -4.33
CA ILE D 36 29.98 12.42 -3.96
C ILE D 36 30.27 13.16 -2.67
N ARG D 37 29.98 14.45 -2.64
CA ARG D 37 30.19 15.26 -1.43
C ARG D 37 29.48 14.67 -0.23
N GLY D 38 28.42 13.88 -0.43
CA GLY D 38 27.71 13.25 0.66
C GLY D 38 28.28 11.95 1.15
N GLY D 39 29.44 11.53 0.63
CA GLY D 39 30.12 10.34 1.07
C GLY D 39 29.84 9.10 0.27
N VAL D 40 29.09 9.19 -0.82
CA VAL D 40 28.89 8.01 -1.65
C VAL D 40 30.17 7.76 -2.43
N ARG D 41 30.84 6.64 -2.14
CA ARG D 41 32.04 6.26 -2.85
C ARG D 41 31.83 5.11 -3.81
N ASP D 42 30.74 4.36 -3.67
CA ASP D 42 30.45 3.20 -4.49
C ASP D 42 29.03 3.30 -5.02
N VAL D 43 28.85 2.85 -6.26
CA VAL D 43 27.55 2.79 -6.92
C VAL D 43 27.49 1.48 -7.66
N VAL D 44 26.34 0.82 -7.61
CA VAL D 44 26.15 -0.50 -8.20
C VAL D 44 25.16 -0.39 -9.36
N LEU D 45 25.50 -0.99 -10.49
CA LEU D 45 24.67 -0.92 -11.69
C LEU D 45 24.50 -2.30 -12.31
N CYS D 46 23.37 -2.49 -12.96
CA CYS D 46 23.14 -3.60 -13.86
C CYS D 46 22.71 -3.06 -15.23
N PRO D 47 23.02 -3.77 -16.31
CA PRO D 47 22.51 -3.38 -17.62
C PRO D 47 21.00 -3.64 -17.70
N GLY D 48 20.28 -2.76 -18.40
CA GLY D 48 18.84 -2.88 -18.46
C GLY D 48 18.26 -2.47 -19.80
N SER D 49 16.95 -2.67 -19.92
CA SER D 49 16.21 -2.29 -21.12
C SER D 49 16.49 -0.85 -21.56
N ARG D 50 16.36 0.07 -20.62
CA ARG D 50 16.62 1.48 -20.85
C ARG D 50 17.96 1.86 -20.22
N ASN D 51 18.47 3.04 -20.59
CA ASN D 51 19.77 3.37 -20.03
C ASN D 51 19.63 3.83 -18.57
N ALA D 52 20.66 3.50 -17.78
CA ALA D 52 20.63 3.70 -16.33
C ALA D 52 20.39 5.17 -15.98
N PRO D 53 19.84 5.44 -14.80
CA PRO D 53 19.79 6.81 -14.29
C PRO D 53 21.19 7.31 -13.96
N LEU D 54 21.50 8.53 -14.40
CA LEU D 54 22.78 9.19 -14.18
C LEU D 54 23.95 8.44 -14.81
N ALA D 55 23.67 7.54 -15.75
CA ALA D 55 24.69 6.62 -16.25
C ALA D 55 25.90 7.37 -16.82
N PHE D 56 25.65 8.42 -17.59
CA PHE D 56 26.76 9.16 -18.19
C PHE D 56 27.54 9.94 -17.13
N ALA D 57 26.82 10.60 -16.22
CA ALA D 57 27.50 11.33 -15.15
C ALA D 57 28.27 10.38 -14.23
N LEU D 58 27.68 9.20 -13.95
CA LEU D 58 28.37 8.23 -13.10
C LEU D 58 29.63 7.71 -13.77
N GLN D 59 29.59 7.59 -15.10
CA GLN D 59 30.75 7.11 -15.84
C GLN D 59 31.91 8.09 -15.74
N ASP D 60 31.63 9.37 -15.91
CA ASP D 60 32.70 10.36 -15.81
C ASP D 60 33.28 10.38 -14.41
N ALA D 61 32.43 10.29 -13.38
CA ALA D 61 32.92 10.26 -12.01
C ALA D 61 33.83 9.07 -11.78
N ASP D 62 33.44 7.89 -12.28
CA ASP D 62 34.26 6.70 -12.14
C ASP D 62 35.57 6.82 -12.91
N ARG D 63 35.54 7.45 -14.09
CA ARG D 63 36.78 7.62 -14.84
C ARG D 63 37.73 8.57 -14.12
N SER D 64 37.20 9.54 -13.40
CA SER D 64 38.01 10.51 -12.67
C SER D 64 38.47 9.99 -11.31
N GLY D 65 38.03 8.81 -10.90
CA GLY D 65 38.38 8.33 -9.57
C GLY D 65 37.59 8.97 -8.45
N ARG D 66 36.61 9.80 -8.78
CA ARG D 66 35.76 10.40 -7.76
C ARG D 66 34.81 9.38 -7.14
N ILE D 67 34.41 8.36 -7.91
CA ILE D 67 33.51 7.33 -7.43
C ILE D 67 33.93 6.02 -8.08
N ARG D 68 33.46 4.91 -7.51
CA ARG D 68 33.81 3.57 -7.98
C ARG D 68 32.54 2.83 -8.37
N LEU D 69 32.45 2.45 -9.65
CA LEU D 69 31.30 1.71 -10.17
C LEU D 69 31.50 0.20 -10.04
N HIS D 70 30.39 -0.50 -9.86
CA HIS D 70 30.37 -1.96 -9.76
C HIS D 70 29.21 -2.44 -10.62
N VAL D 71 29.50 -3.25 -11.62
CA VAL D 71 28.49 -3.73 -12.55
C VAL D 71 28.27 -5.22 -12.33
N ARG D 72 27.01 -5.62 -12.28
CA ARG D 72 26.59 -7.02 -12.16
C ARG D 72 25.45 -7.27 -13.14
N ILE D 73 25.25 -8.53 -13.48
CA ILE D 73 24.09 -8.92 -14.27
C ILE D 73 22.90 -9.27 -13.38
N ASP D 74 23.12 -10.13 -12.38
CA ASP D 74 22.08 -10.53 -11.43
C ASP D 74 21.70 -9.33 -10.58
N GLU D 75 20.47 -8.85 -10.75
CA GLU D 75 20.02 -7.67 -10.02
C GLU D 75 19.85 -7.95 -8.53
N ARG D 76 19.53 -9.20 -8.15
CA ARG D 76 19.35 -9.51 -6.75
C ARG D 76 20.69 -9.51 -6.02
N THR D 77 21.70 -10.16 -6.59
CA THR D 77 23.02 -10.12 -5.97
C THR D 77 23.60 -8.71 -5.98
N ALA D 78 23.25 -7.91 -7.00
CA ALA D 78 23.70 -6.52 -7.05
C ALA D 78 23.11 -5.68 -5.92
N GLY D 79 21.87 -5.96 -5.51
CA GLY D 79 21.33 -5.30 -4.34
C GLY D 79 22.13 -5.58 -3.08
N TYR D 80 22.53 -6.84 -2.88
CA TYR D 80 23.26 -7.22 -1.68
C TYR D 80 24.73 -6.79 -1.76
N LEU D 81 25.29 -6.70 -2.98
CA LEU D 81 26.60 -6.08 -3.12
C LEU D 81 26.58 -4.65 -2.62
N ALA D 82 25.52 -3.91 -2.92
CA ALA D 82 25.41 -2.54 -2.42
C ALA D 82 25.28 -2.52 -0.90
N ILE D 83 24.51 -3.45 -0.34
CA ILE D 83 24.44 -3.61 1.12
C ILE D 83 25.82 -3.86 1.70
N GLY D 84 26.60 -4.76 1.08
CA GLY D 84 27.96 -5.00 1.55
C GLY D 84 28.84 -3.77 1.45
N LEU D 85 28.72 -3.02 0.35
CA LEU D 85 29.52 -1.81 0.20
C LEU D 85 29.17 -0.73 1.22
N ALA D 86 28.00 -0.84 1.86
CA ALA D 86 27.57 0.15 2.83
C ALA D 86 27.97 -0.25 4.26
N ILE D 87 27.69 -1.49 4.63
CA ILE D 87 28.02 -1.95 5.98
C ILE D 87 29.52 -2.13 6.17
N GLY D 88 30.30 -2.22 5.09
CA GLY D 88 31.73 -2.47 5.23
C GLY D 88 32.47 -1.31 5.86
N ALA D 89 32.11 -0.08 5.47
CA ALA D 89 32.72 1.11 6.03
C ALA D 89 31.69 2.18 6.39
N GLY D 90 30.41 1.82 6.46
CA GLY D 90 29.41 2.75 6.96
C GLY D 90 29.07 3.89 6.01
N ALA D 91 29.15 3.67 4.72
CA ALA D 91 28.93 4.76 3.79
C ALA D 91 27.63 4.59 3.03
N PRO D 92 26.97 5.67 2.64
CA PRO D 92 25.82 5.54 1.74
C PRO D 92 26.24 4.99 0.40
N VAL D 93 25.44 4.05 -0.11
CA VAL D 93 25.69 3.41 -1.40
C VAL D 93 24.45 3.58 -2.26
N CYS D 94 24.65 3.73 -3.57
CA CYS D 94 23.57 3.81 -4.53
C CYS D 94 23.52 2.56 -5.38
N VAL D 95 22.32 2.23 -5.85
CA VAL D 95 22.09 1.18 -6.83
C VAL D 95 21.24 1.76 -7.96
N ALA D 96 21.63 1.48 -9.20
CA ALA D 96 21.00 2.09 -10.38
C ALA D 96 20.05 1.10 -11.04
N MET D 97 18.75 1.27 -10.78
CA MET D 97 17.71 0.50 -11.45
C MET D 97 17.72 0.78 -12.95
N THR D 98 17.53 -0.27 -13.75
CA THR D 98 17.52 -0.10 -15.20
C THR D 98 16.49 -0.91 -15.95
N SER D 99 15.62 -1.69 -15.30
CA SER D 99 14.83 -2.66 -16.03
C SER D 99 13.50 -2.89 -15.34
N GLY D 100 12.68 -3.76 -15.95
CA GLY D 100 11.38 -4.08 -15.40
C GLY D 100 11.39 -5.14 -14.32
N THR D 101 12.50 -5.84 -14.14
CA THR D 101 12.64 -6.79 -13.04
C THR D 101 13.39 -6.20 -11.87
N ALA D 102 13.90 -4.97 -12.00
CA ALA D 102 14.83 -4.43 -11.02
C ALA D 102 14.17 -4.22 -9.66
N VAL D 103 12.93 -3.74 -9.64
CA VAL D 103 12.25 -3.52 -8.37
C VAL D 103 12.00 -4.85 -7.68
N ALA D 104 11.58 -5.86 -8.43
CA ALA D 104 11.37 -7.18 -7.84
C ALA D 104 12.67 -7.74 -7.28
N ASN D 105 13.75 -7.68 -8.07
CA ASN D 105 15.02 -8.29 -7.70
C ASN D 105 15.70 -7.55 -6.54
N LEU D 106 15.51 -6.23 -6.44
CA LEU D 106 16.08 -5.45 -5.36
C LEU D 106 15.28 -5.55 -4.07
N GLY D 107 14.06 -6.12 -4.12
CA GLY D 107 13.21 -6.26 -2.97
C GLY D 107 13.88 -6.82 -1.72
N PRO D 108 14.48 -8.00 -1.83
CA PRO D 108 15.15 -8.57 -0.64
C PRO D 108 16.17 -7.64 -0.01
N ALA D 109 17.06 -7.04 -0.80
CA ALA D 109 18.06 -6.13 -0.26
C ALA D 109 17.42 -4.92 0.43
N VAL D 110 16.36 -4.38 -0.17
CA VAL D 110 15.73 -3.19 0.38
C VAL D 110 15.08 -3.48 1.72
N VAL D 111 14.38 -4.62 1.84
CA VAL D 111 13.84 -5.05 3.13
C VAL D 111 14.95 -5.19 4.16
N GLU D 112 16.07 -5.81 3.77
CA GLU D 112 17.21 -5.93 4.68
C GLU D 112 17.80 -4.56 5.04
N ALA D 113 17.85 -3.64 4.07
CA ALA D 113 18.37 -2.30 4.36
C ALA D 113 17.48 -1.58 5.36
N ASN D 114 16.16 -1.80 5.29
CA ASN D 114 15.25 -1.21 6.25
C ASN D 114 15.50 -1.75 7.66
N TYR D 115 15.45 -3.08 7.83
CA TYR D 115 15.48 -3.64 9.18
C TYR D 115 16.87 -3.56 9.81
N ALA D 116 17.93 -3.76 9.04
CA ALA D 116 19.30 -3.60 9.54
C ALA D 116 19.80 -2.15 9.50
N ARG D 117 18.98 -1.22 9.02
CA ARG D 117 19.29 0.22 9.02
C ARG D 117 20.56 0.53 8.21
N VAL D 118 20.47 0.26 6.91
CA VAL D 118 21.61 0.37 6.00
C VAL D 118 21.34 1.52 5.03
N PRO D 119 22.26 2.48 4.89
CA PRO D 119 22.01 3.61 3.99
C PRO D 119 22.08 3.22 2.52
N LEU D 120 20.99 2.70 1.97
CA LEU D 120 20.92 2.27 0.58
C LEU D 120 20.04 3.24 -0.19
N ILE D 121 20.57 3.77 -1.30
CA ILE D 121 19.84 4.70 -2.16
C ILE D 121 19.56 3.99 -3.48
N VAL D 122 18.27 3.88 -3.81
CA VAL D 122 17.82 3.25 -5.04
C VAL D 122 17.47 4.36 -6.03
N LEU D 123 18.17 4.40 -7.16
CA LEU D 123 17.99 5.43 -8.16
C LEU D 123 17.03 4.95 -9.24
N SER D 124 16.11 5.82 -9.62
CA SER D 124 15.17 5.52 -10.69
C SER D 124 15.13 6.70 -11.65
N ALA D 125 14.55 6.47 -12.84
CA ALA D 125 14.52 7.48 -13.90
C ALA D 125 13.21 7.29 -14.66
N ASN D 126 12.13 7.82 -14.08
CA ASN D 126 10.83 7.64 -14.71
C ASN D 126 10.69 8.62 -15.87
N ARG D 127 9.82 8.26 -16.82
CA ARG D 127 9.66 9.02 -18.05
C ARG D 127 8.27 9.64 -18.09
N PRO D 128 8.13 10.91 -17.71
CA PRO D 128 6.81 11.55 -17.62
C PRO D 128 6.17 11.88 -18.97
N TYR D 129 6.86 11.66 -20.09
CA TYR D 129 6.24 11.86 -21.39
C TYR D 129 5.64 10.58 -21.94
N GLU D 130 5.59 9.53 -21.15
CA GLU D 130 5.07 8.23 -21.57
C GLU D 130 3.88 7.83 -20.73
N LEU D 131 3.02 7.01 -21.32
CA LEU D 131 1.84 6.52 -20.62
C LEU D 131 2.26 5.58 -19.50
N LEU D 132 1.56 5.67 -18.37
CA LEU D 132 1.75 4.73 -17.27
C LEU D 132 0.40 4.15 -16.90
N GLY D 133 0.41 2.87 -16.51
CA GLY D 133 -0.81 2.15 -16.17
C GLY D 133 -1.45 1.38 -17.30
N THR D 134 -0.86 1.35 -18.49
CA THR D 134 -1.43 0.66 -19.64
C THR D 134 -0.67 -0.60 -20.02
N GLY D 135 0.35 -0.98 -19.27
CA GLY D 135 1.19 -2.11 -19.61
C GLY D 135 2.61 -1.73 -19.97
N GLU D 141 8.03 -0.49 -12.65
CA GLU D 141 7.32 -1.76 -12.55
C GLU D 141 7.13 -2.15 -11.08
N GLN D 142 6.29 -1.39 -10.39
CA GLN D 142 6.28 -1.35 -8.93
C GLN D 142 5.61 -2.56 -8.31
N LEU D 143 6.05 -2.89 -7.10
CA LEU D 143 5.41 -3.83 -6.20
C LEU D 143 4.82 -3.05 -5.01
N GLY D 144 4.51 -3.76 -3.93
CA GLY D 144 3.93 -3.09 -2.78
C GLY D 144 4.92 -2.68 -1.69
N TYR D 145 6.18 -3.09 -1.79
CA TYR D 145 7.10 -2.94 -0.68
C TYR D 145 7.71 -1.55 -0.55
N PHE D 146 7.72 -0.72 -1.59
CA PHE D 146 8.35 0.58 -1.45
C PHE D 146 7.62 1.44 -0.41
N GLY D 147 6.30 1.35 -0.34
CA GLY D 147 5.57 2.12 0.64
C GLY D 147 5.91 1.79 2.08
N THR D 148 6.27 0.55 2.38
CA THR D 148 6.49 0.14 3.75
C THR D 148 7.96 0.07 4.16
N GLN D 149 8.91 0.21 3.24
CA GLN D 149 10.32 -0.03 3.56
C GLN D 149 11.20 1.21 3.58
N VAL D 150 10.92 2.22 2.76
CA VAL D 150 11.88 3.29 2.55
C VAL D 150 11.70 4.41 3.56
N ARG D 151 12.80 5.08 3.92
CA ARG D 151 12.72 6.27 4.76
C ARG D 151 12.11 7.45 4.00
N ALA D 152 12.23 7.45 2.68
CA ALA D 152 11.80 8.58 1.89
C ALA D 152 11.72 8.16 0.43
N SER D 153 10.87 8.85 -0.32
CA SER D 153 10.82 8.71 -1.77
C SER D 153 10.73 10.10 -2.36
N ILE D 154 11.78 10.51 -3.08
CA ILE D 154 11.93 11.87 -3.55
C ILE D 154 12.17 11.82 -5.05
N SER D 155 11.39 12.59 -5.81
CA SER D 155 11.61 12.74 -7.24
C SER D 155 12.12 14.14 -7.52
N LEU D 156 13.12 14.23 -8.40
CA LEU D 156 13.72 15.52 -8.69
C LEU D 156 12.86 16.37 -9.60
N GLY D 157 12.03 15.74 -10.43
CA GLY D 157 11.29 16.50 -11.41
C GLY D 157 12.13 16.76 -12.65
N LEU D 158 11.48 16.93 -13.80
CA LEU D 158 12.20 17.13 -15.04
C LEU D 158 13.03 18.41 -14.99
N ALA D 159 14.16 18.39 -15.69
CA ALA D 159 15.04 19.54 -15.76
C ALA D 159 14.50 20.54 -16.79
N GLU D 160 14.18 21.75 -16.34
CA GLU D 160 13.70 22.77 -17.25
C GLU D 160 14.86 23.32 -18.09
N ASP D 161 14.55 23.68 -19.33
CA ASP D 161 15.49 24.32 -20.23
C ASP D 161 15.38 25.82 -20.01
N ALA D 162 16.12 26.33 -19.03
CA ALA D 162 16.12 27.76 -18.73
C ALA D 162 17.46 28.14 -18.11
N PRO D 163 18.42 28.57 -18.95
CA PRO D 163 19.73 28.96 -18.39
C PRO D 163 19.67 30.22 -17.56
N GLU D 164 18.61 31.02 -17.69
CA GLU D 164 18.45 32.19 -16.84
C GLU D 164 18.44 31.82 -15.36
N ARG D 165 17.79 30.70 -15.03
CA ARG D 165 17.68 30.24 -13.64
C ARG D 165 18.61 29.05 -13.38
N THR D 166 19.82 29.06 -13.93
CA THR D 166 20.72 27.94 -13.70
C THR D 166 21.12 27.84 -12.23
N SER D 167 21.39 28.97 -11.59
CA SER D 167 21.78 28.94 -10.18
C SER D 167 20.68 28.38 -9.31
N ALA D 168 19.43 28.81 -9.54
CA ALA D 168 18.32 28.36 -8.71
C ALA D 168 18.06 26.88 -8.87
N LEU D 169 18.16 26.37 -10.10
CA LEU D 169 17.97 24.94 -10.32
C LEU D 169 19.11 24.15 -9.68
N ASN D 170 20.35 24.62 -9.84
CA ASN D 170 21.48 23.97 -9.18
C ASN D 170 21.24 23.85 -7.67
N ALA D 171 20.80 24.94 -7.04
CA ALA D 171 20.50 24.91 -5.61
C ALA D 171 19.40 23.91 -5.31
N THR D 172 18.35 23.89 -6.14
CA THR D 172 17.22 23.01 -5.85
C THR D 172 17.61 21.54 -5.99
N TRP D 173 18.33 21.19 -7.05
CA TRP D 173 18.76 19.81 -7.25
C TRP D 173 19.71 19.37 -6.15
N ARG D 174 20.60 20.25 -5.70
CA ARG D 174 21.59 19.85 -4.72
C ARG D 174 20.97 19.70 -3.33
N SER D 175 20.01 20.55 -2.97
CA SER D 175 19.35 20.39 -1.67
C SER D 175 18.55 19.11 -1.63
N ALA D 176 17.89 18.76 -2.73
CA ALA D 176 17.12 17.51 -2.77
C ALA D 176 18.03 16.32 -2.54
N THR D 177 19.17 16.28 -3.26
CA THR D 177 20.15 15.22 -3.07
C THR D 177 20.62 15.15 -1.62
N CYS D 178 20.90 16.30 -1.00
CA CYS D 178 21.20 16.31 0.43
C CYS D 178 20.03 15.73 1.23
N ARG D 179 18.79 16.06 0.85
CA ARG D 179 17.63 15.48 1.52
C ARG D 179 17.65 13.95 1.40
N VAL D 180 17.91 13.45 0.19
CA VAL D 180 18.00 12.01 -0.02
C VAL D 180 19.11 11.42 0.83
N LEU D 181 20.30 12.02 0.79
CA LEU D 181 21.41 11.54 1.61
C LEU D 181 21.05 11.57 3.10
N ALA D 182 20.41 12.66 3.56
CA ALA D 182 20.05 12.78 4.97
C ALA D 182 19.12 11.65 5.41
N ALA D 183 18.10 11.36 4.62
CA ALA D 183 17.17 10.29 4.99
C ALA D 183 17.84 8.93 4.95
N ALA D 184 18.81 8.75 4.07
CA ALA D 184 19.45 7.44 3.92
C ALA D 184 20.41 7.14 5.05
N THR D 185 21.19 8.14 5.47
CA THR D 185 22.19 7.97 6.51
C THR D 185 21.62 8.15 7.91
N GLY D 186 20.35 8.49 8.06
CA GLY D 186 19.82 8.83 9.36
C GLY D 186 20.43 10.07 9.97
N ALA D 187 20.81 11.05 9.14
CA ALA D 187 21.52 12.24 9.63
C ALA D 187 20.69 13.05 10.63
N ARG D 188 19.36 13.02 10.51
CA ARG D 188 18.49 13.73 11.45
C ARG D 188 17.55 12.83 12.21
N THR D 189 17.34 11.60 11.76
CA THR D 189 16.43 10.67 12.39
C THR D 189 17.13 9.65 13.25
N ALA D 190 18.45 9.52 13.11
CA ALA D 190 19.20 8.44 13.75
C ALA D 190 18.63 7.08 13.38
N ASN D 191 18.10 6.95 12.15
CA ASN D 191 17.47 5.72 11.68
C ASN D 191 17.72 5.58 10.19
N ALA D 192 18.98 5.28 9.83
CA ALA D 192 19.37 5.06 8.45
C ALA D 192 18.54 3.93 7.83
N GLY D 193 18.44 3.95 6.50
CA GLY D 193 17.70 2.94 5.78
C GLY D 193 17.61 3.27 4.30
N PRO D 194 16.84 2.48 3.57
CA PRO D 194 16.75 2.68 2.12
C PRO D 194 15.86 3.86 1.75
N VAL D 195 16.25 4.53 0.66
CA VAL D 195 15.55 5.70 0.14
C VAL D 195 15.37 5.55 -1.36
N HIS D 196 14.22 5.96 -1.87
CA HIS D 196 13.97 5.93 -3.30
C HIS D 196 14.22 7.32 -3.88
N PHE D 197 15.17 7.42 -4.82
CA PHE D 197 15.54 8.70 -5.42
C PHE D 197 15.28 8.61 -6.92
N ASP D 198 14.31 9.37 -7.41
CA ASP D 198 13.92 9.36 -8.81
C ASP D 198 14.39 10.65 -9.47
N ILE D 199 15.10 10.51 -10.59
CA ILE D 199 15.46 11.63 -11.45
C ILE D 199 14.87 11.36 -12.82
N PRO D 200 13.72 11.96 -13.14
CA PRO D 200 13.07 11.69 -14.42
C PRO D 200 13.77 12.41 -15.57
N LEU D 201 13.51 11.91 -16.77
CA LEU D 201 14.10 12.48 -17.97
C LEU D 201 13.23 12.15 -19.17
N ARG D 202 13.48 12.86 -20.27
CA ARG D 202 12.85 12.60 -21.56
C ARG D 202 13.92 12.16 -22.55
N GLU D 203 13.63 11.11 -23.32
CA GLU D 203 14.59 10.57 -24.28
C GLU D 203 14.21 10.95 -25.71
N THR D 216 29.50 22.56 -15.52
CA THR D 216 28.69 22.08 -14.40
C THR D 216 28.64 23.10 -13.27
N PRO D 217 27.44 23.58 -12.95
CA PRO D 217 27.29 24.57 -11.86
C PRO D 217 27.87 24.04 -10.56
N PRO D 218 28.55 24.89 -9.80
CA PRO D 218 29.33 24.38 -8.67
C PRO D 218 28.53 24.17 -7.40
N GLY D 219 29.01 23.24 -6.59
CA GLY D 219 28.53 23.09 -5.23
C GLY D 219 29.25 24.05 -4.31
N ARG D 220 29.14 23.76 -3.02
CA ARG D 220 29.70 24.63 -2.00
C ARG D 220 31.23 24.63 -2.07
N PRO D 221 31.88 25.69 -1.58
CA PRO D 221 33.34 25.70 -1.51
C PRO D 221 33.86 24.62 -0.57
N ALA D 222 35.13 24.25 -0.80
CA ALA D 222 35.83 23.26 0.02
C ALA D 222 35.15 21.90 0.02
N GLY D 223 34.44 21.59 -1.07
CA GLY D 223 33.81 20.30 -1.20
C GLY D 223 32.70 20.00 -0.23
N LYS D 224 32.22 21.00 0.51
CA LYS D 224 31.23 20.75 1.54
C LYS D 224 29.86 20.42 0.93
N PRO D 225 29.04 19.64 1.63
CA PRO D 225 27.69 19.36 1.13
C PRO D 225 26.84 20.63 1.09
N TRP D 226 25.90 20.65 0.13
CA TRP D 226 25.10 21.85 -0.10
C TRP D 226 24.33 22.26 1.13
N THR D 227 23.59 21.33 1.73
CA THR D 227 22.93 21.53 3.01
C THR D 227 23.64 20.63 4.01
N TYR D 228 24.28 21.24 5.00
CA TYR D 228 25.09 20.50 5.95
C TYR D 228 24.26 20.14 7.20
N THR D 229 24.23 18.85 7.54
CA THR D 229 23.57 18.44 8.78
C THR D 229 24.60 18.05 9.82
N PRO D 230 24.78 18.83 10.88
CA PRO D 230 25.77 18.50 11.93
C PRO D 230 25.38 17.26 12.71
N PRO D 231 26.27 16.75 13.59
CA PRO D 231 25.95 15.54 14.34
C PRO D 231 24.73 15.72 15.23
N VAL D 232 23.87 14.71 15.23
CA VAL D 232 22.63 14.72 16.00
C VAL D 232 22.72 13.71 17.12
N THR D 233 22.28 14.10 18.30
CA THR D 233 22.10 13.16 19.39
C THR D 233 20.61 13.09 19.73
N PHE D 234 20.08 11.88 19.76
CA PHE D 234 18.82 11.57 20.43
C PHE D 234 19.17 11.02 21.80
N ASP D 235 18.74 11.71 22.86
CA ASP D 235 19.10 11.33 24.22
C ASP D 235 17.85 10.93 25.00
N GLN D 236 17.84 9.68 25.48
CA GLN D 236 16.77 9.14 26.31
C GLN D 236 17.41 8.41 27.49
N PRO D 237 17.71 9.13 28.57
CA PRO D 237 18.37 8.49 29.71
C PRO D 237 17.38 7.66 30.52
N LEU D 238 17.84 6.50 30.97
CA LEU D 238 17.07 5.64 31.86
C LEU D 238 17.82 5.45 33.16
N ASP D 239 17.10 5.51 34.27
CA ASP D 239 17.66 5.19 35.58
C ASP D 239 17.71 3.68 35.76
N ILE D 240 18.92 3.13 35.88
CA ILE D 240 19.12 1.70 36.08
C ILE D 240 19.93 1.49 37.35
N ASP D 241 19.42 0.66 38.25
CA ASP D 241 20.12 0.31 39.49
C ASP D 241 20.92 -0.96 39.25
N LEU D 242 22.25 -0.83 39.19
CA LEU D 242 23.11 -1.97 38.89
C LEU D 242 23.32 -2.89 40.09
N SER D 243 22.94 -2.46 41.29
CA SER D 243 23.05 -3.34 42.44
C SER D 243 22.15 -4.56 42.28
N VAL D 244 21.02 -4.40 41.59
CA VAL D 244 20.16 -5.52 41.25
C VAL D 244 20.88 -6.43 40.26
N ASP D 245 20.81 -7.74 40.50
CA ASP D 245 21.50 -8.73 39.68
C ASP D 245 21.15 -8.57 38.21
N THR D 246 22.06 -7.97 37.44
CA THR D 246 21.82 -7.51 36.08
C THR D 246 22.65 -8.28 35.07
N VAL D 247 22.06 -8.59 33.93
CA VAL D 247 22.76 -9.18 32.80
C VAL D 247 22.44 -8.34 31.56
N VAL D 248 23.43 -8.23 30.68
CA VAL D 248 23.33 -7.45 29.45
C VAL D 248 23.16 -8.40 28.27
N ILE D 249 22.18 -8.12 27.42
CA ILE D 249 22.02 -8.83 26.17
C ILE D 249 22.12 -7.81 25.05
N SER D 250 23.15 -7.95 24.21
CA SER D 250 23.40 -7.02 23.12
C SER D 250 23.18 -7.75 21.80
N GLY D 251 22.36 -7.15 20.93
CA GLY D 251 22.07 -7.74 19.63
C GLY D 251 22.48 -6.82 18.50
N HIS D 252 21.89 -7.02 17.33
CA HIS D 252 22.22 -6.22 16.15
C HIS D 252 21.91 -4.75 16.41
N GLY D 253 22.87 -3.89 16.05
CA GLY D 253 22.67 -2.46 16.17
C GLY D 253 22.87 -1.92 17.56
N ALA D 254 23.45 -2.70 18.46
CA ALA D 254 23.64 -2.26 19.84
C ALA D 254 24.58 -1.07 19.88
N GLY D 255 24.32 -0.15 20.80
CA GLY D 255 25.26 0.92 21.05
C GLY D 255 26.35 0.50 22.01
N VAL D 256 27.32 1.40 22.18
CA VAL D 256 28.43 1.18 23.10
C VAL D 256 28.16 1.97 24.37
N HIS D 257 28.30 1.30 25.52
CA HIS D 257 27.96 1.88 26.81
C HIS D 257 29.11 1.67 27.78
N PRO D 258 30.01 2.64 27.93
CA PRO D 258 31.12 2.46 28.88
C PRO D 258 30.65 2.15 30.29
N ASN D 259 29.62 2.84 30.77
CA ASN D 259 29.14 2.63 32.13
C ASN D 259 28.49 1.27 32.35
N LEU D 260 28.45 0.41 31.33
CA LEU D 260 27.97 -0.97 31.47
C LEU D 260 29.04 -1.99 31.13
N ALA D 261 30.31 -1.58 31.13
CA ALA D 261 31.37 -2.44 30.63
C ALA D 261 31.59 -3.67 31.53
N ALA D 262 31.32 -3.55 32.83
CA ALA D 262 31.65 -4.60 33.77
C ALA D 262 30.54 -5.64 33.94
N LEU D 263 29.39 -5.45 33.31
CA LEU D 263 28.29 -6.37 33.58
C LEU D 263 28.41 -7.63 32.73
N PRO D 264 27.97 -8.78 33.25
CA PRO D 264 27.97 -9.99 32.43
C PRO D 264 27.08 -9.80 31.21
N THR D 265 27.66 -9.98 30.03
CA THR D 265 27.05 -9.55 28.78
C THR D 265 26.96 -10.71 27.81
N VAL D 266 25.74 -11.10 27.47
CA VAL D 266 25.48 -12.08 26.41
C VAL D 266 25.46 -11.31 25.10
N ALA D 267 26.57 -11.34 24.38
CA ALA D 267 26.78 -10.52 23.20
C ALA D 267 26.63 -11.34 21.92
N GLU D 268 25.94 -10.76 20.94
CA GLU D 268 25.86 -11.36 19.62
C GLU D 268 27.10 -10.98 18.81
N PRO D 269 27.40 -11.74 17.75
CA PRO D 269 28.62 -11.42 16.98
C PRO D 269 28.63 -10.02 16.40
N THR D 270 27.52 -9.55 15.83
CA THR D 270 27.53 -8.21 15.26
C THR D 270 27.43 -7.10 16.30
N ALA D 271 27.21 -7.46 17.57
CA ALA D 271 27.02 -6.45 18.62
C ALA D 271 28.36 -5.95 19.13
N PRO D 272 28.63 -4.66 19.08
CA PRO D 272 29.88 -4.15 19.67
C PRO D 272 29.92 -4.42 21.16
N ARG D 273 31.12 -4.63 21.67
CA ARG D 273 31.34 -4.99 23.07
C ARG D 273 31.69 -3.75 23.87
N SER D 274 30.98 -3.55 24.98
CA SER D 274 31.28 -2.42 25.84
C SER D 274 32.46 -2.70 26.76
N GLY D 275 32.58 -3.93 27.23
CA GLY D 275 33.63 -4.27 28.17
C GLY D 275 34.28 -5.62 27.93
N ASP D 276 34.46 -6.38 29.01
CA ASP D 276 35.30 -7.58 28.97
C ASP D 276 34.83 -8.66 29.93
N ASN D 277 33.52 -8.74 30.19
CA ASN D 277 32.94 -9.72 31.09
C ASN D 277 31.90 -10.53 30.32
N PRO D 278 32.34 -11.42 29.42
CA PRO D 278 31.39 -12.10 28.54
C PRO D 278 30.59 -13.16 29.28
N LEU D 279 29.34 -13.32 28.87
CA LEU D 279 28.50 -14.39 29.39
C LEU D 279 28.06 -15.26 28.23
N HIS D 280 28.45 -16.53 28.27
CA HIS D 280 28.06 -17.46 27.22
C HIS D 280 26.53 -17.57 27.18
N PRO D 281 25.94 -17.69 25.99
CA PRO D 281 24.48 -17.89 25.93
C PRO D 281 24.01 -19.13 26.66
N LEU D 282 24.84 -20.18 26.72
CA LEU D 282 24.42 -21.42 27.37
C LEU D 282 24.42 -21.31 28.88
N ALA D 283 25.11 -20.31 29.44
CA ALA D 283 25.08 -20.12 30.88
C ALA D 283 23.75 -19.51 31.33
N LEU D 284 23.19 -18.62 30.52
CA LEU D 284 21.92 -17.94 30.80
C LEU D 284 20.83 -18.85 31.35
N PRO D 285 20.51 -20.01 30.76
CA PRO D 285 19.41 -20.82 31.31
C PRO D 285 19.68 -21.38 32.69
N LEU D 286 20.91 -21.33 33.19
CA LEU D 286 21.21 -21.82 34.53
C LEU D 286 21.34 -20.70 35.56
N LEU D 287 21.30 -19.44 35.13
CA LEU D 287 21.31 -18.32 36.04
C LEU D 287 19.92 -17.72 36.17
N ARG D 288 19.76 -16.84 37.16
CA ARG D 288 18.49 -16.17 37.45
C ARG D 288 18.76 -14.69 37.63
N PRO D 289 18.91 -13.95 36.53
CA PRO D 289 19.10 -12.51 36.64
C PRO D 289 17.84 -11.84 37.14
N GLN D 290 18.01 -10.75 37.88
CA GLN D 290 16.88 -10.00 38.41
C GLN D 290 16.38 -8.93 37.46
N GLN D 291 17.24 -8.44 36.57
CA GLN D 291 16.83 -7.50 35.54
C GLN D 291 17.79 -7.62 34.36
N VAL D 292 17.31 -7.22 33.18
CA VAL D 292 18.04 -7.37 31.92
C VAL D 292 18.12 -6.01 31.26
N ILE D 293 19.32 -5.65 30.80
CA ILE D 293 19.50 -4.49 29.92
C ILE D 293 19.70 -5.01 28.52
N MET D 294 18.83 -4.60 27.61
CA MET D 294 18.77 -5.13 26.25
C MET D 294 19.22 -4.06 25.28
N LEU D 295 20.32 -4.32 24.58
CA LEU D 295 20.92 -3.37 23.65
C LEU D 295 20.67 -3.80 22.21
N GLY D 296 20.28 -2.84 21.37
CA GLY D 296 20.03 -3.15 19.99
C GLY D 296 18.87 -4.13 19.82
N ARG D 297 18.98 -4.98 18.81
CA ARG D 297 17.90 -5.91 18.44
C ARG D 297 18.38 -7.35 18.49
N PRO D 298 18.10 -8.10 19.56
CA PRO D 298 18.48 -9.52 19.59
C PRO D 298 17.60 -10.37 18.70
N THR D 299 18.23 -11.33 18.03
CA THR D 299 17.52 -12.33 17.23
C THR D 299 17.96 -13.75 17.54
N LEU D 300 18.98 -13.95 18.37
CA LEU D 300 19.63 -15.24 18.53
C LEU D 300 19.35 -15.84 19.91
N HIS D 301 19.42 -17.17 19.97
CA HIS D 301 19.37 -17.97 21.19
C HIS D 301 18.00 -18.05 21.82
N ARG D 302 17.46 -19.25 21.89
CA ARG D 302 16.18 -19.46 22.59
C ARG D 302 16.25 -19.09 24.06
N PRO D 303 17.34 -19.33 24.79
CA PRO D 303 17.38 -18.83 26.18
C PRO D 303 17.25 -17.34 26.26
N VAL D 304 17.81 -16.61 25.30
CA VAL D 304 17.70 -15.15 25.32
C VAL D 304 16.24 -14.71 25.22
N SER D 305 15.44 -15.43 24.41
CA SER D 305 14.02 -15.09 24.25
C SER D 305 13.22 -15.45 25.50
N VAL D 306 13.50 -16.59 26.13
CA VAL D 306 12.77 -16.96 27.34
C VAL D 306 13.05 -15.93 28.42
N LEU D 307 14.29 -15.48 28.53
CA LEU D 307 14.64 -14.49 29.54
C LEU D 307 13.94 -13.17 29.28
N LEU D 308 14.05 -12.67 28.04
CA LEU D 308 13.45 -11.37 27.73
C LEU D 308 11.92 -11.41 27.80
N ALA D 309 11.31 -12.59 27.67
CA ALA D 309 9.87 -12.76 27.77
C ALA D 309 9.39 -12.99 29.20
N ASP D 310 10.30 -13.10 30.15
CA ASP D 310 9.95 -13.42 31.53
C ASP D 310 9.27 -12.23 32.19
N ALA D 311 8.00 -12.40 32.57
CA ALA D 311 7.23 -11.30 33.14
C ALA D 311 7.75 -10.85 34.50
N GLU D 312 8.58 -11.65 35.16
CA GLU D 312 9.12 -11.26 36.47
C GLU D 312 10.50 -10.65 36.40
N VAL D 313 11.07 -10.50 35.20
CA VAL D 313 12.36 -9.83 35.01
C VAL D 313 12.12 -8.54 34.24
N PRO D 314 12.40 -7.37 34.84
CA PRO D 314 12.27 -6.12 34.09
C PRO D 314 13.34 -6.02 33.00
N VAL D 315 12.90 -5.71 31.79
CA VAL D 315 13.80 -5.59 30.64
C VAL D 315 13.82 -4.12 30.22
N PHE D 316 15.01 -3.54 30.21
CA PHE D 316 15.21 -2.15 29.78
C PHE D 316 15.87 -2.17 28.40
N ALA D 317 15.22 -1.55 27.42
CA ALA D 317 15.69 -1.57 26.04
C ALA D 317 16.44 -0.27 25.74
N LEU D 318 17.74 -0.39 25.43
CA LEU D 318 18.57 0.75 25.07
C LEU D 318 18.94 0.62 23.60
N THR D 319 18.52 1.59 22.79
CA THR D 319 18.71 1.51 21.35
C THR D 319 19.39 2.79 20.86
N THR D 320 19.95 2.71 19.66
CA THR D 320 20.54 3.88 19.01
C THR D 320 19.56 4.56 18.06
N GLY D 321 18.40 3.94 17.81
CA GLY D 321 17.43 4.51 16.91
C GLY D 321 16.06 4.60 17.57
N PRO D 322 15.07 5.10 16.82
CA PRO D 322 13.74 5.28 17.41
C PRO D 322 13.02 3.97 17.68
N ARG D 323 13.24 2.95 16.85
CA ARG D 323 12.58 1.68 17.05
C ARG D 323 13.18 0.95 18.25
N TRP D 324 12.39 0.08 18.87
CA TRP D 324 12.85 -0.72 19.98
C TRP D 324 12.18 -2.09 19.95
N PRO D 325 12.87 -3.14 20.41
CA PRO D 325 12.33 -4.49 20.29
C PRO D 325 11.65 -4.97 21.57
N ASP D 326 10.75 -5.94 21.44
CA ASP D 326 10.19 -6.57 22.62
C ASP D 326 9.85 -8.02 22.32
N VAL D 327 10.05 -8.87 23.32
CA VAL D 327 9.68 -10.27 23.28
C VAL D 327 8.47 -10.44 24.19
N SER D 328 7.33 -10.78 23.61
CA SER D 328 6.11 -11.02 24.38
C SER D 328 5.70 -9.80 25.20
N GLY D 329 5.99 -8.60 24.69
CA GLY D 329 5.53 -7.37 25.30
C GLY D 329 5.97 -7.17 26.74
N ASN D 330 7.24 -7.45 27.01
CA ASN D 330 7.77 -7.50 28.36
C ASN D 330 8.86 -6.46 28.58
N SER D 331 8.87 -5.38 27.78
CA SER D 331 9.80 -4.27 27.97
C SER D 331 9.21 -3.26 28.96
N GLN D 332 9.93 -3.01 30.05
CA GLN D 332 9.45 -2.05 31.05
C GLN D 332 9.70 -0.61 30.61
N ALA D 333 10.83 -0.35 29.94
CA ALA D 333 11.18 1.00 29.53
C ALA D 333 12.13 0.94 28.35
N THR D 334 12.24 2.06 27.64
CA THR D 334 13.14 2.20 26.51
C THR D 334 13.86 3.53 26.56
N GLY D 335 15.13 3.52 26.16
CA GLY D 335 15.93 4.71 26.14
C GLY D 335 17.12 4.55 25.23
N THR D 336 18.06 5.48 25.34
CA THR D 336 19.29 5.44 24.55
C THR D 336 20.53 5.20 25.39
N ARG D 337 20.46 5.48 26.69
CA ARG D 337 21.59 5.30 27.58
C ARG D 337 21.07 5.09 28.99
N ALA D 338 21.94 4.56 29.84
CA ALA D 338 21.61 4.31 31.23
C ALA D 338 22.27 5.36 32.11
N VAL D 339 21.54 5.79 33.13
CA VAL D 339 22.09 6.56 34.24
C VAL D 339 22.14 5.59 35.41
N THR D 340 23.34 5.17 35.79
CA THR D 340 23.52 4.04 36.68
C THR D 340 23.67 4.50 38.12
N THR D 341 23.03 3.78 39.03
CA THR D 341 23.26 3.91 40.47
C THR D 341 23.54 2.52 41.02
N GLY D 342 24.51 2.43 41.91
CA GLY D 342 24.89 1.17 42.51
C GLY D 342 25.97 0.44 41.74
N ALA D 343 26.23 -0.79 42.20
CA ALA D 343 27.28 -1.63 41.64
C ALA D 343 26.84 -3.08 41.73
N PRO D 344 27.17 -3.90 40.73
CA PRO D 344 26.79 -5.32 40.81
C PRO D 344 27.50 -6.01 41.97
N ARG D 345 26.80 -6.96 42.58
CA ARG D 345 27.35 -7.65 43.74
C ARG D 345 28.49 -8.57 43.31
N PRO D 346 29.61 -8.56 44.04
CA PRO D 346 30.74 -9.44 43.68
C PRO D 346 30.36 -10.91 43.58
N ALA D 347 29.47 -11.39 44.46
CA ALA D 347 28.98 -12.76 44.34
C ALA D 347 28.31 -13.00 43.01
N TRP D 348 27.50 -12.04 42.55
CA TRP D 348 26.76 -12.22 41.30
C TRP D 348 27.70 -12.24 40.10
N LEU D 349 28.64 -11.29 40.07
CA LEU D 349 29.65 -11.28 39.00
C LEU D 349 30.41 -12.61 38.97
N ASP D 350 30.86 -13.07 40.14
CA ASP D 350 31.68 -14.28 40.18
C ASP D 350 30.89 -15.50 39.72
N ARG D 351 29.61 -15.59 40.08
CA ARG D 351 28.80 -16.74 39.64
C ARG D 351 28.57 -16.71 38.14
N CYS D 352 28.29 -15.53 37.60
CA CYS D 352 28.12 -15.39 36.15
C CYS D 352 29.42 -15.73 35.42
N ALA D 353 30.53 -15.17 35.90
CA ALA D 353 31.83 -15.48 35.29
C ALA D 353 32.19 -16.95 35.47
N ALA D 354 31.81 -17.55 36.60
CA ALA D 354 32.03 -18.97 36.78
C ALA D 354 31.19 -19.78 35.79
N MET D 355 29.91 -19.44 35.66
CA MET D 355 29.05 -20.17 34.73
C MET D 355 29.45 -19.90 33.29
N ASN D 356 30.08 -18.75 33.01
CA ASN D 356 30.64 -18.53 31.69
C ASN D 356 31.72 -19.56 31.38
N ARG D 357 32.68 -19.71 32.29
CA ARG D 357 33.74 -20.70 32.09
C ARG D 357 33.16 -22.11 31.99
N HIS D 358 32.18 -22.44 32.84
CA HIS D 358 31.50 -23.74 32.76
C HIS D 358 30.90 -23.97 31.38
N ALA D 359 30.20 -22.97 30.85
CA ALA D 359 29.54 -23.12 29.56
C ALA D 359 30.57 -23.24 28.43
N ILE D 360 31.52 -22.30 28.37
CA ILE D 360 32.50 -22.30 27.30
C ILE D 360 33.35 -23.58 27.36
N ALA D 361 33.75 -23.99 28.56
CA ALA D 361 34.58 -25.19 28.65
C ALA D 361 33.79 -26.43 28.26
N ALA D 362 32.48 -26.45 28.52
CA ALA D 362 31.67 -27.60 28.15
C ALA D 362 31.55 -27.72 26.63
N VAL D 363 31.45 -26.59 25.93
CA VAL D 363 31.38 -26.63 24.47
C VAL D 363 32.72 -27.10 23.90
N ARG D 364 33.82 -26.52 24.37
CA ARG D 364 35.15 -26.90 23.88
C ARG D 364 35.42 -28.38 24.11
N GLU D 365 34.98 -28.92 25.25
CA GLU D 365 35.30 -30.30 25.59
C GLU D 365 34.43 -31.28 24.79
N GLN D 366 33.14 -30.99 24.67
CA GLN D 366 32.26 -31.82 23.84
C GLN D 366 32.67 -31.75 22.37
N LEU D 367 33.23 -30.61 21.93
CA LEU D 367 33.71 -30.52 20.56
C LEU D 367 34.88 -31.47 20.32
N ALA D 368 35.84 -31.49 21.25
CA ALA D 368 36.99 -32.37 21.11
C ALA D 368 36.62 -33.84 21.24
N ALA D 369 35.63 -34.16 22.07
CA ALA D 369 35.17 -35.54 22.20
C ALA D 369 34.38 -36.00 20.97
N HIS D 370 33.79 -35.09 20.20
CA HIS D 370 32.98 -35.47 19.05
C HIS D 370 33.86 -36.08 17.96
N PRO D 371 33.44 -37.21 17.37
CA PRO D 371 34.28 -37.86 16.35
C PRO D 371 34.19 -37.24 14.97
N LEU D 372 33.21 -36.37 14.71
CA LEU D 372 32.99 -35.86 13.37
C LEU D 372 33.12 -34.34 13.35
N THR D 373 33.63 -33.83 12.23
CA THR D 373 33.63 -32.39 12.01
C THR D 373 32.21 -31.92 11.73
N THR D 374 31.78 -30.90 12.47
CA THR D 374 30.48 -30.26 12.27
C THR D 374 30.70 -28.77 12.00
N GLY D 375 29.61 -28.08 11.66
CA GLY D 375 29.69 -26.65 11.44
C GLY D 375 30.23 -25.92 12.65
N LEU D 376 29.79 -26.33 13.85
CA LEU D 376 30.31 -25.74 15.08
C LEU D 376 31.83 -25.83 15.13
N HIS D 377 32.39 -26.98 14.74
CA HIS D 377 33.85 -27.11 14.67
C HIS D 377 34.46 -26.09 13.73
N VAL D 378 33.86 -25.90 12.55
CA VAL D 378 34.39 -24.93 11.59
C VAL D 378 34.33 -23.51 12.16
N ALA D 379 33.23 -23.16 12.81
CA ALA D 379 33.13 -21.84 13.41
C ALA D 379 34.22 -21.62 14.47
N ALA D 380 34.42 -22.60 15.34
CA ALA D 380 35.44 -22.47 16.38
C ALA D 380 36.84 -22.32 15.77
N ALA D 381 37.11 -23.07 14.71
CA ALA D 381 38.38 -22.94 14.02
C ALA D 381 38.55 -21.54 13.46
N VAL D 382 37.48 -20.96 12.90
CA VAL D 382 37.55 -19.61 12.35
C VAL D 382 37.76 -18.58 13.45
N SER D 383 37.05 -18.73 14.58
CA SER D 383 37.20 -17.78 15.68
C SER D 383 38.63 -17.77 16.20
N HIS D 384 39.24 -18.95 16.32
CA HIS D 384 40.60 -19.03 16.83
C HIS D 384 41.60 -18.36 15.88
N ALA D 385 41.26 -18.26 14.59
CA ALA D 385 42.14 -17.72 13.56
C ALA D 385 42.01 -16.21 13.36
N LEU D 386 41.06 -15.55 14.04
CA LEU D 386 40.81 -14.14 13.81
C LEU D 386 41.75 -13.27 14.64
N ARG D 387 42.23 -12.19 14.02
CA ARG D 387 43.11 -11.21 14.64
C ARG D 387 42.47 -9.83 14.58
N PRO D 388 42.87 -8.91 15.47
CA PRO D 388 42.31 -7.56 15.41
C PRO D 388 42.60 -6.89 14.07
N GLY D 389 41.63 -6.12 13.60
CA GLY D 389 41.69 -5.54 12.26
C GLY D 389 41.00 -6.36 11.20
N ASP D 390 40.68 -7.62 11.49
CA ASP D 390 39.91 -8.41 10.55
C ASP D 390 38.45 -7.96 10.51
N GLN D 391 37.83 -8.13 9.35
CA GLN D 391 36.38 -8.04 9.20
C GLN D 391 35.86 -9.46 8.98
N LEU D 392 34.90 -9.86 9.80
CA LEU D 392 34.30 -11.19 9.71
C LEU D 392 32.85 -11.03 9.29
N VAL D 393 32.49 -11.62 8.15
CA VAL D 393 31.13 -11.57 7.63
C VAL D 393 30.50 -12.93 7.89
N LEU D 394 29.34 -12.95 8.53
CA LEU D 394 28.73 -14.19 8.96
C LEU D 394 27.41 -14.43 8.24
N GLY D 395 27.26 -15.62 7.67
CA GLY D 395 25.99 -16.03 7.15
C GLY D 395 25.01 -16.38 8.25
N ALA D 396 23.77 -16.56 7.85
CA ALA D 396 22.69 -16.87 8.78
C ALA D 396 22.71 -18.37 9.06
N SER D 397 21.65 -18.86 9.71
CA SER D 397 21.53 -20.27 10.14
C SER D 397 22.57 -20.55 11.22
N ASN D 398 23.10 -21.77 11.24
CA ASN D 398 24.06 -22.16 12.27
C ASN D 398 25.30 -21.26 12.31
N PRO D 399 25.99 -20.93 11.18
CA PRO D 399 27.24 -20.15 11.26
C PRO D 399 27.24 -18.99 12.24
N VAL D 400 26.22 -18.14 12.24
CA VAL D 400 26.25 -16.97 13.13
C VAL D 400 25.96 -17.38 14.56
N ARG D 401 25.14 -18.41 14.78
CA ARG D 401 24.94 -18.91 16.13
C ARG D 401 26.18 -19.61 16.64
N ASP D 402 26.81 -20.45 15.80
CA ASP D 402 27.96 -21.25 16.21
C ASP D 402 29.12 -20.37 16.67
N VAL D 403 29.31 -19.23 16.01
CA VAL D 403 30.42 -18.35 16.34
C VAL D 403 30.27 -17.81 17.75
N ALA D 404 29.02 -17.61 18.20
CA ALA D 404 28.79 -17.20 19.58
C ALA D 404 28.95 -18.38 20.54
N LEU D 405 28.42 -19.54 20.16
CA LEU D 405 28.58 -20.72 21.00
C LEU D 405 30.04 -21.08 21.17
N ALA D 406 30.86 -20.83 20.14
CA ALA D 406 32.31 -20.98 20.26
C ALA D 406 32.96 -19.87 21.06
N GLY D 407 32.19 -18.88 21.51
CA GLY D 407 32.74 -17.84 22.36
C GLY D 407 33.78 -16.97 21.69
N LEU D 408 33.54 -16.58 20.45
CA LEU D 408 34.44 -15.66 19.75
C LEU D 408 34.52 -14.33 20.48
N ASP D 409 35.74 -13.85 20.70
CA ASP D 409 35.99 -12.54 21.28
C ASP D 409 36.06 -11.54 20.13
N THR D 410 34.98 -10.77 19.95
CA THR D 410 34.85 -9.84 18.83
C THR D 410 35.55 -8.52 19.04
N ARG D 411 36.19 -8.29 20.20
CA ARG D 411 36.89 -7.03 20.45
C ARG D 411 37.98 -6.82 19.40
N GLY D 412 37.93 -5.65 18.73
CA GLY D 412 38.87 -5.33 17.69
C GLY D 412 38.54 -5.90 16.32
N ILE D 413 37.42 -6.61 16.17
CA ILE D 413 37.03 -7.22 14.91
C ILE D 413 35.67 -6.66 14.50
N ARG D 414 35.58 -6.18 13.27
CA ARG D 414 34.30 -5.78 12.70
C ARG D 414 33.54 -7.01 12.22
N VAL D 415 32.32 -7.19 12.70
CA VAL D 415 31.52 -8.37 12.39
C VAL D 415 30.26 -7.92 11.65
N ARG D 416 30.00 -8.54 10.50
CA ARG D 416 28.83 -8.22 9.69
C ARG D 416 27.97 -9.48 9.50
N SER D 417 26.67 -9.31 9.70
CA SER D 417 25.69 -10.32 9.36
C SER D 417 24.40 -9.61 9.01
N ASN D 418 23.64 -10.16 8.06
CA ASN D 418 22.40 -9.54 7.62
C ASN D 418 21.27 -9.97 8.57
N ARG D 419 21.32 -9.43 9.78
CA ARG D 419 20.36 -9.80 10.81
C ARG D 419 19.02 -9.11 10.67
N GLY D 420 18.90 -8.10 9.80
CA GLY D 420 17.64 -7.39 9.68
C GLY D 420 16.48 -8.28 9.32
N VAL D 421 16.70 -9.23 8.40
CA VAL D 421 15.70 -10.24 8.08
C VAL D 421 16.27 -11.65 8.14
N ALA D 422 17.57 -11.82 8.43
CA ALA D 422 18.18 -13.14 8.64
C ALA D 422 18.00 -14.04 7.42
N GLY D 423 18.07 -13.46 6.22
CA GLY D 423 17.98 -14.25 5.01
C GLY D 423 19.29 -14.95 4.67
N ILE D 424 19.15 -16.11 4.03
CA ILE D 424 20.31 -16.82 3.51
C ILE D 424 20.60 -16.42 2.08
N ASP D 425 19.91 -15.40 1.58
CA ASP D 425 20.11 -14.88 0.24
C ASP D 425 21.15 -13.75 0.26
N GLY D 426 21.89 -13.63 -0.85
CA GLY D 426 22.79 -12.50 -1.02
C GLY D 426 24.02 -12.40 -0.15
N THR D 427 24.44 -13.46 0.51
CA THR D 427 25.53 -13.33 1.47
C THR D 427 26.90 -13.26 0.79
N VAL D 428 27.06 -13.91 -0.36
CA VAL D 428 28.34 -13.87 -1.04
C VAL D 428 28.67 -12.45 -1.49
N SER D 429 27.73 -11.78 -2.17
CA SER D 429 27.98 -10.40 -2.58
C SER D 429 27.99 -9.42 -1.40
N THR D 430 27.30 -9.78 -0.31
CA THR D 430 27.45 -9.01 0.93
C THR D 430 28.87 -9.14 1.47
N ALA D 431 29.43 -10.35 1.46
CA ALA D 431 30.83 -10.51 1.84
C ALA D 431 31.74 -9.72 0.89
N ILE D 432 31.51 -9.84 -0.42
CA ILE D 432 32.38 -9.19 -1.40
C ILE D 432 32.34 -7.67 -1.22
N GLY D 433 31.13 -7.11 -1.16
CA GLY D 433 31.00 -5.66 -1.02
C GLY D 433 31.60 -5.14 0.28
N ALA D 434 31.41 -5.89 1.37
CA ALA D 434 32.00 -5.46 2.63
C ALA D 434 33.52 -5.45 2.53
N ALA D 435 34.10 -6.47 1.88
CA ALA D 435 35.55 -6.51 1.69
C ALA D 435 36.03 -5.35 0.81
N LEU D 436 35.32 -5.08 -0.29
CA LEU D 436 35.72 -3.96 -1.14
C LEU D 436 35.68 -2.64 -0.37
N ALA D 437 34.61 -2.40 0.39
CA ALA D 437 34.50 -1.15 1.12
C ALA D 437 35.49 -1.07 2.27
N TYR D 438 35.64 -2.16 3.03
CA TYR D 438 36.59 -2.18 4.13
C TYR D 438 38.02 -2.01 3.62
N GLU D 439 38.36 -2.68 2.51
CA GLU D 439 39.65 -2.47 1.89
C GLU D 439 39.81 -1.03 1.45
N GLY D 440 38.80 -0.50 0.74
CA GLY D 440 38.87 0.88 0.27
C GLY D 440 39.12 1.87 1.39
N ALA D 441 38.45 1.70 2.53
CA ALA D 441 38.67 2.60 3.65
C ALA D 441 40.11 2.52 4.14
N HIS D 442 40.65 1.30 4.25
CA HIS D 442 42.01 1.14 4.75
C HIS D 442 43.04 1.72 3.79
N GLU D 443 42.80 1.63 2.48
CA GLU D 443 43.77 2.10 1.51
C GLU D 443 43.66 3.59 1.22
N ARG D 444 42.68 4.28 1.79
CA ARG D 444 42.67 5.74 1.78
C ARG D 444 43.34 6.35 3.00
N THR D 445 43.87 5.51 3.89
CA THR D 445 44.70 5.98 4.99
C THR D 445 45.97 6.62 4.46
N PRO D 448 49.65 1.99 2.83
CA PRO D 448 50.88 1.43 3.43
C PRO D 448 50.94 -0.10 3.38
N ASP D 449 50.38 -0.75 4.40
CA ASP D 449 50.46 -2.20 4.55
C ASP D 449 49.43 -2.91 3.68
N SER D 450 49.56 -4.23 3.63
CA SER D 450 48.61 -5.05 2.88
C SER D 450 47.21 -4.87 3.46
N PRO D 451 46.17 -4.82 2.62
CA PRO D 451 44.82 -4.53 3.13
C PRO D 451 44.40 -5.59 4.13
N PRO D 452 43.57 -5.22 5.12
CA PRO D 452 43.15 -6.18 6.14
C PRO D 452 42.31 -7.30 5.55
N ARG D 453 42.22 -8.40 6.29
CA ARG D 453 41.51 -9.58 5.82
C ARG D 453 40.02 -9.39 6.03
N THR D 454 39.23 -9.91 5.09
CA THR D 454 37.80 -10.08 5.27
C THR D 454 37.52 -11.57 5.18
N ILE D 455 37.05 -12.16 6.27
CA ILE D 455 36.80 -13.60 6.34
C ILE D 455 35.30 -13.82 6.51
N ALA D 456 34.74 -14.68 5.66
CA ALA D 456 33.32 -14.98 5.64
C ALA D 456 33.08 -16.44 6.02
N LEU D 457 32.06 -16.69 6.83
CA LEU D 457 31.71 -18.03 7.29
C LEU D 457 30.24 -18.25 6.96
N ILE D 458 29.97 -19.10 5.96
CA ILE D 458 28.60 -19.35 5.53
C ILE D 458 28.39 -20.84 5.33
N GLY D 459 27.16 -21.28 5.59
CA GLY D 459 26.77 -22.64 5.29
C GLY D 459 26.63 -22.89 3.79
N ASP D 460 26.52 -24.18 3.45
CA ASP D 460 26.49 -24.56 2.04
C ASP D 460 25.23 -24.03 1.35
N LEU D 461 24.07 -24.15 1.99
CA LEU D 461 22.85 -23.64 1.40
C LEU D 461 22.96 -22.14 1.13
N THR D 462 23.53 -21.39 2.09
CA THR D 462 23.76 -19.97 1.87
C THR D 462 24.65 -19.73 0.66
N PHE D 463 25.69 -20.56 0.49
CA PHE D 463 26.63 -20.37 -0.61
C PHE D 463 25.96 -20.61 -1.96
N VAL D 464 25.17 -21.68 -2.08
CA VAL D 464 24.51 -21.94 -3.35
C VAL D 464 23.47 -20.88 -3.65
N HIS D 465 22.82 -20.35 -2.61
CA HIS D 465 21.78 -19.35 -2.81
C HIS D 465 22.32 -18.16 -3.60
N ASP D 466 23.52 -17.68 -3.25
CA ASP D 466 24.11 -16.51 -3.87
C ASP D 466 25.34 -16.85 -4.71
N SER D 467 25.35 -18.05 -5.32
CA SER D 467 26.51 -18.46 -6.12
C SER D 467 26.76 -17.50 -7.27
N SER D 468 25.72 -16.89 -7.82
CA SER D 468 25.92 -15.95 -8.92
C SER D 468 26.69 -14.70 -8.50
N GLY D 469 26.81 -14.43 -7.21
CA GLY D 469 27.62 -13.32 -6.75
C GLY D 469 29.10 -13.48 -7.05
N LEU D 470 29.55 -14.70 -7.34
CA LEU D 470 30.94 -14.94 -7.68
C LEU D 470 31.28 -14.53 -9.11
N LEU D 471 30.28 -14.36 -9.97
CA LEU D 471 30.49 -13.94 -11.35
C LEU D 471 30.82 -12.45 -11.37
N ILE D 472 32.09 -12.12 -11.59
CA ILE D 472 32.57 -10.74 -11.60
C ILE D 472 33.48 -10.55 -12.81
N GLY D 473 33.09 -9.64 -13.70
CA GLY D 473 33.87 -9.35 -14.88
C GLY D 473 35.24 -8.82 -14.54
N PRO D 474 36.22 -9.03 -15.42
CA PRO D 474 37.56 -8.50 -15.18
C PRO D 474 37.62 -6.99 -15.21
N THR D 475 36.53 -6.34 -15.58
CA THR D 475 36.39 -4.89 -15.59
C THR D 475 35.90 -4.34 -14.25
N GLU D 476 35.46 -5.20 -13.33
CA GLU D 476 34.83 -4.77 -12.09
C GLU D 476 35.81 -4.87 -10.93
N PRO D 477 35.58 -4.09 -9.87
CA PRO D 477 36.46 -4.17 -8.69
C PRO D 477 36.34 -5.54 -8.01
N ILE D 478 37.50 -6.09 -7.65
CA ILE D 478 37.54 -7.41 -6.99
C ILE D 478 38.32 -7.29 -5.69
N PRO D 479 37.79 -7.79 -4.57
CA PRO D 479 38.48 -7.64 -3.29
C PRO D 479 39.84 -8.31 -3.30
N ARG D 480 40.73 -7.83 -2.42
CA ARG D 480 42.12 -8.29 -2.39
C ARG D 480 42.43 -9.26 -1.26
N SER D 481 41.64 -9.26 -0.18
CA SER D 481 41.89 -10.15 0.95
C SER D 481 40.58 -10.71 1.46
N LEU D 482 39.78 -11.27 0.55
CA LEU D 482 38.52 -11.88 0.91
C LEU D 482 38.65 -13.40 0.83
N THR D 483 38.32 -14.07 1.92
CA THR D 483 38.25 -15.52 1.97
C THR D 483 36.86 -15.92 2.44
N ILE D 484 36.12 -16.62 1.59
CA ILE D 484 34.81 -17.15 1.95
C ILE D 484 35.00 -18.59 2.40
N VAL D 485 34.64 -18.88 3.64
CA VAL D 485 34.74 -20.23 4.18
C VAL D 485 33.33 -20.83 4.20
N VAL D 486 33.14 -21.85 3.38
CA VAL D 486 31.86 -22.55 3.28
C VAL D 486 31.98 -23.81 4.12
N SER D 487 31.22 -23.85 5.22
CA SER D 487 31.10 -25.06 6.02
C SER D 487 30.00 -25.89 5.38
N ASN D 488 30.38 -26.95 4.67
CA ASN D 488 29.45 -27.69 3.81
C ASN D 488 29.07 -29.00 4.50
N ASP D 489 27.87 -29.03 5.07
CA ASP D 489 27.28 -30.25 5.61
C ASP D 489 26.09 -30.71 4.77
N ASN D 490 26.04 -30.31 3.50
CA ASN D 490 25.09 -30.83 2.51
C ASN D 490 23.64 -30.71 2.99
N GLY D 491 23.26 -29.52 3.40
CA GLY D 491 21.90 -29.28 3.83
C GLY D 491 21.86 -28.20 4.90
N GLY D 492 20.68 -28.10 5.53
CA GLY D 492 20.46 -27.13 6.58
C GLY D 492 20.71 -27.72 7.96
N GLY D 493 21.91 -27.48 8.50
CA GLY D 493 22.25 -28.04 9.79
C GLY D 493 21.33 -27.58 10.90
N ILE D 494 20.88 -26.33 10.83
CA ILE D 494 20.09 -25.75 11.91
C ILE D 494 18.80 -26.53 12.13
N PHE D 495 18.28 -27.17 11.08
CA PHE D 495 17.01 -27.87 11.28
C PHE D 495 17.18 -29.18 12.03
N GLU D 496 18.40 -29.67 12.19
CA GLU D 496 18.64 -30.82 13.06
C GLU D 496 18.37 -30.49 14.52
N LEU D 497 18.46 -29.22 14.89
CA LEU D 497 18.38 -28.79 16.28
C LEU D 497 16.99 -28.30 16.69
N LEU D 498 16.04 -28.28 15.77
CA LEU D 498 14.70 -27.79 16.05
C LEU D 498 13.76 -28.96 16.31
N GLU D 499 12.49 -28.64 16.51
CA GLU D 499 11.50 -29.69 16.77
C GLU D 499 11.45 -30.70 15.64
N GLN D 500 11.53 -30.22 14.39
CA GLN D 500 11.47 -31.09 13.23
C GLN D 500 12.68 -32.01 13.12
N GLY D 501 13.72 -31.79 13.92
CA GLY D 501 14.87 -32.67 13.98
C GLY D 501 14.76 -33.83 14.95
N ASP D 502 13.62 -33.97 15.64
CA ASP D 502 13.43 -35.10 16.53
C ASP D 502 13.49 -36.41 15.73
N PRO D 503 14.02 -37.48 16.33
CA PRO D 503 14.11 -38.75 15.60
C PRO D 503 12.78 -39.30 15.10
N ARG D 504 11.64 -38.88 15.65
CA ARG D 504 10.38 -39.39 15.13
C ARG D 504 10.00 -38.78 13.78
N PHE D 505 10.75 -37.78 13.31
CA PHE D 505 10.62 -37.25 11.95
C PHE D 505 11.78 -37.64 11.06
N SER D 506 12.59 -38.61 11.51
CA SER D 506 13.64 -39.22 10.71
C SER D 506 13.24 -39.47 9.26
N ASP D 507 12.08 -40.09 9.07
CA ASP D 507 11.66 -40.50 7.73
C ASP D 507 11.40 -39.30 6.83
N VAL D 508 10.79 -38.24 7.36
CA VAL D 508 10.27 -37.17 6.53
C VAL D 508 11.13 -35.90 6.59
N SER D 509 11.77 -35.61 7.72
CA SER D 509 12.42 -34.31 7.86
C SER D 509 13.66 -34.15 6.98
N SER D 510 14.25 -35.28 6.53
CA SER D 510 15.49 -35.21 5.76
C SER D 510 15.22 -34.56 4.41
N ARG D 511 14.09 -34.88 3.78
CA ARG D 511 13.76 -34.27 2.50
C ARG D 511 13.35 -32.80 2.68
N ILE D 512 12.41 -32.53 3.57
CA ILE D 512 11.80 -31.21 3.58
C ILE D 512 12.55 -30.18 4.44
N PHE D 513 13.40 -30.61 5.36
CA PHE D 513 14.19 -29.65 6.14
C PHE D 513 15.69 -29.78 5.91
N GLY D 514 16.20 -31.01 5.76
CA GLY D 514 17.62 -31.18 5.48
C GLY D 514 18.02 -30.65 4.12
N THR D 515 17.20 -30.95 3.09
CA THR D 515 17.34 -30.56 1.69
C THR D 515 18.78 -30.69 1.20
N PRO D 516 19.34 -31.90 1.13
CA PRO D 516 20.68 -32.05 0.56
C PRO D 516 20.66 -31.79 -0.94
N HIS D 517 21.83 -31.42 -1.46
CA HIS D 517 21.94 -31.01 -2.86
C HIS D 517 23.06 -31.70 -3.63
N ASP D 518 24.10 -32.20 -2.97
CA ASP D 518 25.22 -32.92 -3.63
C ASP D 518 26.02 -32.03 -4.56
N VAL D 519 26.04 -30.72 -4.30
CA VAL D 519 26.71 -29.81 -5.22
C VAL D 519 28.22 -29.99 -5.13
N ASP D 520 28.87 -29.98 -6.30
CA ASP D 520 30.33 -29.99 -6.42
C ASP D 520 30.80 -28.54 -6.25
N VAL D 521 31.06 -28.15 -5.01
CA VAL D 521 31.44 -26.77 -4.73
C VAL D 521 32.72 -26.39 -5.48
N GLY D 522 33.66 -27.33 -5.59
CA GLY D 522 34.90 -27.03 -6.29
C GLY D 522 34.70 -26.76 -7.76
N ALA D 523 33.85 -27.56 -8.43
CA ALA D 523 33.54 -27.29 -9.82
C ALA D 523 32.83 -25.95 -9.99
N LEU D 524 31.98 -25.58 -9.03
CA LEU D 524 31.26 -24.31 -9.14
C LEU D 524 32.21 -23.12 -9.04
N CYS D 525 33.17 -23.16 -8.11
CA CYS D 525 34.18 -22.11 -8.05
C CYS D 525 35.08 -22.13 -9.29
N ARG D 526 35.32 -23.31 -9.85
CA ARG D 526 36.11 -23.41 -11.07
C ARG D 526 35.39 -22.78 -12.25
N ALA D 527 34.06 -22.93 -12.29
CA ALA D 527 33.28 -22.39 -13.40
C ALA D 527 33.39 -20.87 -13.46
N TYR D 528 33.44 -20.21 -12.31
CA TYR D 528 33.56 -18.76 -12.26
C TYR D 528 35.00 -18.30 -12.14
N HIS D 529 35.98 -19.18 -12.32
CA HIS D 529 37.39 -18.84 -12.24
C HIS D 529 37.75 -18.30 -10.86
N VAL D 530 37.08 -18.75 -9.83
CA VAL D 530 37.37 -18.37 -8.44
C VAL D 530 38.30 -19.41 -7.85
N GLU D 531 39.32 -18.94 -7.12
CA GLU D 531 40.24 -19.86 -6.46
C GLU D 531 39.54 -20.62 -5.34
N SER D 532 39.69 -21.94 -5.35
CA SER D 532 38.99 -22.81 -4.43
C SER D 532 39.93 -23.84 -3.85
N ARG D 533 39.57 -24.34 -2.67
CA ARG D 533 40.29 -25.45 -2.04
C ARG D 533 39.37 -26.07 -1.00
N GLN D 534 39.34 -27.39 -0.95
CA GLN D 534 38.58 -28.13 0.04
C GLN D 534 39.56 -28.69 1.06
N ILE D 535 39.43 -28.23 2.31
CA ILE D 535 40.43 -28.52 3.32
C ILE D 535 39.74 -29.01 4.59
N GLU D 536 40.52 -29.65 5.45
CA GLU D 536 40.02 -30.13 6.73
C GLU D 536 40.10 -29.01 7.77
N VAL D 537 39.46 -29.25 8.92
CA VAL D 537 39.20 -28.14 9.84
C VAL D 537 40.48 -27.59 10.46
N ASP D 538 41.51 -28.41 10.63
CA ASP D 538 42.72 -27.90 11.25
C ASP D 538 43.65 -27.21 10.26
N GLU D 539 43.34 -27.24 8.96
CA GLU D 539 44.07 -26.44 7.97
C GLU D 539 43.59 -25.00 7.91
N LEU D 540 42.44 -24.71 8.51
CA LEU D 540 41.78 -23.42 8.36
C LEU D 540 42.68 -22.28 8.84
N GLY D 541 43.11 -22.34 10.11
CA GLY D 541 44.00 -21.34 10.67
C GLY D 541 45.21 -21.06 9.83
N PRO D 542 45.97 -22.09 9.44
CA PRO D 542 47.16 -21.84 8.60
C PRO D 542 46.82 -21.32 7.21
N THR D 543 45.79 -21.87 6.56
CA THR D 543 45.46 -21.45 5.21
C THR D 543 45.04 -19.98 5.16
N LEU D 544 44.33 -19.51 6.18
CA LEU D 544 43.92 -18.11 6.24
C LEU D 544 45.11 -17.18 6.46
N ASP D 545 46.25 -17.72 6.91
CA ASP D 545 47.44 -16.91 7.12
C ASP D 545 48.21 -16.65 5.84
N GLN D 546 48.08 -17.50 4.82
CA GLN D 546 48.77 -17.29 3.55
C GLN D 546 48.33 -15.98 2.88
N ALA D 549 45.58 -15.14 -3.06
CA ALA D 549 44.63 -14.69 -4.08
C ALA D 549 43.59 -13.74 -3.48
N GLY D 550 43.21 -12.71 -4.25
CA GLY D 550 42.33 -11.68 -3.71
C GLY D 550 40.98 -12.21 -3.28
N MET D 551 40.46 -13.19 -3.99
CA MET D 551 39.16 -13.76 -3.66
C MET D 551 39.27 -15.28 -3.77
N ARG D 552 39.03 -15.98 -2.65
CA ARG D 552 39.12 -17.43 -2.64
C ARG D 552 38.06 -18.01 -1.73
N VAL D 553 37.68 -19.26 -2.02
CA VAL D 553 36.70 -20.00 -1.24
C VAL D 553 37.40 -21.19 -0.60
N LEU D 554 37.25 -21.33 0.72
CA LEU D 554 37.72 -22.51 1.43
C LEU D 554 36.48 -23.31 1.84
N GLU D 555 36.34 -24.50 1.28
CA GLU D 555 35.25 -25.39 1.60
C GLU D 555 35.71 -26.42 2.62
N VAL D 556 34.98 -26.56 3.73
CA VAL D 556 35.26 -27.57 4.74
C VAL D 556 34.05 -28.49 4.81
N LYS D 557 34.21 -29.70 4.28
CA LYS D 557 33.17 -30.71 4.37
C LYS D 557 32.83 -30.95 5.83
N ALA D 558 31.54 -30.95 6.15
CA ALA D 558 31.08 -31.07 7.52
C ALA D 558 29.92 -32.05 7.57
N ASP D 559 29.58 -32.45 8.79
CA ASP D 559 28.55 -33.45 9.04
C ASP D 559 27.43 -32.80 9.84
N ARG D 560 26.19 -33.04 9.42
CA ARG D 560 25.03 -32.67 10.22
C ARG D 560 24.28 -33.88 10.74
N SER D 561 24.72 -35.09 10.41
CA SER D 561 24.03 -36.28 10.85
C SER D 561 24.05 -36.40 12.37
N SER D 562 25.14 -35.94 12.99
CA SER D 562 25.34 -36.05 14.43
C SER D 562 25.21 -34.72 15.15
N LEU D 563 24.72 -33.68 14.47
CA LEU D 563 24.65 -32.35 15.07
C LEU D 563 23.76 -32.35 16.30
N ARG D 564 22.58 -32.97 16.19
CA ARG D 564 21.66 -33.01 17.32
C ARG D 564 22.28 -33.72 18.52
N GLN D 565 22.96 -34.85 18.29
CA GLN D 565 23.59 -35.55 19.42
C GLN D 565 24.73 -34.73 20.00
N LEU D 566 25.49 -34.05 19.15
CA LEU D 566 26.55 -33.17 19.65
C LEU D 566 25.99 -32.11 20.56
N HIS D 567 24.98 -31.38 20.10
CA HIS D 567 24.38 -30.36 20.94
C HIS D 567 23.72 -30.96 22.16
N ALA D 568 23.20 -32.19 22.05
CA ALA D 568 22.65 -32.86 23.21
C ALA D 568 23.74 -33.14 24.25
N ALA D 569 24.94 -33.51 23.78
CA ALA D 569 26.04 -33.77 24.71
C ALA D 569 26.44 -32.51 25.46
N ILE D 570 26.37 -31.36 24.79
CA ILE D 570 26.70 -30.09 25.45
C ILE D 570 25.64 -29.75 26.51
N LYS D 571 24.36 -29.84 26.13
CA LYS D 571 23.30 -29.69 27.11
C LYS D 571 23.45 -30.67 28.26
N ALA D 572 23.82 -31.92 27.94
CA ALA D 572 24.02 -32.93 28.99
C ALA D 572 25.11 -32.50 29.96
N ALA D 573 26.27 -32.11 29.44
CA ALA D 573 27.42 -31.75 30.24
C ALA D 573 27.31 -30.37 30.87
N LEU D 574 26.17 -29.69 30.73
CA LEU D 574 25.99 -28.36 31.30
C LEU D 574 25.47 -28.43 32.73
#